data_4FAS
#
_entry.id   4FAS
#
_cell.length_a   140.731
_cell.length_b   142.618
_cell.length_c   107.376
_cell.angle_alpha   90.00
_cell.angle_beta   90.00
_cell.angle_gamma   90.00
#
_symmetry.space_group_name_H-M   'P 21 21 2'
#
loop_
_entity.id
_entity.type
_entity.pdbx_description
1 polymer 'Hydroxylamine oxidoreductase'
2 polymer NE1300
3 non-polymer 'HEME C'
4 non-polymer "{3,3'-[(9S)-8,13-diethenyl-3,7,12,17-tetramethyl-9,10-dihydroporphyrin-2,18-diyl-kappa~4~N~21~,N~22~,N~23~,N~24~]dipropanoato(2-)}iron"
5 non-polymer DI(HYDROXYETHYL)ETHER
6 non-polymer 'TRIETHYLENE GLYCOL'
7 non-polymer 1,2-ETHANEDIOL
8 non-polymer 'HEXAETHYLENE GLYCOL'
9 non-polymer 'TETRAETHYLENE GLYCOL'
10 non-polymer 'NITRATE ION'
11 water water
#
loop_
_entity_poly.entity_id
_entity_poly.type
_entity_poly.pdbx_seq_one_letter_code
_entity_poly.pdbx_strand_id
1 'polypeptide(L)'
;DISTVPDETYDALKLDRGKATPKETYEALVKRYKDPAHGAGKGTMGDYWEPIAISIYMDPNTFYKPPVSPKEVAERKDCV
ECHSDETPVWVRAWKRSTHANLDKIRNLKSDDPLYYKKGKLEEVENNLRSMGKLGEKETLKEVGCIDCHVDVNKKDKADH
TKDIRMPTADTCGTCHLREFAERESERDTMVWPNGQWPAGRPSHALDYTANIETTVWAAMPQREVAEGCTMCHTNQNKCD
NCHTRHEFSAAESRKPEACATCHSGVDHNNWEAYTMSKHGKLAEMNRDKWNWEVRLKDAFSKGGQNAPTCAACHMEYEGE
YTHNITRKTRWANYPFVPGIAENITSDWSEARLDSWVLTCTQCHSERFARSYLDLMDKGTLEGLAKYQEANAIVHKMYED
GTLTGQKTNRPNPPEPEKPGFGIFTQLFWSKGNNPASLELKVLEMAENNLAKMHVGLAHVNPGGWTYTEGWGPMNRAYVE
IQDEYTKMQELSALQARVNKLEGKQTSLLDLKGTGEKISLGGLGGGMLLAGALALIGWRKRKQTRA
;
A,B,C
2 'polypeptide(L)' SGNLESSLAPISAKDMLDYLACKDKKPTDVVKSHTEVENGKIVRVKCGDIVALVQKAREQSGDAWQGGY D,E,F
#
loop_
_chem_comp.id
_chem_comp.type
_chem_comp.name
_chem_comp.formula
EDO non-polymer 1,2-ETHANEDIOL 'C2 H6 O2'
HEC non-polymer 'HEME C' 'C34 H34 Fe N4 O4'
ISW non-polymer {3,3'-[(9S)-8,13-diethenyl-3,7,12,17-tetramethyl-9,10-dihydroporphyrin-2,18-diyl-kappa~4~N~21~,N~22~,N~23~,N~24~]dipropanoato(2-)}iron 'C34 H34 Fe N4 O4'
NO3 non-polymer 'NITRATE ION' 'N O3 -1'
P6G non-polymer 'HEXAETHYLENE GLYCOL' 'C12 H26 O7'
PEG non-polymer DI(HYDROXYETHYL)ETHER 'C4 H10 O3'
PG4 non-polymer 'TETRAETHYLENE GLYCOL' 'C8 H18 O5'
PGE non-polymer 'TRIETHYLENE GLYCOL' 'C6 H14 O4'
#
# COMPACT_ATOMS: atom_id res chain seq x y z
N ASP A 1 -7.24 20.68 40.87
CA ASP A 1 -5.99 20.42 40.12
C ASP A 1 -6.33 19.46 38.95
N ILE A 2 -5.59 19.50 37.83
CA ILE A 2 -5.67 18.44 36.74
C ILE A 2 -4.45 17.49 36.80
N SER A 3 -4.68 16.28 37.33
CA SER A 3 -3.56 15.41 37.77
C SER A 3 -2.67 14.98 36.63
N THR A 4 -3.23 14.89 35.44
CA THR A 4 -2.45 14.52 34.30
C THR A 4 -1.73 15.67 33.57
N VAL A 5 -1.86 16.90 34.02
CA VAL A 5 -1.14 18.03 33.36
C VAL A 5 0.25 18.31 33.99
N PRO A 6 1.32 18.35 33.18
CA PRO A 6 2.69 18.64 33.67
C PRO A 6 2.85 19.95 34.44
N ASP A 7 3.62 19.88 35.53
CA ASP A 7 4.05 21.06 36.29
C ASP A 7 4.47 22.25 35.43
N GLU A 8 5.15 21.97 34.32
CA GLU A 8 5.72 23.02 33.50
C GLU A 8 4.68 23.80 32.77
N THR A 9 3.47 23.25 32.68
CA THR A 9 2.39 23.95 32.05
C THR A 9 1.76 24.96 33.03
N TYR A 10 1.43 24.53 34.26
CA TYR A 10 1.15 25.48 35.35
C TYR A 10 2.25 26.55 35.51
N ASP A 11 3.52 26.17 35.44
CA ASP A 11 4.63 27.15 35.49
C ASP A 11 4.56 28.16 34.38
N ALA A 12 4.35 27.68 33.15
CA ALA A 12 4.31 28.53 31.95
C ALA A 12 3.16 29.48 32.05
N LEU A 13 2.10 29.07 32.70
CA LEU A 13 0.93 29.90 32.74
C LEU A 13 0.89 30.75 34.01
N LYS A 14 1.93 30.63 34.85
CA LYS A 14 1.98 31.31 36.13
C LYS A 14 0.71 31.01 36.91
N LEU A 15 0.44 29.74 37.10
CA LEU A 15 -0.73 29.33 37.86
C LEU A 15 -0.25 28.43 38.93
N ASP A 16 -1.04 28.33 39.99
CA ASP A 16 -0.72 27.48 41.09
C ASP A 16 -1.64 26.31 40.99
N ARG A 17 -1.05 25.14 40.74
CA ARG A 17 -1.87 23.95 40.46
C ARG A 17 -2.67 23.52 41.66
N GLY A 18 -2.17 23.84 42.85
CA GLY A 18 -2.91 23.58 44.08
C GLY A 18 -4.08 24.53 44.18
N LYS A 19 -3.99 25.67 43.51
CA LYS A 19 -5.00 26.72 43.71
C LYS A 19 -5.99 27.00 42.57
N ALA A 20 -5.46 27.17 41.36
CA ALA A 20 -6.25 27.40 40.14
C ALA A 20 -7.53 26.62 40.05
N THR A 21 -8.61 27.30 39.69
CA THR A 21 -9.90 26.65 39.44
C THR A 21 -9.98 26.18 37.97
N PRO A 22 -10.95 25.33 37.64
CA PRO A 22 -11.06 25.03 36.20
C PRO A 22 -11.18 26.32 35.36
N LYS A 23 -12.07 27.22 35.78
CA LYS A 23 -12.28 28.47 35.07
C LYS A 23 -10.98 29.21 34.81
N GLU A 24 -10.16 29.38 35.83
CA GLU A 24 -8.87 30.06 35.70
C GLU A 24 -7.85 29.34 34.78
N THR A 25 -7.74 28.04 34.97
CA THR A 25 -6.84 27.20 34.16
C THR A 25 -7.25 27.33 32.65
N TYR A 26 -8.55 27.11 32.37
CA TYR A 26 -9.12 27.29 31.04
C TYR A 26 -8.73 28.66 30.44
N GLU A 27 -9.06 29.71 31.19
CA GLU A 27 -8.81 31.05 30.74
C GLU A 27 -7.35 31.31 30.49
N ALA A 28 -6.43 30.84 31.34
CA ALA A 28 -4.99 31.02 31.07
C ALA A 28 -4.57 30.25 29.79
N LEU A 29 -5.04 29.01 29.64
CA LEU A 29 -4.70 28.17 28.48
C LEU A 29 -5.18 28.89 27.20
N VAL A 30 -6.44 29.34 27.20
CA VAL A 30 -7.00 30.02 26.01
C VAL A 30 -6.31 31.33 25.66
N LYS A 31 -5.83 32.09 26.66
CA LYS A 31 -5.16 33.38 26.42
C LYS A 31 -3.89 33.14 25.60
N ARG A 32 -3.14 32.11 26.01
CA ARG A 32 -1.94 31.69 25.28
C ARG A 32 -2.40 31.14 23.96
N TYR A 33 -3.46 30.33 23.99
CA TYR A 33 -3.88 29.60 22.77
C TYR A 33 -4.28 30.54 21.65
N LYS A 34 -4.90 31.66 22.01
CA LYS A 34 -5.37 32.62 21.02
C LYS A 34 -4.39 33.72 20.67
N ASP A 35 -3.21 33.70 21.23
CA ASP A 35 -2.27 34.82 21.07
C ASP A 35 -1.32 34.71 19.90
N PRO A 36 -1.34 35.70 18.99
CA PRO A 36 -0.42 35.67 17.84
C PRO A 36 1.03 35.34 18.26
N ALA A 37 1.52 35.92 19.36
CA ALA A 37 2.90 35.70 19.77
C ALA A 37 3.14 34.25 20.09
N HIS A 38 2.08 33.51 20.36
CA HIS A 38 2.22 32.09 20.64
C HIS A 38 1.80 31.16 19.51
N GLY A 39 1.70 31.68 18.29
CA GLY A 39 1.28 30.83 17.13
C GLY A 39 -0.09 31.02 16.49
N ALA A 40 -1.08 31.55 17.23
CA ALA A 40 -2.42 31.93 16.70
C ALA A 40 -2.41 32.88 15.46
N GLY A 41 -3.46 32.89 14.65
CA GLY A 41 -3.56 33.86 13.52
C GLY A 41 -2.78 33.44 12.27
N LYS A 42 -2.42 34.41 11.41
CA LYS A 42 -1.79 34.10 10.14
C LYS A 42 -0.34 33.89 10.19
N GLY A 43 0.29 34.17 11.34
CA GLY A 43 1.71 33.91 11.55
C GLY A 43 2.55 34.97 10.87
N THR A 44 3.89 34.75 10.79
CA THR A 44 4.81 35.86 10.47
C THR A 44 4.80 36.21 8.99
N MET A 45 4.28 35.31 8.16
CA MET A 45 4.37 35.46 6.74
C MET A 45 2.98 35.69 6.20
N GLY A 46 2.05 36.05 7.12
CA GLY A 46 0.67 36.33 6.78
C GLY A 46 0.41 37.32 5.63
N ASP A 47 1.38 38.20 5.35
CA ASP A 47 1.24 39.18 4.25
C ASP A 47 1.38 38.51 2.89
N TYR A 48 1.90 37.30 2.87
CA TYR A 48 2.28 36.65 1.59
C TYR A 48 1.20 35.71 1.05
N TRP A 49 0.21 35.40 1.88
CA TRP A 49 -0.84 34.52 1.41
C TRP A 49 -2.21 34.99 1.88
N GLU A 50 -3.26 34.54 1.16
CA GLU A 50 -4.63 34.75 1.53
C GLU A 50 -5.39 33.37 1.61
N PRO A 51 -6.44 33.30 2.42
CA PRO A 51 -7.18 32.13 2.58
C PRO A 51 -7.86 31.79 1.26
N ILE A 52 -8.11 30.49 1.01
CA ILE A 52 -9.07 30.03 -0.02
C ILE A 52 -10.36 29.56 0.70
N ALA A 53 -11.38 29.15 -0.05
CA ALA A 53 -12.69 28.91 0.53
C ALA A 53 -12.67 27.94 1.71
N ILE A 54 -11.97 26.81 1.55
CA ILE A 54 -11.86 25.80 2.64
C ILE A 54 -11.14 26.28 3.91
N SER A 55 -10.33 27.34 3.86
CA SER A 55 -9.57 27.77 5.08
C SER A 55 -10.44 28.21 6.20
N ILE A 56 -11.69 28.57 5.90
CA ILE A 56 -12.57 28.99 6.97
C ILE A 56 -12.82 27.82 7.88
N TYR A 57 -12.69 26.60 7.36
CA TYR A 57 -12.83 25.35 8.17
C TYR A 57 -11.52 24.94 8.80
N MET A 58 -10.39 25.30 8.18
CA MET A 58 -9.02 24.90 8.63
C MET A 58 -8.50 25.73 9.74
N ASP A 59 -8.79 27.05 9.66
CA ASP A 59 -8.44 28.00 10.74
C ASP A 59 -9.65 28.91 11.08
N PRO A 60 -10.69 28.34 11.68
CA PRO A 60 -11.93 29.08 11.96
C PRO A 60 -11.75 30.39 12.76
N ASN A 61 -10.91 30.36 13.81
CA ASN A 61 -10.71 31.55 14.63
C ASN A 61 -10.19 32.71 13.84
N THR A 62 -9.44 32.45 12.78
CA THR A 62 -8.92 33.53 11.99
C THR A 62 -9.91 33.87 10.87
N PHE A 63 -10.58 32.86 10.29
CA PHE A 63 -11.30 33.07 9.04
C PHE A 63 -12.78 32.88 8.99
N TYR A 64 -13.36 32.23 10.02
CA TYR A 64 -14.71 31.74 9.86
C TYR A 64 -15.77 32.80 10.11
N LYS A 65 -16.68 32.96 9.14
CA LYS A 65 -17.91 33.72 9.34
C LYS A 65 -19.15 32.84 8.93
N PRO A 66 -20.25 32.90 9.69
CA PRO A 66 -21.44 32.17 9.33
C PRO A 66 -21.96 32.49 7.95
N PRO A 67 -22.71 31.56 7.38
CA PRO A 67 -23.24 31.77 6.05
C PRO A 67 -24.29 32.90 6.01
N VAL A 68 -24.42 33.52 4.86
CA VAL A 68 -25.37 34.59 4.69
C VAL A 68 -26.77 33.98 4.55
N SER A 69 -26.80 32.71 4.15
CA SER A 69 -28.06 32.02 4.08
C SER A 69 -27.94 30.66 4.75
N PRO A 70 -28.99 30.23 5.46
CA PRO A 70 -30.31 30.84 5.65
C PRO A 70 -30.39 31.95 6.70
N LYS A 71 -31.33 32.86 6.46
CA LYS A 71 -31.52 34.06 7.28
C LYS A 71 -32.62 33.66 8.22
N GLU A 72 -32.25 32.86 9.21
CA GLU A 72 -33.19 32.32 10.17
C GLU A 72 -32.63 32.42 11.62
N VAL A 73 -33.54 32.37 12.58
CA VAL A 73 -33.29 32.49 13.98
C VAL A 73 -33.78 31.12 14.49
N ALA A 74 -33.03 30.46 15.39
CA ALA A 74 -33.37 29.12 15.79
C ALA A 74 -33.07 28.79 17.24
N GLU A 75 -33.94 27.99 17.83
CA GLU A 75 -33.64 27.39 19.13
C GLU A 75 -33.06 25.96 18.99
N ARG A 76 -32.72 25.37 20.15
CA ARG A 76 -32.01 24.11 20.18
C ARG A 76 -32.64 23.05 19.25
N LYS A 77 -33.97 22.91 19.30
CA LYS A 77 -34.65 21.81 18.66
C LYS A 77 -34.69 22.10 17.18
N ASP A 78 -34.72 23.38 16.79
CA ASP A 78 -34.79 23.67 15.38
C ASP A 78 -33.48 23.27 14.64
N CYS A 79 -32.33 23.32 15.36
CA CYS A 79 -31.06 22.88 14.78
C CYS A 79 -31.28 21.46 14.31
N VAL A 80 -31.75 20.62 15.23
CA VAL A 80 -31.93 19.23 14.97
C VAL A 80 -32.97 18.99 13.89
N GLU A 81 -34.13 19.64 13.97
CA GLU A 81 -35.20 19.38 12.98
C GLU A 81 -34.82 19.77 11.55
N CYS A 82 -34.29 20.96 11.35
CA CYS A 82 -34.06 21.41 10.01
C CYS A 82 -32.89 20.59 9.42
N HIS A 83 -31.80 20.48 10.19
CA HIS A 83 -30.64 19.68 9.76
C HIS A 83 -30.95 18.19 9.53
N SER A 84 -32.01 17.74 10.14
CA SER A 84 -32.38 16.34 9.98
C SER A 84 -32.71 16.16 8.49
N ASP A 85 -33.04 17.27 7.83
CA ASP A 85 -33.28 17.22 6.39
C ASP A 85 -32.17 17.82 5.53
N GLU A 86 -31.49 18.86 6.03
CA GLU A 86 -30.46 19.53 5.24
C GLU A 86 -29.12 18.82 5.30
N THR A 87 -28.77 18.23 6.45
CA THR A 87 -27.52 17.42 6.54
C THR A 87 -27.83 16.11 7.28
N PRO A 88 -28.63 15.20 6.63
CA PRO A 88 -29.30 14.20 7.43
C PRO A 88 -28.37 13.31 8.20
N VAL A 89 -27.22 12.96 7.62
CA VAL A 89 -26.33 11.98 8.27
C VAL A 89 -25.65 12.59 9.52
N TRP A 90 -25.39 13.90 9.52
CA TRP A 90 -24.83 14.54 10.71
C TRP A 90 -25.83 14.37 11.85
N VAL A 91 -27.13 14.45 11.54
CA VAL A 91 -28.10 14.31 12.65
C VAL A 91 -28.11 12.86 13.17
N ARG A 92 -28.11 11.90 12.24
CA ARG A 92 -28.02 10.46 12.56
C ARG A 92 -26.76 10.17 13.31
N ALA A 93 -25.60 10.67 12.87
CA ALA A 93 -24.35 10.37 13.62
C ALA A 93 -24.45 10.94 15.06
N TRP A 94 -24.86 12.20 15.12
CA TRP A 94 -24.94 12.90 16.43
C TRP A 94 -25.88 12.16 17.38
N LYS A 95 -27.02 11.74 16.88
CA LYS A 95 -27.95 10.98 17.69
C LYS A 95 -27.34 9.70 18.21
N ARG A 96 -26.39 9.15 17.43
CA ARG A 96 -25.71 7.93 17.88
C ARG A 96 -24.59 8.22 18.90
N SER A 97 -24.24 9.47 19.12
CA SER A 97 -23.07 9.74 19.91
C SER A 97 -23.34 9.74 21.43
N THR A 98 -22.25 9.55 22.17
CA THR A 98 -22.26 9.82 23.58
C THR A 98 -22.79 11.23 23.88
N HIS A 99 -22.30 12.22 23.12
CA HIS A 99 -22.78 13.60 23.27
C HIS A 99 -24.31 13.72 23.35
N ALA A 100 -25.03 13.00 22.50
CA ALA A 100 -26.48 13.05 22.52
C ALA A 100 -27.14 12.14 23.52
N ASN A 101 -26.40 11.35 24.30
CA ASN A 101 -26.99 10.31 25.15
C ASN A 101 -26.35 10.29 26.53
N LEU A 102 -26.21 11.46 27.12
CA LEU A 102 -25.57 11.61 28.43
C LEU A 102 -26.20 10.85 29.60
N ASP A 103 -27.50 10.56 29.52
CA ASP A 103 -28.14 9.79 30.55
C ASP A 103 -27.70 8.36 30.54
N LYS A 104 -27.43 7.83 29.37
CA LYS A 104 -26.77 6.52 29.34
C LYS A 104 -25.53 6.45 30.18
N ILE A 105 -24.61 7.39 29.98
CA ILE A 105 -23.36 7.44 30.74
C ILE A 105 -23.61 7.56 32.22
N ARG A 106 -24.59 8.40 32.56
CA ARG A 106 -25.04 8.56 33.93
C ARG A 106 -25.50 7.30 34.58
N ASN A 107 -26.14 6.43 33.83
CA ASN A 107 -26.66 5.16 34.31
C ASN A 107 -25.65 4.00 34.22
N LEU A 108 -24.38 4.31 33.96
CA LEU A 108 -23.35 3.25 33.94
C LEU A 108 -23.10 2.67 35.33
N LYS A 109 -23.01 1.34 35.40
CA LYS A 109 -22.74 0.66 36.67
C LYS A 109 -21.27 0.33 36.79
N SER A 110 -20.81 0.12 38.01
CA SER A 110 -19.38 0.01 38.25
C SER A 110 -18.73 -1.31 37.80
N ASP A 111 -19.52 -2.28 37.37
CA ASP A 111 -19.00 -3.52 36.74
C ASP A 111 -18.94 -3.41 35.20
N ASP A 112 -19.26 -2.24 34.68
CA ASP A 112 -19.20 -2.02 33.28
C ASP A 112 -17.79 -1.55 33.00
N PRO A 113 -17.11 -2.17 32.04
CA PRO A 113 -15.80 -1.61 31.66
C PRO A 113 -15.83 -0.09 31.20
N LEU A 114 -17.00 0.43 30.76
CA LEU A 114 -17.07 1.86 30.33
C LEU A 114 -17.35 2.82 31.52
N TYR A 115 -17.42 2.25 32.72
CA TYR A 115 -17.80 3.00 33.91
C TYR A 115 -17.01 4.32 34.12
N TYR A 116 -15.75 4.35 33.67
CA TYR A 116 -14.86 5.51 33.79
C TYR A 116 -15.52 6.72 33.17
N LYS A 117 -16.41 6.48 32.21
CA LYS A 117 -17.00 7.60 31.51
C LYS A 117 -17.90 8.50 32.41
N LYS A 118 -18.55 7.89 33.40
CA LYS A 118 -19.39 8.64 34.33
C LYS A 118 -18.53 9.62 35.16
N GLY A 119 -17.37 9.18 35.66
CA GLY A 119 -16.38 10.14 36.29
C GLY A 119 -16.06 11.31 35.37
N LYS A 120 -15.88 11.01 34.09
CA LYS A 120 -15.55 12.05 33.13
C LYS A 120 -16.71 13.00 32.96
N LEU A 121 -17.94 12.46 32.91
CA LEU A 121 -19.12 13.30 32.80
C LEU A 121 -19.19 14.25 33.98
N GLU A 122 -19.04 13.72 35.20
CA GLU A 122 -19.06 14.58 36.41
C GLU A 122 -17.92 15.61 36.40
N GLU A 123 -16.77 15.23 35.89
CA GLU A 123 -15.69 16.22 35.75
C GLU A 123 -15.99 17.38 34.79
N VAL A 124 -16.60 17.04 33.65
CA VAL A 124 -17.10 18.02 32.72
C VAL A 124 -18.07 19.02 33.35
N GLU A 125 -19.06 18.46 34.09
CA GLU A 125 -20.09 19.26 34.75
C GLU A 125 -19.42 20.22 35.76
N ASN A 126 -18.57 19.69 36.64
CA ASN A 126 -17.82 20.51 37.57
C ASN A 126 -17.01 21.61 36.89
N ASN A 127 -16.43 21.32 35.73
CA ASN A 127 -15.75 22.35 34.91
C ASN A 127 -16.68 23.52 34.45
N LEU A 128 -17.89 23.13 34.07
CA LEU A 128 -18.90 24.04 33.57
C LEU A 128 -19.50 24.91 34.72
N ARG A 129 -19.61 24.30 35.91
CA ARG A 129 -20.00 24.97 37.16
C ARG A 129 -18.95 25.98 37.51
N SER A 130 -17.69 25.57 37.51
CA SER A 130 -16.64 26.52 37.73
C SER A 130 -16.70 27.69 36.72
N MET A 131 -17.14 27.41 35.50
CA MET A 131 -17.22 28.47 34.50
C MET A 131 -18.57 29.15 34.57
N GLY A 132 -19.43 28.65 35.43
CA GLY A 132 -20.78 29.23 35.49
C GLY A 132 -21.55 29.11 34.17
N LYS A 133 -21.22 28.08 33.38
CA LYS A 133 -22.08 27.70 32.25
C LYS A 133 -23.11 26.74 32.74
N LEU A 134 -22.96 26.28 33.96
CA LEU A 134 -23.88 25.26 34.49
C LEU A 134 -24.21 25.48 35.97
N GLY A 135 -25.48 25.37 36.32
CA GLY A 135 -25.91 25.56 37.69
C GLY A 135 -25.27 24.51 38.57
N GLU A 136 -24.99 24.90 39.82
CA GLU A 136 -24.28 24.00 40.73
C GLU A 136 -25.12 22.76 41.07
N LYS A 137 -26.42 22.84 40.79
CA LYS A 137 -27.30 21.68 40.92
C LYS A 137 -27.84 21.17 39.56
N GLU A 138 -27.52 21.87 38.47
CA GLU A 138 -27.96 21.50 37.11
C GLU A 138 -27.15 20.26 36.58
N THR A 139 -27.84 19.28 36.00
CA THR A 139 -27.14 18.27 35.15
C THR A 139 -26.96 18.82 33.73
N LEU A 140 -25.81 18.54 33.10
CA LEU A 140 -25.68 18.72 31.66
C LEU A 140 -26.71 17.81 31.02
N LYS A 141 -27.50 18.37 30.11
CA LYS A 141 -28.61 17.63 29.52
C LYS A 141 -28.15 16.85 28.32
N GLU A 142 -27.43 17.52 27.42
CA GLU A 142 -26.91 16.96 26.19
C GLU A 142 -25.77 17.89 25.74
N VAL A 143 -25.08 17.47 24.69
CA VAL A 143 -24.18 18.31 23.96
C VAL A 143 -24.73 18.21 22.55
N GLY A 144 -25.41 19.27 22.09
CA GLY A 144 -26.17 19.28 20.86
C GLY A 144 -25.60 20.28 19.90
N CYS A 145 -26.18 20.37 18.72
CA CYS A 145 -25.69 21.33 17.70
C CYS A 145 -25.44 22.74 18.27
N ILE A 146 -26.41 23.24 19.04
CA ILE A 146 -26.37 24.63 19.53
C ILE A 146 -25.20 24.85 20.48
N ASP A 147 -24.83 23.80 21.21
CA ASP A 147 -23.76 23.88 22.22
C ASP A 147 -22.42 24.07 21.59
N CYS A 148 -22.06 23.15 20.72
CA CYS A 148 -20.79 23.27 20.03
C CYS A 148 -20.76 24.45 19.04
N HIS A 149 -21.83 24.63 18.29
CA HIS A 149 -21.82 25.62 17.21
C HIS A 149 -22.30 27.03 17.59
N VAL A 150 -22.71 27.23 18.83
CA VAL A 150 -23.19 28.55 19.26
C VAL A 150 -22.59 28.93 20.58
N ASP A 151 -23.01 28.27 21.66
CA ASP A 151 -22.52 28.56 22.98
C ASP A 151 -22.92 27.41 23.86
N VAL A 152 -21.99 26.94 24.68
CA VAL A 152 -22.26 25.84 25.58
C VAL A 152 -23.48 26.09 26.53
N ASN A 153 -24.40 25.13 26.53
CA ASN A 153 -25.59 25.19 27.41
C ASN A 153 -26.53 26.38 27.09
N LYS A 154 -26.48 26.86 25.84
CA LYS A 154 -27.30 27.97 25.37
C LYS A 154 -28.82 27.70 25.55
N LYS A 155 -29.48 28.60 26.24
CA LYS A 155 -30.88 28.49 26.59
C LYS A 155 -31.84 29.12 25.60
N ASP A 156 -31.38 29.91 24.65
CA ASP A 156 -32.30 30.64 23.77
C ASP A 156 -31.93 30.62 22.29
N LYS A 157 -32.63 31.46 21.51
CA LYS A 157 -32.48 31.53 20.06
C LYS A 157 -31.06 31.96 19.59
N ALA A 158 -30.68 31.46 18.42
CA ALA A 158 -29.44 31.87 17.78
C ALA A 158 -29.80 32.40 16.38
N ASP A 159 -29.05 33.39 15.96
CA ASP A 159 -29.23 33.95 14.65
C ASP A 159 -28.23 33.18 13.75
N HIS A 160 -28.71 32.44 12.76
CA HIS A 160 -27.87 31.56 11.91
C HIS A 160 -26.79 32.35 11.19
N THR A 161 -27.07 33.61 10.91
CA THR A 161 -26.16 34.45 10.13
C THR A 161 -25.18 35.16 11.01
N LYS A 162 -25.27 34.99 12.32
CA LYS A 162 -24.43 35.69 13.27
C LYS A 162 -23.80 34.79 14.33
N ASP A 163 -24.53 33.85 14.89
CA ASP A 163 -24.07 33.15 16.09
C ASP A 163 -23.39 31.79 15.81
N ILE A 164 -23.40 31.33 14.55
CA ILE A 164 -22.83 30.01 14.20
C ILE A 164 -21.31 30.07 14.18
N ARG A 165 -20.67 29.12 14.88
CA ARG A 165 -19.22 29.00 14.83
C ARG A 165 -18.85 27.57 14.48
N MET A 166 -17.64 27.39 13.93
CA MET A 166 -16.99 26.08 13.87
C MET A 166 -16.30 25.89 15.21
N PRO A 167 -16.59 24.76 15.87
CA PRO A 167 -15.98 24.46 17.12
C PRO A 167 -14.46 24.22 16.95
N THR A 168 -13.67 25.06 17.63
CA THR A 168 -12.26 24.89 17.73
C THR A 168 -11.81 24.23 19.04
N ALA A 169 -10.50 23.99 19.17
CA ALA A 169 -10.03 23.20 20.30
C ALA A 169 -10.51 23.85 21.61
N ASP A 170 -10.53 25.18 21.67
CA ASP A 170 -10.94 25.92 22.89
C ASP A 170 -12.43 25.75 23.19
N THR A 171 -13.24 25.51 22.14
CA THR A 171 -14.61 25.20 22.33
C THR A 171 -14.76 23.89 23.05
N CYS A 172 -14.18 22.81 22.49
CA CYS A 172 -14.20 21.48 23.14
C CYS A 172 -13.70 21.56 24.59
N GLY A 173 -12.61 22.32 24.75
CA GLY A 173 -11.86 22.36 26.00
C GLY A 173 -12.63 23.14 27.06
N THR A 174 -13.73 23.80 26.65
CA THR A 174 -14.69 24.34 27.60
C THR A 174 -15.22 23.27 28.56
N CYS A 175 -15.65 22.11 28.04
CA CYS A 175 -16.01 20.92 28.81
C CYS A 175 -14.83 19.97 29.12
N HIS A 176 -14.00 19.69 28.10
CA HIS A 176 -12.97 18.71 28.20
C HIS A 176 -11.67 19.41 28.55
N LEU A 177 -11.63 20.07 29.70
CA LEU A 177 -10.49 20.89 30.04
C LEU A 177 -9.26 20.02 30.17
N ARG A 178 -9.41 18.85 30.76
CA ARG A 178 -8.27 17.97 30.95
C ARG A 178 -7.55 17.65 29.60
N GLU A 179 -8.31 17.11 28.64
CA GLU A 179 -7.73 16.72 27.32
C GLU A 179 -7.09 17.90 26.65
N PHE A 180 -7.81 19.03 26.62
CA PHE A 180 -7.33 20.26 26.03
C PHE A 180 -6.06 20.78 26.71
N ALA A 181 -6.04 20.75 28.04
CA ALA A 181 -4.81 21.02 28.84
C ALA A 181 -3.68 20.06 28.55
N GLU A 182 -3.97 18.76 28.51
CA GLU A 182 -2.92 17.75 28.23
C GLU A 182 -2.35 18.04 26.85
N ARG A 183 -3.22 18.35 25.88
CA ARG A 183 -2.81 18.67 24.53
C ARG A 183 -1.91 19.93 24.50
N GLU A 184 -2.38 21.02 25.10
CA GLU A 184 -1.69 22.28 25.13
C GLU A 184 -0.34 22.19 25.85
N SER A 185 -0.24 21.25 26.79
CA SER A 185 1.02 21.02 27.53
C SER A 185 2.17 20.57 26.69
N GLU A 186 1.90 20.12 25.46
CA GLU A 186 3.02 19.81 24.55
C GLU A 186 3.90 21.02 24.35
N ARG A 187 3.29 22.21 24.32
CA ARG A 187 4.01 23.48 24.18
C ARG A 187 5.09 23.58 25.27
N ASP A 188 4.79 23.04 26.44
CA ASP A 188 5.66 23.18 27.61
C ASP A 188 6.58 21.96 27.83
N THR A 189 6.20 20.75 27.41
CA THR A 189 7.10 19.60 27.54
C THR A 189 8.09 19.39 26.35
N MET A 190 7.75 19.78 25.14
CA MET A 190 8.62 19.39 24.03
C MET A 190 9.62 20.47 23.90
N VAL A 191 10.61 20.46 24.80
CA VAL A 191 11.69 21.45 24.72
C VAL A 191 13.06 20.78 24.45
N TRP A 192 13.76 21.12 23.37
CA TRP A 192 14.98 20.39 22.98
C TRP A 192 16.16 20.97 23.74
N PRO A 193 17.12 20.11 24.15
CA PRO A 193 18.21 20.58 25.02
C PRO A 193 19.06 21.63 24.31
N ASN A 194 19.19 21.54 22.99
CA ASN A 194 20.02 22.45 22.22
C ASN A 194 19.24 23.16 21.12
N GLY A 195 17.94 23.26 21.33
CA GLY A 195 17.06 23.92 20.40
C GLY A 195 17.09 23.30 19.02
N GLN A 196 17.24 21.96 18.97
CA GLN A 196 17.27 21.20 17.70
C GLN A 196 16.04 21.50 16.84
N TRP A 197 14.88 21.58 17.49
CA TRP A 197 13.66 22.16 16.95
C TRP A 197 13.13 23.31 17.84
N PRO A 198 12.23 24.14 17.28
CA PRO A 198 11.65 25.23 18.08
C PRO A 198 10.85 24.62 19.27
N ALA A 199 10.86 25.33 20.41
CA ALA A 199 10.22 24.90 21.67
C ALA A 199 8.79 24.57 21.34
N GLY A 200 8.32 23.41 21.81
CA GLY A 200 6.92 23.02 21.70
C GLY A 200 6.73 22.18 20.42
N ARG A 201 7.80 22.01 19.65
CA ARG A 201 7.76 21.22 18.42
C ARG A 201 8.70 20.00 18.35
N PRO A 202 8.32 18.97 17.57
CA PRO A 202 7.03 18.87 16.85
C PRO A 202 5.94 18.46 17.83
N SER A 203 4.68 18.80 17.50
CA SER A 203 3.58 18.50 18.37
C SER A 203 2.29 18.74 17.64
N HIS A 204 1.21 18.25 18.23
CA HIS A 204 -0.17 18.54 17.75
C HIS A 204 -0.58 19.92 18.17
N ALA A 205 -0.06 20.41 19.31
CA ALA A 205 -0.39 21.80 19.80
C ALA A 205 0.00 22.90 18.77
N LEU A 206 1.06 22.67 17.99
CA LEU A 206 1.62 23.70 17.12
C LEU A 206 1.71 23.27 15.65
N ASP A 207 0.99 22.23 15.26
CA ASP A 207 1.05 21.73 13.88
C ASP A 207 0.61 22.78 12.84
N TYR A 208 -0.45 23.52 13.15
CA TYR A 208 -0.88 24.58 12.26
C TYR A 208 0.17 25.69 12.14
N THR A 209 0.66 26.14 13.30
CA THR A 209 1.70 27.18 13.36
C THR A 209 2.87 26.73 12.50
N ALA A 210 3.28 25.47 12.70
CA ALA A 210 4.38 24.88 11.92
C ALA A 210 4.05 24.94 10.40
N ASN A 211 2.80 24.68 10.02
CA ASN A 211 2.41 24.66 8.59
C ASN A 211 2.58 26.12 8.07
N ILE A 212 2.01 27.09 8.78
CA ILE A 212 1.97 28.45 8.20
C ILE A 212 3.30 29.20 8.33
N GLU A 213 4.20 28.66 9.13
CA GLU A 213 5.48 29.28 9.29
C GLU A 213 6.47 28.54 8.44
N THR A 214 6.03 27.76 7.48
CA THR A 214 6.92 27.16 6.51
C THR A 214 7.02 28.03 5.28
N THR A 215 8.23 28.45 4.95
CA THR A 215 8.42 29.43 3.87
C THR A 215 7.70 29.07 2.58
N VAL A 216 7.90 27.85 2.07
CA VAL A 216 7.29 27.51 0.79
C VAL A 216 5.75 27.49 0.79
N TRP A 217 5.16 27.02 1.89
CA TRP A 217 3.72 27.04 2.05
C TRP A 217 3.14 28.45 1.96
N ALA A 218 3.87 29.45 2.53
CA ALA A 218 3.43 30.85 2.40
C ALA A 218 3.73 31.45 1.06
N ALA A 219 4.83 31.05 0.44
CA ALA A 219 5.35 31.68 -0.78
C ALA A 219 4.81 31.15 -2.08
N MET A 220 4.41 29.87 -2.15
CA MET A 220 4.08 29.28 -3.45
C MET A 220 2.73 29.75 -3.99
N PRO A 221 2.60 29.81 -5.30
CA PRO A 221 1.34 30.31 -5.80
C PRO A 221 0.25 29.23 -5.90
N GLN A 222 0.59 27.92 -5.80
CA GLN A 222 -0.45 26.90 -5.99
C GLN A 222 -1.19 26.70 -4.70
N ARG A 223 -2.13 27.59 -4.40
CA ARG A 223 -2.76 27.58 -3.06
C ARG A 223 -3.42 26.24 -2.71
N GLU A 224 -4.04 25.62 -3.70
CA GLU A 224 -4.80 24.35 -3.48
C GLU A 224 -3.86 23.17 -3.17
N VAL A 225 -2.66 23.17 -3.75
CA VAL A 225 -1.60 22.27 -3.35
C VAL A 225 -1.21 22.54 -1.92
N ALA A 226 -0.93 23.79 -1.60
CA ALA A 226 -0.47 24.12 -0.26
C ALA A 226 -1.52 23.76 0.82
N GLU A 227 -2.80 23.93 0.49
CA GLU A 227 -3.88 23.62 1.44
C GLU A 227 -4.04 22.10 1.70
N GLY A 228 -3.46 21.23 0.89
CA GLY A 228 -3.38 19.80 1.26
C GLY A 228 -2.40 19.67 2.38
N CYS A 229 -1.34 20.47 2.39
CA CYS A 229 -0.52 20.49 3.62
C CYS A 229 -1.30 20.93 4.81
N THR A 230 -2.11 21.97 4.69
CA THR A 230 -2.89 22.46 5.84
C THR A 230 -3.83 21.36 6.37
N MET A 231 -4.40 20.55 5.47
CA MET A 231 -5.29 19.46 5.90
C MET A 231 -4.67 18.47 6.88
N CYS A 232 -3.38 18.30 6.81
CA CYS A 232 -2.71 17.40 7.72
C CYS A 232 -2.20 18.12 8.93
N HIS A 233 -2.50 19.40 9.08
CA HIS A 233 -1.87 20.21 10.15
C HIS A 233 -2.91 21.06 10.90
N THR A 234 -4.10 20.50 11.13
CA THR A 234 -5.20 21.28 11.70
C THR A 234 -5.47 20.93 13.17
N ASN A 235 -4.84 19.88 13.72
CA ASN A 235 -5.02 19.57 15.16
C ASN A 235 -5.03 20.75 16.13
N GLN A 236 -4.12 21.71 15.88
CA GLN A 236 -4.01 22.86 16.78
C GLN A 236 -5.35 23.59 16.92
N ASN A 237 -6.17 23.54 15.85
CA ASN A 237 -7.36 24.35 15.67
C ASN A 237 -8.63 23.59 15.96
N LYS A 238 -8.61 22.29 15.60
CA LYS A 238 -9.81 21.51 15.83
C LYS A 238 -9.49 20.11 16.31
N CYS A 239 -10.36 19.58 17.14
CA CYS A 239 -10.19 18.33 17.86
C CYS A 239 -10.86 17.09 17.19
N ASP A 240 -11.24 17.17 15.92
CA ASP A 240 -11.94 16.04 15.27
C ASP A 240 -11.20 15.28 14.20
N ASN A 241 -9.88 15.32 14.23
CA ASN A 241 -9.09 14.54 13.27
C ASN A 241 -8.86 13.05 13.64
N CYS A 242 -8.83 12.73 14.94
CA CYS A 242 -8.64 11.37 15.38
C CYS A 242 -9.97 10.72 15.66
N HIS A 243 -10.79 11.33 16.54
CA HIS A 243 -12.20 11.01 16.74
C HIS A 243 -13.05 12.03 16.00
N THR A 244 -13.41 11.69 14.76
CA THR A 244 -14.10 12.55 13.85
C THR A 244 -15.53 13.00 14.25
N ARG A 245 -15.93 14.15 13.73
CA ARG A 245 -17.34 14.59 13.79
C ARG A 245 -18.20 13.66 12.90
N HIS A 246 -19.46 13.37 13.24
CA HIS A 246 -20.16 13.92 14.39
C HIS A 246 -20.38 12.91 15.45
N GLU A 247 -19.73 11.79 15.28
CA GLU A 247 -19.80 10.70 16.23
C GLU A 247 -18.94 10.92 17.44
N PHE A 248 -17.80 11.56 17.24
CA PHE A 248 -16.81 11.74 18.29
C PHE A 248 -16.65 10.48 19.15
N SER A 249 -16.26 9.37 18.57
CA SER A 249 -16.03 8.13 19.29
C SER A 249 -14.56 7.94 19.73
N ALA A 250 -14.31 7.80 21.03
CA ALA A 250 -12.97 7.57 21.52
C ALA A 250 -12.44 6.21 21.00
N ALA A 251 -13.32 5.18 20.88
CA ALA A 251 -13.02 3.90 20.30
C ALA A 251 -12.36 4.06 18.93
N GLU A 252 -12.93 4.94 18.11
CA GLU A 252 -12.38 5.26 16.81
C GLU A 252 -10.98 5.87 16.85
N SER A 253 -10.77 6.90 17.67
CA SER A 253 -9.46 7.56 17.78
C SER A 253 -8.38 6.63 18.28
N ARG A 254 -8.76 5.53 18.92
CA ARG A 254 -7.81 4.50 19.43
C ARG A 254 -7.30 3.54 18.34
N LYS A 255 -8.01 3.43 17.23
CA LYS A 255 -7.56 2.53 16.16
C LYS A 255 -6.45 3.21 15.33
N PRO A 256 -5.43 2.44 14.94
CA PRO A 256 -4.33 2.99 14.12
C PRO A 256 -4.78 3.74 12.91
N GLU A 257 -5.87 3.30 12.25
CA GLU A 257 -6.45 4.04 11.06
C GLU A 257 -6.72 5.49 11.36
N ALA A 258 -7.04 5.89 12.62
CA ALA A 258 -7.27 7.31 12.93
C ALA A 258 -6.09 8.19 12.52
N CYS A 259 -4.89 7.65 12.63
CA CYS A 259 -3.65 8.46 12.51
C CYS A 259 -3.10 8.46 11.10
N ALA A 260 -3.71 7.64 10.22
CA ALA A 260 -3.04 7.25 8.96
C ALA A 260 -3.09 8.27 7.88
N THR A 261 -4.20 9.01 7.77
CA THR A 261 -4.30 10.03 6.77
C THR A 261 -3.15 11.07 6.81
N CYS A 262 -2.75 11.44 8.00
CA CYS A 262 -1.65 12.36 8.21
C CYS A 262 -0.29 11.71 8.29
N HIS A 263 -0.17 10.62 9.07
CA HIS A 263 1.11 10.00 9.43
C HIS A 263 1.43 8.88 8.40
N SER A 264 1.60 9.32 7.17
CA SER A 264 1.85 8.39 6.06
C SER A 264 2.62 9.10 4.99
N GLY A 265 3.04 8.36 3.97
CA GLY A 265 3.63 9.05 2.84
C GLY A 265 5.16 9.06 2.78
N VAL A 266 5.65 9.81 1.82
CA VAL A 266 6.99 9.68 1.33
C VAL A 266 8.06 10.18 2.28
N ASP A 267 7.69 11.04 3.22
CA ASP A 267 8.66 11.49 4.23
C ASP A 267 8.37 11.13 5.67
N HIS A 268 7.33 10.30 5.85
CA HIS A 268 7.04 9.73 7.19
C HIS A 268 5.96 8.71 7.02
N ASN A 269 6.41 7.50 6.74
CA ASN A 269 5.54 6.44 6.32
C ASN A 269 5.07 5.57 7.50
N ASN A 270 4.68 6.21 8.60
CA ASN A 270 4.36 5.39 9.85
C ASN A 270 3.24 4.40 9.66
N TRP A 271 2.13 4.85 9.08
CA TRP A 271 1.06 3.93 8.65
C TRP A 271 1.59 2.78 7.89
N GLU A 272 2.31 3.00 6.81
CA GLU A 272 2.85 1.90 6.02
C GLU A 272 3.80 1.01 6.86
N ALA A 273 4.67 1.58 7.66
CA ALA A 273 5.67 0.76 8.34
C ALA A 273 4.98 -0.02 9.45
N TYR A 274 4.16 0.67 10.28
CA TYR A 274 3.42 -0.03 11.29
C TYR A 274 2.55 -1.15 10.77
N THR A 275 1.69 -0.85 9.78
CA THR A 275 0.78 -1.89 9.28
C THR A 275 1.51 -3.12 8.77
N MET A 276 2.75 -2.98 8.27
CA MET A 276 3.42 -4.15 7.68
C MET A 276 4.25 -4.87 8.74
N SER A 277 4.49 -4.28 9.91
CA SER A 277 5.28 -4.97 10.96
C SER A 277 4.43 -6.10 11.49
N LYS A 278 5.01 -7.08 12.25
CA LYS A 278 4.14 -8.00 12.99
C LYS A 278 3.12 -7.30 13.86
N HIS A 279 3.54 -6.25 14.58
CA HIS A 279 2.58 -5.51 15.43
C HIS A 279 1.32 -5.14 14.62
N GLY A 280 1.48 -4.46 13.47
CA GLY A 280 0.34 -3.98 12.69
C GLY A 280 -0.51 -5.13 12.14
N LYS A 281 0.16 -6.20 11.70
CA LYS A 281 -0.55 -7.33 11.06
C LYS A 281 -1.39 -8.10 12.12
N LEU A 282 -0.84 -8.29 13.31
CA LEU A 282 -1.60 -8.72 14.44
C LEU A 282 -2.75 -7.81 14.77
N ALA A 283 -2.53 -6.50 14.83
CA ALA A 283 -3.64 -5.59 15.06
C ALA A 283 -4.72 -5.75 13.97
N GLU A 284 -4.32 -5.86 12.67
CA GLU A 284 -5.31 -6.21 11.60
C GLU A 284 -6.00 -7.52 11.92
N MET A 285 -5.22 -8.58 12.25
CA MET A 285 -5.87 -9.90 12.45
C MET A 285 -6.79 -9.95 13.65
N ASN A 286 -6.45 -9.19 14.68
CA ASN A 286 -7.11 -9.23 15.98
C ASN A 286 -8.08 -8.13 16.30
N ARG A 287 -8.30 -7.19 15.39
CA ARG A 287 -9.11 -6.03 15.70
C ARG A 287 -10.51 -6.41 16.17
N ASP A 288 -11.07 -7.43 15.53
N ASP A 288 -11.13 -7.40 15.55
CA ASP A 288 -12.39 -7.98 15.84
CA ASP A 288 -12.49 -7.77 15.99
C ASP A 288 -12.47 -8.56 17.26
C ASP A 288 -12.49 -8.52 17.33
N LYS A 289 -11.33 -8.86 17.87
CA LYS A 289 -11.28 -9.43 19.18
C LYS A 289 -11.12 -8.49 20.37
N TRP A 290 -10.77 -7.25 20.12
CA TRP A 290 -10.44 -6.35 21.23
C TRP A 290 -11.61 -5.49 21.55
N ASN A 291 -11.73 -5.02 22.79
CA ASN A 291 -12.82 -4.12 23.10
C ASN A 291 -12.21 -2.73 23.01
N TRP A 292 -12.43 -2.03 21.90
CA TRP A 292 -11.79 -0.74 21.63
C TRP A 292 -12.41 0.37 22.45
N GLU A 293 -13.57 0.09 23.03
CA GLU A 293 -14.36 1.03 23.88
C GLU A 293 -13.74 1.31 25.27
N VAL A 294 -12.86 0.42 25.74
CA VAL A 294 -12.25 0.58 27.09
C VAL A 294 -11.18 1.67 27.01
N ARG A 295 -10.87 2.35 28.12
CA ARG A 295 -9.83 3.36 28.00
C ARG A 295 -8.44 2.74 27.70
N LEU A 296 -7.50 3.52 27.15
CA LEU A 296 -6.20 3.02 26.82
C LEU A 296 -5.56 2.37 28.04
N LYS A 297 -5.73 2.98 29.19
CA LYS A 297 -5.12 2.42 30.41
C LYS A 297 -5.60 1.01 30.68
N ASP A 298 -6.81 0.65 30.22
CA ASP A 298 -7.39 -0.70 30.38
C ASP A 298 -7.28 -1.59 29.13
N ALA A 299 -6.64 -1.11 28.07
CA ALA A 299 -6.59 -1.82 26.75
C ALA A 299 -6.10 -3.25 26.90
N PHE A 300 -5.03 -3.41 27.68
CA PHE A 300 -4.35 -4.68 27.81
C PHE A 300 -4.94 -5.63 28.80
N SER A 301 -5.71 -5.10 29.73
CA SER A 301 -6.42 -5.93 30.69
C SER A 301 -7.80 -6.06 30.12
N LYS A 302 -8.65 -5.12 30.42
CA LYS A 302 -10.06 -5.20 30.05
C LYS A 302 -10.34 -5.28 28.57
N GLY A 303 -9.50 -4.64 27.75
CA GLY A 303 -9.67 -4.65 26.31
C GLY A 303 -9.32 -5.92 25.56
N GLY A 304 -8.48 -6.79 26.12
CA GLY A 304 -8.01 -7.95 25.42
C GLY A 304 -6.87 -7.65 24.45
N GLN A 305 -6.44 -6.41 24.35
CA GLN A 305 -5.48 -6.08 23.30
C GLN A 305 -4.17 -6.80 23.47
N ASN A 306 -3.64 -7.42 22.43
CA ASN A 306 -2.38 -8.10 22.62
C ASN A 306 -1.29 -7.78 21.64
N ALA A 307 -1.51 -6.74 20.83
CA ALA A 307 -0.44 -6.14 19.99
C ALA A 307 -0.58 -4.67 20.12
N PRO A 308 0.51 -3.93 19.96
CA PRO A 308 0.54 -2.51 20.19
C PRO A 308 -0.06 -1.69 19.00
N THR A 309 -0.54 -0.51 19.32
CA THR A 309 -1.17 0.42 18.35
C THR A 309 -0.52 1.81 18.47
N CYS A 310 -0.70 2.70 17.49
CA CYS A 310 -0.10 4.04 17.59
C CYS A 310 -0.47 4.73 18.90
N ALA A 311 -1.79 4.84 19.18
CA ALA A 311 -2.28 5.59 20.36
C ALA A 311 -1.71 4.96 21.63
N ALA A 312 -1.82 3.62 21.75
CA ALA A 312 -1.26 2.95 22.95
C ALA A 312 0.26 3.20 23.17
N CYS A 313 1.06 3.28 22.09
CA CYS A 313 2.47 3.56 22.26
C CYS A 313 2.77 5.05 22.50
N HIS A 314 2.06 5.89 21.76
CA HIS A 314 2.48 7.29 21.73
C HIS A 314 1.79 8.14 22.78
N MET A 315 0.64 7.71 23.31
CA MET A 315 -0.02 8.53 24.34
C MET A 315 0.47 8.10 25.70
N GLU A 316 1.17 6.95 25.75
CA GLU A 316 1.59 6.34 27.03
C GLU A 316 2.83 7.01 27.56
N TYR A 317 2.83 7.31 28.85
CA TYR A 317 4.01 7.87 29.48
C TYR A 317 4.05 7.49 30.93
N GLU A 318 5.09 6.80 31.31
CA GLU A 318 5.25 6.26 32.67
C GLU A 318 4.02 5.55 33.23
N GLY A 319 3.38 4.71 32.42
CA GLY A 319 2.24 3.92 32.86
C GLY A 319 0.93 4.70 32.89
N GLU A 320 0.95 5.95 32.41
CA GLU A 320 -0.25 6.71 32.24
C GLU A 320 -0.44 7.10 30.78
N TYR A 321 -1.67 7.54 30.44
CA TYR A 321 -2.03 7.98 29.08
C TYR A 321 -2.65 9.37 29.09
N THR A 322 -2.18 10.27 28.21
CA THR A 322 -2.75 11.61 28.17
C THR A 322 -2.75 11.93 26.70
N HIS A 323 -3.41 13.02 26.33
CA HIS A 323 -3.30 13.60 24.97
C HIS A 323 -2.00 14.27 24.64
N ASN A 324 -1.01 14.25 25.50
CA ASN A 324 0.28 14.82 25.16
C ASN A 324 1.15 13.73 24.46
N ILE A 325 1.55 13.87 23.20
CA ILE A 325 2.24 12.73 22.56
C ILE A 325 3.74 12.95 22.40
N THR A 326 4.36 13.85 23.19
CA THR A 326 5.70 14.41 22.86
C THR A 326 6.77 13.96 23.87
N ARG A 327 6.34 13.38 25.00
CA ARG A 327 7.27 13.18 26.13
C ARG A 327 8.39 12.13 25.90
N LYS A 328 8.26 11.27 24.89
CA LYS A 328 9.34 10.33 24.63
C LYS A 328 10.12 10.55 23.30
N THR A 329 9.84 11.65 22.62
CA THR A 329 10.41 11.85 21.29
C THR A 329 11.90 12.03 21.40
N ARG A 330 12.66 11.29 20.60
CA ARG A 330 14.11 11.40 20.60
C ARG A 330 14.60 11.80 19.22
N TRP A 331 14.11 11.09 18.19
CA TRP A 331 14.63 11.25 16.85
C TRP A 331 13.77 12.24 16.05
N ALA A 332 12.48 12.30 16.36
CA ALA A 332 11.59 13.21 15.66
C ALA A 332 11.62 13.07 14.15
N ASN A 333 11.66 11.83 13.69
CA ASN A 333 11.43 11.49 12.30
C ASN A 333 12.54 11.86 11.34
N TYR A 334 13.12 13.06 11.45
CA TYR A 334 14.17 13.45 10.46
C TYR A 334 15.59 13.33 11.11
N PRO A 335 16.31 12.25 10.84
CA PRO A 335 17.55 11.97 11.54
C PRO A 335 18.66 12.96 11.29
N PHE A 336 18.55 13.68 10.16
CA PHE A 336 19.52 14.69 9.71
C PHE A 336 19.40 16.07 10.35
N VAL A 337 18.37 16.30 11.15
CA VAL A 337 18.21 17.63 11.73
C VAL A 337 19.49 17.94 12.60
N PRO A 338 20.10 19.12 12.43
CA PRO A 338 21.35 19.39 13.22
C PRO A 338 21.10 19.16 14.67
N GLY A 339 21.94 18.35 15.29
CA GLY A 339 21.89 18.20 16.75
C GLY A 339 21.09 17.01 17.25
N ILE A 340 20.27 16.42 16.36
CA ILE A 340 19.45 15.26 16.71
C ILE A 340 20.33 14.03 16.96
N ALA A 341 21.11 13.62 15.94
CA ALA A 341 22.07 12.51 16.07
C ALA A 341 23.04 12.73 17.24
N GLU A 342 23.64 13.92 17.31
CA GLU A 342 24.59 14.28 18.40
C GLU A 342 23.95 14.16 19.78
N ASN A 343 22.64 14.36 19.83
CA ASN A 343 21.94 14.33 21.10
C ASN A 343 21.52 12.94 21.48
N ILE A 344 21.71 11.94 20.61
CA ILE A 344 21.08 10.61 20.87
C ILE A 344 21.60 9.88 22.12
N THR A 345 22.85 10.19 22.49
CA THR A 345 23.50 9.61 23.64
C THR A 345 23.39 10.49 24.89
N SER A 346 22.82 11.69 24.80
CA SER A 346 22.65 12.59 25.95
C SER A 346 21.83 11.95 27.09
N ASP A 347 21.95 12.52 28.29
CA ASP A 347 21.17 12.09 29.40
C ASP A 347 19.67 12.30 29.17
N TRP A 348 19.34 13.38 28.48
CA TRP A 348 17.97 13.69 28.17
C TRP A 348 17.39 12.54 27.27
N SER A 349 18.10 12.17 26.22
CA SER A 349 17.66 11.09 25.34
C SER A 349 17.49 9.75 26.04
N GLU A 350 18.36 9.52 27.02
CA GLU A 350 18.49 8.24 27.68
C GLU A 350 17.34 8.10 28.67
N ALA A 351 16.93 9.19 29.34
CA ALA A 351 15.72 9.11 30.16
C ALA A 351 14.48 8.79 29.29
N ARG A 352 14.46 9.34 28.07
CA ARG A 352 13.34 9.17 27.14
C ARG A 352 13.36 7.75 26.61
N LEU A 353 14.57 7.21 26.42
CA LEU A 353 14.74 5.81 26.03
C LEU A 353 14.17 4.93 27.10
N ASP A 354 14.54 5.23 28.36
CA ASP A 354 14.01 4.47 29.47
C ASP A 354 12.46 4.46 29.46
N SER A 355 11.85 5.61 29.20
CA SER A 355 10.40 5.68 29.07
C SER A 355 9.86 4.74 27.96
N TRP A 356 10.53 4.72 26.80
CA TRP A 356 10.10 3.77 25.75
C TRP A 356 10.14 2.34 26.23
N VAL A 357 11.26 1.99 26.90
CA VAL A 357 11.51 0.63 27.32
C VAL A 357 10.37 0.20 28.22
N LEU A 358 9.94 1.12 29.06
CA LEU A 358 8.82 0.82 29.91
C LEU A 358 7.57 0.47 29.07
N THR A 359 7.22 1.32 28.11
CA THR A 359 6.13 1.03 27.13
C THR A 359 6.16 -0.39 26.54
N CYS A 360 7.31 -0.79 26.01
CA CYS A 360 7.48 -2.05 25.33
C CYS A 360 7.35 -3.20 26.32
N THR A 361 7.72 -2.97 27.59
CA THR A 361 7.70 -4.07 28.55
C THR A 361 6.34 -4.34 29.06
N GLN A 362 5.32 -3.63 28.56
CA GLN A 362 3.96 -4.14 28.67
C GLN A 362 3.85 -5.63 28.22
N CYS A 363 4.76 -5.99 27.34
CA CYS A 363 4.74 -7.27 26.62
C CYS A 363 6.13 -7.90 26.65
N HIS A 364 7.12 -7.30 25.95
CA HIS A 364 8.50 -7.85 25.89
C HIS A 364 9.25 -7.74 27.24
N SER A 365 10.18 -8.65 27.50
CA SER A 365 11.18 -8.35 28.50
C SER A 365 11.96 -7.03 28.18
N GLU A 366 12.51 -6.43 29.24
CA GLU A 366 13.35 -5.25 29.14
C GLU A 366 14.56 -5.46 28.26
N ARG A 367 15.26 -6.53 28.49
CA ARG A 367 16.36 -6.98 27.66
C ARG A 367 16.00 -7.01 26.17
N PHE A 368 14.83 -7.58 25.84
CA PHE A 368 14.45 -7.73 24.43
C PHE A 368 14.23 -6.32 23.85
N ALA A 369 13.55 -5.49 24.62
CA ALA A 369 13.18 -4.20 24.15
C ALA A 369 14.42 -3.30 23.95
N ARG A 370 15.33 -3.34 24.95
CA ARG A 370 16.58 -2.63 24.90
C ARG A 370 17.43 -3.14 23.72
N SER A 371 17.48 -4.45 23.55
CA SER A 371 18.13 -5.04 22.32
C SER A 371 17.64 -4.42 21.02
N TYR A 372 16.34 -4.33 20.89
CA TYR A 372 15.77 -3.83 19.63
C TYR A 372 15.91 -2.30 19.50
N LEU A 373 15.74 -1.58 20.60
CA LEU A 373 15.87 -0.12 20.55
C LEU A 373 17.29 0.33 20.21
N ASP A 374 18.27 -0.45 20.63
CA ASP A 374 19.66 -0.23 20.21
C ASP A 374 19.87 -0.41 18.69
N LEU A 375 19.24 -1.43 18.15
CA LEU A 375 19.29 -1.66 16.73
C LEU A 375 18.63 -0.47 16.01
N MET A 376 17.53 0.05 16.53
CA MET A 376 16.90 1.22 15.86
C MET A 376 17.83 2.47 15.82
N ASP A 377 18.53 2.71 16.95
CA ASP A 377 19.36 3.90 17.08
C ASP A 377 20.51 3.76 16.15
N LYS A 378 21.21 2.62 16.21
CA LYS A 378 22.36 2.41 15.37
C LYS A 378 22.07 2.31 13.85
N GLY A 379 20.96 1.66 13.52
CA GLY A 379 20.54 1.54 12.09
C GLY A 379 20.26 2.93 11.58
N THR A 380 19.60 3.73 12.42
CA THR A 380 19.36 5.12 12.07
C THR A 380 20.66 5.85 11.74
N LEU A 381 21.68 5.78 12.62
CA LEU A 381 22.96 6.43 12.31
C LEU A 381 23.67 5.90 11.06
N GLU A 382 23.59 4.61 10.82
CA GLU A 382 24.16 4.05 9.57
C GLU A 382 23.48 4.61 8.30
N GLY A 383 22.17 4.81 8.32
CA GLY A 383 21.55 5.49 7.17
C GLY A 383 22.04 6.96 7.14
N LEU A 384 22.13 7.58 8.30
CA LEU A 384 22.53 8.97 8.32
C LEU A 384 23.93 9.14 7.67
N ALA A 385 24.87 8.24 8.01
CA ALA A 385 26.22 8.25 7.43
C ALA A 385 26.22 8.15 5.91
N LYS A 386 25.43 7.20 5.38
CA LYS A 386 25.34 6.99 3.97
C LYS A 386 24.90 8.28 3.31
N TYR A 387 23.84 8.91 3.87
CA TYR A 387 23.40 10.21 3.35
C TYR A 387 24.51 11.25 3.45
N GLN A 388 25.15 11.35 4.63
CA GLN A 388 26.15 12.41 4.80
C GLN A 388 27.24 12.32 3.74
N GLU A 389 27.57 11.10 3.30
CA GLU A 389 28.63 10.91 2.34
C GLU A 389 28.21 11.44 0.96
N ALA A 390 26.96 11.17 0.55
CA ALA A 390 26.45 11.62 -0.72
C ALA A 390 26.32 13.13 -0.71
N ASN A 391 25.92 13.69 0.43
CA ASN A 391 25.77 15.13 0.52
C ASN A 391 27.08 15.92 0.33
N ALA A 392 28.16 15.39 0.93
CA ALA A 392 29.49 15.97 0.74
C ALA A 392 29.84 16.18 -0.76
N ILE A 393 29.52 15.21 -1.57
CA ILE A 393 29.76 15.35 -2.99
C ILE A 393 28.96 16.48 -3.66
N VAL A 394 27.64 16.48 -3.51
CA VAL A 394 26.82 17.41 -4.26
C VAL A 394 27.03 18.75 -3.59
N HIS A 395 27.17 18.70 -2.27
CA HIS A 395 27.37 19.97 -1.60
C HIS A 395 28.66 20.68 -2.04
N LYS A 396 29.71 19.93 -2.36
CA LYS A 396 30.91 20.45 -2.96
C LYS A 396 30.63 21.12 -4.26
N MET A 397 30.02 20.42 -5.19
CA MET A 397 29.54 21.01 -6.42
C MET A 397 28.85 22.36 -6.23
N TYR A 398 28.01 22.46 -5.23
CA TYR A 398 27.37 23.71 -5.04
C TYR A 398 28.40 24.85 -4.74
N GLU A 399 29.36 24.61 -3.83
CA GLU A 399 30.36 25.60 -3.43
C GLU A 399 31.20 25.98 -4.66
N ASP A 400 31.48 25.01 -5.52
CA ASP A 400 32.27 25.24 -6.70
C ASP A 400 31.41 25.83 -7.80
N GLY A 401 30.11 25.99 -7.55
CA GLY A 401 29.22 26.53 -8.56
C GLY A 401 29.14 25.67 -9.80
N THR A 402 29.37 24.36 -9.64
CA THR A 402 29.37 23.44 -10.80
C THR A 402 28.10 22.60 -11.06
N LEU A 403 27.03 22.79 -10.28
CA LEU A 403 25.72 22.13 -10.49
C LEU A 403 25.11 22.56 -11.80
N THR A 404 24.38 21.68 -12.47
CA THR A 404 23.79 22.07 -13.74
C THR A 404 22.92 23.34 -13.66
N GLY A 405 23.15 24.24 -14.61
CA GLY A 405 22.40 25.50 -14.78
C GLY A 405 22.62 26.46 -13.63
N GLN A 406 23.55 26.14 -12.72
CA GLN A 406 23.72 26.87 -11.47
C GLN A 406 24.03 28.33 -11.72
N LYS A 407 24.78 28.63 -12.77
CA LYS A 407 25.28 29.98 -12.99
C LYS A 407 24.56 30.53 -14.19
N THR A 408 23.64 29.73 -14.71
CA THR A 408 23.09 30.02 -16.00
C THR A 408 21.55 30.04 -15.97
N ASN A 409 20.92 29.23 -15.14
CA ASN A 409 19.48 29.06 -15.24
C ASN A 409 18.87 28.68 -13.90
N ARG A 410 19.12 29.48 -12.89
CA ARG A 410 18.73 29.11 -11.57
C ARG A 410 17.96 30.22 -10.96
N PRO A 411 16.71 30.38 -11.36
CA PRO A 411 16.01 31.56 -10.88
C PRO A 411 15.72 31.53 -9.37
N ASN A 412 15.46 32.66 -8.74
CA ASN A 412 15.25 32.65 -7.28
C ASN A 412 13.87 32.17 -6.94
N PRO A 413 13.73 31.52 -5.78
CA PRO A 413 12.42 31.09 -5.25
C PRO A 413 11.51 32.26 -4.95
N PRO A 414 10.19 32.02 -4.88
CA PRO A 414 9.24 33.10 -4.55
C PRO A 414 9.45 33.68 -3.15
N GLU A 415 9.37 35.00 -3.02
CA GLU A 415 9.31 35.70 -1.71
C GLU A 415 8.29 35.03 -0.74
N PRO A 416 8.62 34.97 0.54
CA PRO A 416 9.85 35.54 1.10
C PRO A 416 11.06 34.59 1.14
N GLU A 417 11.10 33.58 0.29
CA GLU A 417 12.22 32.64 0.34
C GLU A 417 13.57 33.29 -0.15
N LYS A 418 14.67 32.75 0.38
CA LYS A 418 16.03 33.09 0.03
C LYS A 418 16.65 31.89 -0.68
N PRO A 419 17.33 32.12 -1.82
CA PRO A 419 18.10 31.10 -2.56
C PRO A 419 19.15 30.44 -1.66
N GLY A 420 19.36 29.13 -1.85
CA GLY A 420 20.22 28.30 -1.01
C GLY A 420 20.34 26.93 -1.68
N PHE A 421 21.08 26.02 -1.07
CA PHE A 421 21.26 24.69 -1.63
C PHE A 421 20.40 23.68 -0.89
N GLY A 422 19.64 22.85 -1.62
CA GLY A 422 18.90 21.75 -1.00
C GLY A 422 17.98 22.16 0.15
N ILE A 423 17.12 23.11 -0.14
CA ILE A 423 16.25 23.69 0.87
C ILE A 423 14.87 23.13 0.67
N PHE A 424 14.11 23.06 1.73
CA PHE A 424 12.80 22.44 1.69
C PHE A 424 11.91 22.96 0.53
N THR A 425 12.08 24.23 0.15
CA THR A 425 11.25 24.88 -0.81
C THR A 425 11.32 24.23 -2.18
N GLN A 426 12.48 23.62 -2.47
CA GLN A 426 12.75 22.94 -3.74
C GLN A 426 11.97 21.62 -3.88
N LEU A 427 11.32 21.18 -2.80
CA LEU A 427 10.38 20.09 -2.90
C LEU A 427 9.01 20.50 -3.37
N PHE A 428 8.66 21.78 -3.16
CA PHE A 428 7.34 22.29 -3.55
C PHE A 428 7.35 23.36 -4.68
N TRP A 429 8.55 23.83 -5.01
CA TRP A 429 8.68 24.83 -6.04
C TRP A 429 9.92 24.55 -6.84
N SER A 430 9.77 24.70 -8.15
CA SER A 430 10.90 24.54 -9.03
C SER A 430 10.70 25.36 -10.32
N LYS A 431 11.79 25.88 -10.84
CA LYS A 431 11.72 26.65 -12.03
C LYS A 431 13.11 26.64 -12.67
N GLY A 432 13.18 26.46 -13.99
CA GLY A 432 14.50 26.40 -14.60
C GLY A 432 15.36 25.28 -13.99
N ASN A 433 16.61 25.56 -13.63
CA ASN A 433 17.41 24.54 -12.94
C ASN A 433 17.49 24.82 -11.48
N ASN A 434 16.42 25.41 -10.92
CA ASN A 434 16.34 25.55 -9.48
C ASN A 434 15.23 24.68 -8.92
N PRO A 435 15.57 23.50 -8.37
CA PRO A 435 16.89 22.92 -8.10
C PRO A 435 17.48 22.20 -9.31
N ALA A 436 18.75 21.83 -9.21
CA ALA A 436 19.33 20.89 -10.18
C ALA A 436 18.85 19.44 -9.79
N SER A 437 18.95 18.51 -10.71
CA SER A 437 18.61 17.14 -10.42
C SER A 437 19.42 16.50 -9.31
N LEU A 438 20.74 16.65 -9.32
CA LEU A 438 21.56 16.07 -8.21
C LEU A 438 21.20 16.65 -6.84
N GLU A 439 20.85 17.95 -6.86
CA GLU A 439 20.44 18.70 -5.69
C GLU A 439 19.16 18.16 -5.13
N LEU A 440 18.14 18.03 -5.98
CA LEU A 440 16.88 17.42 -5.53
C LEU A 440 17.08 15.96 -5.00
N LYS A 441 17.84 15.17 -5.75
CA LYS A 441 18.14 13.80 -5.41
C LYS A 441 18.80 13.66 -4.03
N VAL A 442 19.79 14.49 -3.68
CA VAL A 442 20.41 14.34 -2.35
C VAL A 442 19.49 14.88 -1.28
N LEU A 443 18.71 15.89 -1.65
CA LEU A 443 17.67 16.38 -0.77
C LEU A 443 16.63 15.28 -0.40
N GLU A 444 16.01 14.68 -1.43
CA GLU A 444 15.08 13.53 -1.23
C GLU A 444 15.70 12.33 -0.53
N MET A 445 16.98 12.07 -0.79
CA MET A 445 17.73 11.08 -0.03
C MET A 445 17.62 11.24 1.51
N ALA A 446 17.90 12.43 2.04
CA ALA A 446 17.66 12.72 3.43
C ALA A 446 16.16 12.81 3.83
N GLU A 447 15.41 13.70 3.18
CA GLU A 447 13.99 13.98 3.46
C GLU A 447 13.06 12.78 3.37
N ASN A 448 13.20 12.03 2.27
CA ASN A 448 12.32 10.93 2.03
C ASN A 448 12.94 9.64 2.55
N ASN A 449 14.02 9.23 1.91
CA ASN A 449 14.59 7.92 2.10
C ASN A 449 15.26 7.65 3.44
N LEU A 450 16.00 8.62 3.97
CA LEU A 450 16.53 8.46 5.33
C LEU A 450 15.38 8.51 6.41
N ALA A 451 14.44 9.44 6.27
CA ALA A 451 13.33 9.48 7.20
C ALA A 451 12.55 8.18 7.18
N LYS A 452 12.28 7.65 5.99
CA LYS A 452 11.49 6.43 5.89
C LYS A 452 12.28 5.26 6.50
N MET A 453 13.58 5.24 6.27
CA MET A 453 14.46 4.24 6.92
C MET A 453 14.33 4.26 8.44
N HIS A 454 14.48 5.44 9.05
CA HIS A 454 14.23 5.57 10.48
C HIS A 454 12.79 5.16 10.89
N VAL A 455 11.77 5.64 10.17
CA VAL A 455 10.38 5.17 10.46
C VAL A 455 10.28 3.64 10.49
N GLY A 456 10.81 2.99 9.49
CA GLY A 456 10.77 1.51 9.38
C GLY A 456 11.44 0.80 10.58
N LEU A 457 12.64 1.27 10.91
CA LEU A 457 13.35 0.82 12.11
C LEU A 457 12.52 1.08 13.36
N ALA A 458 11.97 2.29 13.54
CA ALA A 458 11.25 2.59 14.79
C ALA A 458 9.95 1.74 14.91
N HIS A 459 9.39 1.34 13.75
CA HIS A 459 8.12 0.63 13.68
C HIS A 459 8.17 -0.89 13.40
N VAL A 460 9.39 -1.46 13.38
CA VAL A 460 9.68 -2.88 13.37
C VAL A 460 9.18 -3.50 12.08
N ASN A 461 9.34 -2.74 10.96
CA ASN A 461 9.13 -3.32 9.65
C ASN A 461 10.43 -3.55 8.85
N PRO A 462 11.00 -4.79 8.87
CA PRO A 462 12.37 -5.01 8.35
C PRO A 462 12.53 -4.65 6.90
N GLY A 463 11.53 -4.92 6.07
CA GLY A 463 11.64 -4.57 4.66
C GLY A 463 11.67 -3.05 4.54
N GLY A 464 11.08 -2.35 5.49
CA GLY A 464 11.06 -0.87 5.39
C GLY A 464 12.32 -0.18 5.84
N TRP A 465 13.40 -0.89 6.13
CA TRP A 465 14.69 -0.17 6.25
C TRP A 465 15.76 -0.85 5.47
N THR A 466 15.39 -1.98 4.87
CA THR A 466 16.32 -2.76 4.09
C THR A 466 16.07 -2.66 2.58
N TYR A 467 15.30 -3.60 2.04
CA TYR A 467 15.10 -3.72 0.60
C TYR A 467 14.20 -2.65 0.01
N THR A 468 13.02 -2.47 0.61
CA THR A 468 11.95 -1.75 0.01
C THR A 468 11.98 -0.27 0.32
N GLU A 469 12.25 0.13 1.56
CA GLU A 469 12.52 1.56 1.86
C GLU A 469 13.78 1.66 2.67
N GLY A 470 14.26 2.90 2.83
CA GLY A 470 15.50 3.19 3.58
C GLY A 470 16.73 2.80 2.72
N TRP A 471 17.38 1.74 3.13
CA TRP A 471 18.66 1.34 2.53
C TRP A 471 18.70 1.16 1.02
N GLY A 472 17.81 0.36 0.42
CA GLY A 472 17.83 0.14 -1.05
C GLY A 472 17.73 1.45 -1.83
N PRO A 473 16.68 2.25 -1.56
CA PRO A 473 16.50 3.60 -2.16
C PRO A 473 17.67 4.56 -1.91
N MET A 474 18.21 4.60 -0.67
CA MET A 474 19.43 5.36 -0.39
C MET A 474 20.63 4.83 -1.20
N ASN A 475 20.79 3.53 -1.21
CA ASN A 475 21.78 2.89 -2.08
C ASN A 475 21.68 3.42 -3.53
N ARG A 476 20.49 3.35 -4.12
CA ARG A 476 20.29 3.88 -5.48
C ARG A 476 20.65 5.36 -5.59
N ALA A 477 20.28 6.16 -4.61
CA ALA A 477 20.52 7.60 -4.71
C ALA A 477 22.07 7.83 -4.67
N TYR A 478 22.74 7.12 -3.77
CA TYR A 478 24.19 7.22 -3.67
C TYR A 478 24.86 6.81 -4.98
N VAL A 479 24.44 5.67 -5.52
CA VAL A 479 25.01 5.18 -6.76
C VAL A 479 24.81 6.21 -7.89
N GLU A 480 23.59 6.76 -8.02
CA GLU A 480 23.33 7.72 -9.12
C GLU A 480 23.98 9.07 -8.93
N ILE A 481 24.16 9.50 -7.68
CA ILE A 481 24.97 10.69 -7.38
C ILE A 481 26.45 10.54 -7.79
N GLN A 482 27.06 9.41 -7.47
CA GLN A 482 28.44 9.09 -7.81
C GLN A 482 28.63 8.98 -9.27
N ASP A 483 27.65 8.42 -9.95
CA ASP A 483 27.70 8.16 -11.34
C ASP A 483 27.62 9.49 -12.09
N GLU A 484 26.62 10.33 -11.76
CA GLU A 484 26.50 11.63 -12.43
C GLU A 484 27.77 12.48 -12.19
N TYR A 485 28.24 12.45 -10.95
CA TYR A 485 29.41 13.23 -10.60
C TYR A 485 30.62 12.85 -11.51
N THR A 486 30.85 11.55 -11.69
CA THR A 486 31.91 11.11 -12.55
C THR A 486 31.72 11.56 -14.02
N LYS A 487 30.52 11.37 -14.57
CA LYS A 487 30.22 11.83 -15.89
C LYS A 487 30.48 13.34 -15.98
N MET A 488 30.01 14.09 -15.00
CA MET A 488 30.23 15.52 -15.02
C MET A 488 31.71 15.90 -14.96
N GLN A 489 32.50 15.18 -14.19
CA GLN A 489 33.94 15.39 -14.13
C GLN A 489 34.58 15.05 -15.43
N GLU A 490 34.07 14.05 -16.13
CA GLU A 490 34.62 13.66 -17.42
C GLU A 490 34.24 14.67 -18.48
N LEU A 491 33.03 15.19 -18.41
CA LEU A 491 32.66 16.15 -19.39
C LEU A 491 33.39 17.48 -19.12
N SER A 492 33.73 17.70 -17.86
CA SER A 492 34.43 18.90 -17.52
C SER A 492 35.88 18.82 -18.03
N ALA A 493 36.44 17.62 -18.07
CA ALA A 493 37.78 17.39 -18.56
C ALA A 493 37.79 17.51 -20.07
N LEU A 494 36.75 16.97 -20.72
CA LEU A 494 36.62 17.05 -22.15
C LEU A 494 36.47 18.49 -22.65
N GLN A 495 35.81 19.33 -21.86
CA GLN A 495 35.69 20.74 -22.16
C GLN A 495 36.97 21.52 -21.97
N ALA A 496 37.68 21.23 -20.87
CA ALA A 496 39.00 21.81 -20.60
C ALA A 496 39.94 21.61 -21.82
N ARG A 497 40.01 20.37 -22.29
CA ARG A 497 40.69 20.00 -23.52
C ARG A 497 40.31 20.84 -24.74
N VAL A 498 39.03 21.19 -24.89
CA VAL A 498 38.54 21.97 -26.05
C VAL A 498 38.80 23.51 -25.98
N ASN A 499 38.84 24.09 -24.78
CA ASN A 499 39.40 25.44 -24.64
C ASN A 499 40.82 25.38 -25.08
N LYS A 500 41.62 24.62 -24.32
CA LYS A 500 43.03 24.40 -24.63
C LYS A 500 43.33 24.17 -26.12
N LEU A 501 42.46 23.43 -26.81
CA LEU A 501 42.58 23.27 -28.27
C LEU A 501 42.36 24.54 -29.07
N GLU A 502 41.54 25.45 -28.57
CA GLU A 502 41.33 26.73 -29.23
C GLU A 502 42.38 27.71 -28.76
N ASP B 1 4.86 -44.00 12.94
CA ASP B 1 5.00 -43.49 11.52
C ASP B 1 4.30 -42.14 11.44
N ILE B 2 5.05 -41.09 11.06
CA ILE B 2 4.35 -39.82 10.68
C ILE B 2 3.94 -39.90 9.21
N SER B 3 2.68 -40.26 8.93
CA SER B 3 2.34 -40.58 7.53
C SER B 3 2.33 -39.35 6.59
N THR B 4 2.39 -38.13 7.14
CA THR B 4 2.52 -36.90 6.31
C THR B 4 3.98 -36.47 6.04
N VAL B 5 4.93 -37.22 6.55
CA VAL B 5 6.36 -36.97 6.34
C VAL B 5 6.76 -37.86 5.21
N PRO B 6 7.41 -37.29 4.21
CA PRO B 6 7.81 -38.05 3.03
C PRO B 6 8.85 -39.15 3.36
N ASP B 7 8.79 -40.25 2.59
CA ASP B 7 9.89 -41.29 2.53
C ASP B 7 11.31 -40.76 2.52
N GLU B 8 11.55 -39.76 1.67
CA GLU B 8 12.89 -39.23 1.49
C GLU B 8 13.49 -38.60 2.75
N THR B 9 12.65 -38.21 3.72
CA THR B 9 13.13 -37.79 5.02
C THR B 9 13.48 -38.99 5.95
N TYR B 10 12.63 -40.00 6.01
CA TYR B 10 13.08 -41.19 6.77
C TYR B 10 14.32 -41.80 6.15
N ASP B 11 14.40 -41.93 4.84
CA ASP B 11 15.63 -42.36 4.15
C ASP B 11 16.82 -41.48 4.54
N ALA B 12 16.70 -40.16 4.32
CA ALA B 12 17.76 -39.24 4.70
C ALA B 12 18.16 -39.45 6.14
N LEU B 13 17.23 -39.79 7.03
CA LEU B 13 17.55 -39.93 8.44
C LEU B 13 18.03 -41.36 8.86
N LYS B 14 17.92 -42.31 7.94
CA LYS B 14 18.35 -43.68 8.15
C LYS B 14 17.42 -44.34 9.15
N LEU B 15 16.12 -44.07 9.02
CA LEU B 15 15.13 -44.69 9.88
C LEU B 15 14.19 -45.47 9.03
N ASP B 16 13.57 -46.48 9.66
CA ASP B 16 12.49 -47.24 9.10
C ASP B 16 11.22 -46.59 9.68
N ARG B 17 10.33 -46.10 8.83
CA ARG B 17 9.11 -45.42 9.32
C ARG B 17 8.20 -46.26 10.15
N GLY B 18 8.23 -47.57 9.91
CA GLY B 18 7.39 -48.52 10.63
C GLY B 18 7.90 -48.68 12.04
N LYS B 19 9.20 -48.75 12.22
CA LYS B 19 9.77 -49.10 13.50
C LYS B 19 10.16 -47.90 14.35
N ALA B 20 10.68 -46.82 13.75
CA ALA B 20 11.17 -45.65 14.53
C ALA B 20 10.13 -45.18 15.58
N THR B 21 10.54 -44.97 16.82
CA THR B 21 9.65 -44.45 17.85
C THR B 21 9.63 -42.90 17.74
N PRO B 22 8.64 -42.24 18.37
CA PRO B 22 8.73 -40.76 18.33
C PRO B 22 10.11 -40.18 18.85
N LYS B 23 10.64 -40.78 19.89
CA LYS B 23 11.93 -40.40 20.42
C LYS B 23 13.07 -40.49 19.38
N GLU B 24 13.12 -41.59 18.64
CA GLU B 24 14.14 -41.82 17.61
C GLU B 24 13.99 -40.89 16.43
N THR B 25 12.76 -40.67 16.00
CA THR B 25 12.51 -39.69 14.95
C THR B 25 12.93 -38.27 15.34
N TYR B 26 12.53 -37.82 16.55
CA TYR B 26 12.88 -36.52 17.12
C TYR B 26 14.41 -36.38 17.20
N GLU B 27 15.09 -37.36 17.80
CA GLU B 27 16.58 -37.27 17.89
C GLU B 27 17.25 -37.28 16.56
N ALA B 28 16.82 -38.09 15.60
CA ALA B 28 17.49 -38.04 14.25
C ALA B 28 17.36 -36.65 13.60
N LEU B 29 16.13 -36.15 13.63
CA LEU B 29 15.78 -34.81 13.11
C LEU B 29 16.65 -33.69 13.77
N VAL B 30 16.75 -33.76 15.09
CA VAL B 30 17.43 -32.78 15.85
C VAL B 30 18.94 -32.85 15.66
N LYS B 31 19.47 -34.06 15.51
CA LYS B 31 20.89 -34.26 15.10
C LYS B 31 21.24 -33.55 13.83
N ARG B 32 20.52 -33.83 12.75
CA ARG B 32 20.65 -33.04 11.49
C ARG B 32 20.45 -31.52 11.67
N TYR B 33 19.31 -31.18 12.28
CA TYR B 33 18.93 -29.79 12.54
C TYR B 33 20.03 -28.99 13.22
N LYS B 34 20.78 -29.60 14.14
CA LYS B 34 21.71 -28.78 14.96
C LYS B 34 23.17 -28.88 14.48
N ASP B 35 23.35 -29.56 13.36
CA ASP B 35 24.63 -29.82 12.82
C ASP B 35 25.13 -28.67 11.88
N PRO B 36 26.29 -28.08 12.22
CA PRO B 36 26.90 -27.04 11.38
C PRO B 36 27.04 -27.41 9.91
N ALA B 37 27.45 -28.63 9.59
CA ALA B 37 27.50 -29.07 8.23
C ALA B 37 26.16 -28.94 7.52
N HIS B 38 25.03 -28.95 8.29
CA HIS B 38 23.70 -28.96 7.69
C HIS B 38 23.02 -27.59 7.79
N GLY B 39 23.80 -26.56 8.15
CA GLY B 39 23.31 -25.16 8.22
C GLY B 39 23.27 -24.42 9.57
N ALA B 40 23.37 -25.13 10.70
CA ALA B 40 23.36 -24.52 12.04
C ALA B 40 24.63 -23.70 12.32
N GLY B 41 24.65 -22.88 13.36
CA GLY B 41 25.75 -21.95 13.73
C GLY B 41 25.97 -20.70 12.87
N LYS B 42 27.21 -20.19 12.84
CA LYS B 42 27.49 -18.97 12.12
C LYS B 42 27.74 -19.18 10.63
N GLY B 43 27.72 -20.41 10.16
CA GLY B 43 27.87 -20.66 8.71
C GLY B 43 29.28 -20.36 8.25
N THR B 44 29.49 -20.53 6.95
CA THR B 44 30.85 -20.49 6.40
C THR B 44 31.52 -19.11 6.44
N MET B 45 30.77 -18.02 6.62
CA MET B 45 31.42 -16.68 6.76
C MET B 45 31.41 -16.13 8.19
N GLY B 46 31.31 -17.06 9.13
CA GLY B 46 31.17 -16.69 10.51
C GLY B 46 32.36 -15.86 11.00
N ASP B 47 33.50 -15.91 10.30
CA ASP B 47 34.61 -15.10 10.74
C ASP B 47 34.47 -13.65 10.44
N TYR B 48 33.53 -13.29 9.58
CA TYR B 48 33.38 -11.92 9.18
C TYR B 48 32.42 -11.03 9.98
N TRP B 49 31.64 -11.61 10.89
CA TRP B 49 30.58 -10.83 11.51
C TRP B 49 30.31 -11.32 12.93
N GLU B 50 29.90 -10.42 13.78
CA GLU B 50 29.60 -10.76 15.17
C GLU B 50 28.12 -10.52 15.46
N PRO B 51 27.55 -11.24 16.40
CA PRO B 51 26.14 -10.97 16.72
C PRO B 51 25.92 -9.55 17.28
N ILE B 52 24.72 -9.04 17.18
CA ILE B 52 24.38 -7.81 17.91
C ILE B 52 23.44 -8.15 19.04
N ALA B 53 23.04 -7.19 19.84
CA ALA B 53 22.19 -7.55 20.95
C ALA B 53 20.98 -8.40 20.54
N ILE B 54 20.21 -7.98 19.53
CA ILE B 54 19.05 -8.75 19.08
C ILE B 54 19.39 -10.17 18.60
N SER B 55 20.65 -10.42 18.22
CA SER B 55 20.99 -11.77 17.69
C SER B 55 20.69 -12.91 18.65
N ILE B 56 20.70 -12.64 19.96
CA ILE B 56 20.39 -13.72 20.95
C ILE B 56 18.97 -14.23 20.76
N TYR B 57 18.11 -13.41 20.16
CA TYR B 57 16.72 -13.85 19.91
C TYR B 57 16.44 -14.49 18.56
N MET B 58 17.25 -14.08 17.56
CA MET B 58 17.22 -14.53 16.17
C MET B 58 17.84 -15.91 16.00
N ASP B 59 18.95 -16.15 16.70
CA ASP B 59 19.57 -17.46 16.65
C ASP B 59 19.95 -17.86 18.10
N PRO B 60 18.92 -18.22 18.90
CA PRO B 60 19.18 -18.60 20.29
C PRO B 60 20.16 -19.76 20.42
N ASN B 61 19.99 -20.82 19.65
CA ASN B 61 20.90 -21.92 19.77
C ASN B 61 22.35 -21.54 19.65
N THR B 62 22.72 -20.56 18.84
CA THR B 62 24.13 -20.15 18.82
C THR B 62 24.47 -19.16 19.94
N PHE B 63 23.58 -18.21 20.16
CA PHE B 63 23.96 -17.02 20.90
C PHE B 63 23.29 -16.81 22.26
N TYR B 64 22.20 -17.53 22.60
CA TYR B 64 21.46 -17.12 23.80
C TYR B 64 22.09 -17.57 25.13
N LYS B 65 22.18 -16.62 26.06
CA LYS B 65 22.44 -16.95 27.43
C LYS B 65 21.40 -16.22 28.29
N PRO B 66 20.92 -16.85 29.35
CA PRO B 66 19.88 -16.13 30.14
C PRO B 66 20.42 -14.82 30.82
N PRO B 67 19.53 -13.90 31.28
CA PRO B 67 20.12 -12.64 31.80
C PRO B 67 20.78 -12.84 33.18
N VAL B 68 21.71 -11.97 33.57
CA VAL B 68 22.39 -12.13 34.89
C VAL B 68 21.50 -11.81 36.09
N SER B 69 20.44 -11.04 35.83
CA SER B 69 19.43 -10.65 36.79
C SER B 69 18.04 -10.74 36.11
N PRO B 70 16.95 -11.03 36.87
CA PRO B 70 16.88 -11.18 38.29
C PRO B 70 17.59 -12.43 38.76
N LYS B 71 18.34 -12.29 39.85
CA LYS B 71 18.83 -13.44 40.59
C LYS B 71 17.59 -14.06 41.25
N GLU B 72 17.09 -15.19 40.74
CA GLU B 72 15.78 -15.72 41.20
C GLU B 72 15.74 -17.20 40.98
N VAL B 73 14.98 -17.92 41.80
CA VAL B 73 14.90 -19.36 41.67
C VAL B 73 13.43 -19.70 41.77
N ALA B 74 12.82 -20.10 40.66
CA ALA B 74 11.37 -20.11 40.59
C ALA B 74 10.76 -21.47 40.27
N GLU B 75 9.65 -21.73 40.94
CA GLU B 75 8.76 -22.86 40.62
C GLU B 75 7.82 -22.49 39.44
N ARG B 76 7.21 -23.49 38.82
CA ARG B 76 6.23 -23.28 37.74
C ARG B 76 5.28 -22.12 38.07
N LYS B 77 4.57 -22.17 39.21
CA LYS B 77 3.65 -21.08 39.61
C LYS B 77 4.25 -19.64 39.68
N ASP B 78 5.55 -19.54 40.04
CA ASP B 78 6.21 -18.24 40.25
C ASP B 78 6.42 -17.51 38.94
N CYS B 79 6.67 -18.25 37.87
CA CYS B 79 6.76 -17.63 36.53
C CYS B 79 5.55 -16.77 36.26
N VAL B 80 4.37 -17.38 36.42
CA VAL B 80 3.12 -16.69 36.13
C VAL B 80 2.90 -15.54 37.11
N GLU B 81 3.14 -15.78 38.40
CA GLU B 81 2.88 -14.79 39.43
C GLU B 81 3.70 -13.49 39.15
N CYS B 82 4.97 -13.63 38.83
CA CYS B 82 5.88 -12.47 38.76
C CYS B 82 5.78 -11.74 37.44
N HIS B 83 5.66 -12.51 36.37
CA HIS B 83 5.48 -11.93 35.03
C HIS B 83 4.14 -11.21 34.82
N SER B 84 3.15 -11.53 35.63
CA SER B 84 1.84 -10.85 35.59
C SER B 84 2.04 -9.38 35.68
N ASP B 85 3.15 -9.02 36.32
CA ASP B 85 3.64 -7.69 36.59
C ASP B 85 4.66 -7.25 35.53
N GLU B 86 5.71 -8.07 35.43
CA GLU B 86 6.88 -7.84 34.62
C GLU B 86 6.70 -7.81 33.07
N THR B 87 5.87 -8.76 32.60
CA THR B 87 5.50 -8.82 31.15
C THR B 87 4.02 -9.18 31.03
N PRO B 88 3.16 -8.24 31.45
CA PRO B 88 1.78 -8.63 31.74
C PRO B 88 1.04 -9.28 30.54
N VAL B 89 1.18 -8.70 29.33
CA VAL B 89 0.50 -9.25 28.14
C VAL B 89 0.91 -10.71 27.89
N TRP B 90 2.17 -11.05 28.12
CA TRP B 90 2.63 -12.42 27.84
C TRP B 90 1.79 -13.41 28.67
N VAL B 91 1.56 -13.04 29.92
CA VAL B 91 0.70 -13.85 30.81
C VAL B 91 -0.74 -13.95 30.34
N ARG B 92 -1.35 -12.79 30.08
CA ARG B 92 -2.67 -12.68 29.50
C ARG B 92 -2.81 -13.50 28.22
N ALA B 93 -1.93 -13.26 27.22
CA ALA B 93 -1.96 -14.00 25.96
C ALA B 93 -1.81 -15.49 26.21
N TRP B 94 -0.81 -15.88 26.98
CA TRP B 94 -0.63 -17.29 27.33
C TRP B 94 -1.86 -17.90 28.00
N LYS B 95 -2.46 -17.19 28.96
CA LYS B 95 -3.60 -17.68 29.76
C LYS B 95 -4.82 -17.93 28.89
N ARG B 96 -4.98 -17.12 27.88
CA ARG B 96 -6.05 -17.38 26.95
C ARG B 96 -5.69 -18.35 25.81
N SER B 97 -4.47 -18.88 25.76
CA SER B 97 -4.12 -19.87 24.72
C SER B 97 -4.50 -21.34 25.05
N THR B 98 -4.58 -22.14 24.01
CA THR B 98 -4.75 -23.56 24.11
C THR B 98 -3.67 -24.14 25.00
N HIS B 99 -2.44 -23.68 24.85
CA HIS B 99 -1.39 -24.19 25.69
C HIS B 99 -1.77 -24.18 27.16
N ALA B 100 -2.36 -23.05 27.59
CA ALA B 100 -2.78 -22.88 28.96
C ALA B 100 -4.12 -23.57 29.30
N ASN B 101 -4.83 -24.17 28.34
CA ASN B 101 -6.18 -24.68 28.59
C ASN B 101 -6.39 -26.08 28.06
N LEU B 102 -5.49 -27.01 28.38
CA LEU B 102 -5.56 -28.33 27.77
C LEU B 102 -6.81 -29.13 28.11
N ASP B 103 -7.38 -28.92 29.31
CA ASP B 103 -8.68 -29.53 29.60
C ASP B 103 -9.83 -29.16 28.65
N LYS B 104 -9.92 -27.91 28.24
CA LYS B 104 -10.85 -27.52 27.18
C LYS B 104 -10.71 -28.51 25.99
N ILE B 105 -9.49 -28.80 25.59
CA ILE B 105 -9.27 -29.64 24.45
C ILE B 105 -9.73 -31.08 24.70
N ARG B 106 -9.31 -31.66 25.82
CA ARG B 106 -9.79 -33.00 26.28
C ARG B 106 -11.33 -33.16 26.29
N ASN B 107 -12.05 -32.04 26.42
CA ASN B 107 -13.48 -32.07 26.42
C ASN B 107 -14.21 -31.84 25.15
N LEU B 108 -13.51 -31.69 24.05
CA LEU B 108 -14.19 -31.50 22.80
C LEU B 108 -15.07 -32.72 22.45
N LYS B 109 -16.22 -32.45 21.85
CA LYS B 109 -17.09 -33.47 21.33
C LYS B 109 -16.74 -33.78 19.85
N SER B 110 -16.94 -35.01 19.40
CA SER B 110 -16.44 -35.44 18.08
C SER B 110 -17.14 -34.81 16.88
N ASP B 111 -18.34 -34.26 17.10
CA ASP B 111 -19.05 -33.50 16.08
C ASP B 111 -18.66 -32.02 16.06
N ASP B 112 -17.61 -31.63 16.77
CA ASP B 112 -17.16 -30.24 16.79
C ASP B 112 -16.12 -30.16 15.67
N PRO B 113 -16.15 -29.06 14.89
CA PRO B 113 -15.13 -29.02 13.85
C PRO B 113 -13.70 -28.94 14.42
N LEU B 114 -13.57 -28.58 15.70
CA LEU B 114 -12.24 -28.51 16.39
C LEU B 114 -11.83 -29.81 17.13
N TYR B 115 -12.55 -30.91 16.95
CA TYR B 115 -12.27 -32.14 17.67
C TYR B 115 -10.89 -32.67 17.33
N TYR B 116 -10.40 -32.37 16.15
CA TYR B 116 -9.08 -32.84 15.76
C TYR B 116 -7.98 -32.44 16.77
N LYS B 117 -8.20 -31.39 17.57
CA LYS B 117 -7.14 -30.91 18.45
C LYS B 117 -7.00 -31.89 19.55
N LYS B 118 -8.04 -32.64 19.78
CA LYS B 118 -8.03 -33.54 20.89
C LYS B 118 -7.16 -34.74 20.50
N GLY B 119 -7.19 -35.09 19.19
CA GLY B 119 -6.22 -36.09 18.62
C GLY B 119 -4.78 -35.62 18.66
N LYS B 120 -4.60 -34.34 18.29
CA LYS B 120 -3.30 -33.74 18.37
C LYS B 120 -2.76 -33.69 19.80
N LEU B 121 -3.61 -33.40 20.79
CA LEU B 121 -3.16 -33.43 22.22
C LEU B 121 -2.60 -34.79 22.59
N GLU B 122 -3.34 -35.80 22.18
CA GLU B 122 -2.99 -37.15 22.53
C GLU B 122 -1.77 -37.63 21.74
N GLU B 123 -1.66 -37.21 20.49
CA GLU B 123 -0.44 -37.41 19.78
C GLU B 123 0.75 -36.77 20.56
N VAL B 124 0.60 -35.52 21.01
CA VAL B 124 1.73 -34.87 21.78
C VAL B 124 2.13 -35.74 22.98
N GLU B 125 1.11 -36.26 23.64
CA GLU B 125 1.26 -36.95 24.90
C GLU B 125 1.98 -38.25 24.61
N ASN B 126 1.59 -38.87 23.49
CA ASN B 126 2.24 -40.08 23.05
C ASN B 126 3.74 -39.84 22.75
N ASN B 127 4.02 -38.75 22.05
CA ASN B 127 5.40 -38.35 21.80
C ASN B 127 6.21 -38.17 23.07
N LEU B 128 5.63 -37.52 24.06
CA LEU B 128 6.32 -37.22 25.28
C LEU B 128 6.55 -38.49 26.11
N ARG B 129 5.61 -39.44 26.04
CA ARG B 129 5.77 -40.70 26.77
C ARG B 129 6.98 -41.42 26.17
N SER B 130 6.95 -41.58 24.85
CA SER B 130 8.12 -42.09 24.15
C SER B 130 9.43 -41.36 24.49
N MET B 131 9.42 -40.04 24.74
CA MET B 131 10.70 -39.35 25.06
C MET B 131 11.04 -39.48 26.54
N GLY B 132 10.14 -40.01 27.35
CA GLY B 132 10.36 -40.15 28.76
C GLY B 132 10.07 -38.89 29.54
N LYS B 133 9.38 -37.91 28.92
CA LYS B 133 9.03 -36.68 29.59
C LYS B 133 7.67 -36.74 30.30
N LEU B 134 6.89 -37.74 29.99
CA LEU B 134 5.57 -37.95 30.60
C LEU B 134 5.32 -39.44 31.02
N GLY B 135 4.78 -39.64 32.22
CA GLY B 135 4.33 -40.94 32.67
C GLY B 135 3.28 -41.62 31.81
N GLU B 136 3.44 -42.93 31.68
CA GLU B 136 2.55 -43.80 30.92
C GLU B 136 1.14 -43.52 31.30
N LYS B 137 0.95 -43.20 32.57
CA LYS B 137 -0.34 -42.98 33.10
C LYS B 137 -0.62 -41.49 33.33
N GLU B 138 0.32 -40.62 32.99
CA GLU B 138 0.20 -39.23 33.35
C GLU B 138 -0.35 -38.44 32.19
N THR B 139 -1.33 -37.57 32.42
CA THR B 139 -1.69 -36.57 31.38
C THR B 139 -0.85 -35.33 31.49
N LEU B 140 -0.69 -34.65 30.36
CA LEU B 140 0.02 -33.39 30.29
C LEU B 140 -0.91 -32.30 30.87
N LYS B 141 -0.47 -31.70 31.97
CA LYS B 141 -1.36 -30.83 32.75
C LYS B 141 -1.59 -29.50 32.03
N GLU B 142 -0.51 -28.90 31.51
CA GLU B 142 -0.54 -27.65 30.76
C GLU B 142 0.76 -27.53 29.97
N VAL B 143 0.86 -26.51 29.08
CA VAL B 143 2.13 -26.09 28.46
C VAL B 143 2.38 -24.65 28.91
N GLY B 144 3.19 -24.52 29.98
CA GLY B 144 3.39 -23.24 30.66
C GLY B 144 4.76 -22.61 30.42
N CYS B 145 4.96 -21.39 30.94
CA CYS B 145 6.22 -20.67 30.77
C CYS B 145 7.39 -21.61 31.04
N ILE B 146 7.30 -22.40 32.12
CA ILE B 146 8.45 -23.21 32.52
C ILE B 146 8.73 -24.32 31.55
N ASP B 147 7.69 -24.82 30.89
CA ASP B 147 7.81 -25.92 29.92
C ASP B 147 8.57 -25.56 28.70
N CYS B 148 8.15 -24.46 28.05
CA CYS B 148 8.86 -23.97 26.89
C CYS B 148 10.21 -23.37 27.26
N HIS B 149 10.30 -22.67 28.40
CA HIS B 149 11.48 -21.83 28.61
C HIS B 149 12.57 -22.45 29.49
N VAL B 150 12.34 -23.68 29.92
CA VAL B 150 13.32 -24.39 30.71
C VAL B 150 13.34 -25.86 30.29
N ASP B 151 12.26 -26.60 30.55
CA ASP B 151 12.22 -28.01 30.18
C ASP B 151 10.79 -28.54 30.25
N VAL B 152 10.42 -29.35 29.25
CA VAL B 152 9.06 -29.87 29.12
C VAL B 152 8.67 -30.69 30.34
N ASN B 153 7.59 -30.26 31.01
CA ASN B 153 6.99 -30.97 32.11
C ASN B 153 7.89 -30.98 33.36
N LYS B 154 8.82 -30.02 33.42
CA LYS B 154 9.62 -29.75 34.58
C LYS B 154 8.81 -29.81 35.82
N LYS B 155 9.41 -30.40 36.83
CA LYS B 155 8.68 -30.73 38.03
C LYS B 155 9.13 -29.91 39.23
N ASP B 156 10.34 -29.38 39.17
CA ASP B 156 10.91 -28.64 40.29
C ASP B 156 11.32 -27.26 39.89
N LYS B 157 12.06 -26.60 40.77
CA LYS B 157 12.50 -25.22 40.59
C LYS B 157 13.52 -25.05 39.49
N ALA B 158 13.61 -23.84 38.96
CA ALA B 158 14.54 -23.49 37.91
C ALA B 158 15.25 -22.31 38.44
N ASP B 159 16.49 -22.10 38.02
CA ASP B 159 17.27 -20.92 38.34
C ASP B 159 17.24 -19.95 37.14
N HIS B 160 16.65 -18.79 37.35
CA HIS B 160 16.36 -17.81 36.30
C HIS B 160 17.62 -17.35 35.54
N THR B 161 18.77 -17.24 36.24
CA THR B 161 20.03 -16.86 35.62
C THR B 161 20.75 -18.00 34.89
N LYS B 162 20.30 -19.24 35.06
CA LYS B 162 21.02 -20.33 34.47
C LYS B 162 20.20 -21.23 33.53
N ASP B 163 18.93 -21.42 33.84
CA ASP B 163 18.12 -22.43 33.21
C ASP B 163 17.18 -21.92 32.08
N ILE B 164 17.03 -20.60 31.94
CA ILE B 164 16.07 -20.06 30.97
C ILE B 164 16.67 -20.10 29.58
N ARG B 165 15.89 -20.56 28.61
CA ARG B 165 16.27 -20.55 27.17
C ARG B 165 15.23 -19.83 26.27
N MET B 166 15.59 -19.56 25.04
CA MET B 166 14.59 -19.15 24.05
C MET B 166 14.16 -20.43 23.37
N PRO B 167 12.85 -20.71 23.35
CA PRO B 167 12.38 -21.93 22.68
C PRO B 167 12.67 -21.90 21.18
N THR B 168 13.44 -22.87 20.67
CA THR B 168 13.77 -22.92 19.23
C THR B 168 12.87 -23.96 18.55
N ALA B 169 13.05 -24.20 17.24
CA ALA B 169 12.15 -25.14 16.54
C ALA B 169 12.16 -26.55 17.20
N ASP B 170 13.36 -26.99 17.60
CA ASP B 170 13.55 -28.26 18.33
C ASP B 170 12.83 -28.28 19.68
N THR B 171 12.80 -27.15 20.34
CA THR B 171 12.04 -27.06 21.55
C THR B 171 10.57 -27.35 21.24
N CYS B 172 9.98 -26.63 20.26
CA CYS B 172 8.57 -26.89 19.89
C CYS B 172 8.38 -28.33 19.40
N GLY B 173 9.32 -28.87 18.63
CA GLY B 173 9.15 -30.19 18.06
C GLY B 173 9.21 -31.37 19.04
N THR B 174 9.62 -31.07 20.26
CA THR B 174 9.60 -32.06 21.35
C THR B 174 8.20 -32.55 21.43
N CYS B 175 7.23 -31.63 21.35
CA CYS B 175 5.85 -32.00 21.45
C CYS B 175 5.24 -32.08 20.07
N HIS B 176 5.50 -31.04 19.25
CA HIS B 176 4.97 -30.95 17.91
C HIS B 176 5.89 -31.62 16.88
N LEU B 177 6.10 -32.95 17.04
CA LEU B 177 7.03 -33.72 16.22
C LEU B 177 6.56 -33.77 14.78
N ARG B 178 5.28 -34.05 14.57
CA ARG B 178 4.71 -34.01 13.22
C ARG B 178 5.07 -32.70 12.45
N GLU B 179 4.66 -31.55 12.98
CA GLU B 179 4.84 -30.28 12.27
C GLU B 179 6.32 -30.00 12.07
N PHE B 180 7.12 -30.24 13.09
CA PHE B 180 8.58 -30.11 13.03
C PHE B 180 9.22 -30.97 11.94
N ALA B 181 8.81 -32.23 11.90
CA ALA B 181 9.23 -33.18 10.87
C ALA B 181 8.74 -32.72 9.50
N GLU B 182 7.46 -32.34 9.36
CA GLU B 182 6.99 -31.81 8.03
C GLU B 182 7.86 -30.65 7.50
N ARG B 183 8.16 -29.70 8.37
CA ARG B 183 8.96 -28.50 8.02
C ARG B 183 10.41 -28.94 7.70
N GLU B 184 11.03 -29.71 8.57
CA GLU B 184 12.35 -30.26 8.27
C GLU B 184 12.38 -31.09 6.95
N SER B 185 11.28 -31.73 6.56
CA SER B 185 11.29 -32.49 5.30
C SER B 185 11.51 -31.64 4.00
N GLU B 186 11.36 -30.32 4.11
CA GLU B 186 11.71 -29.40 2.98
C GLU B 186 13.18 -29.62 2.58
N ARG B 187 14.04 -29.88 3.58
CA ARG B 187 15.44 -30.21 3.29
C ARG B 187 15.52 -31.35 2.27
N ASP B 188 14.59 -32.29 2.36
CA ASP B 188 14.69 -33.48 1.52
C ASP B 188 13.83 -33.42 0.26
N THR B 189 12.68 -32.73 0.32
CA THR B 189 11.86 -32.60 -0.87
C THR B 189 12.30 -31.47 -1.85
N MET B 190 12.88 -30.38 -1.37
CA MET B 190 13.21 -29.32 -2.31
C MET B 190 14.55 -29.58 -3.01
N VAL B 191 14.53 -30.50 -3.99
CA VAL B 191 15.73 -30.81 -4.76
C VAL B 191 15.48 -30.48 -6.26
N TRP B 192 16.25 -29.58 -6.82
CA TRP B 192 15.99 -29.11 -8.16
C TRP B 192 16.51 -30.13 -9.22
N PRO B 193 15.90 -30.20 -10.43
CA PRO B 193 16.48 -31.25 -11.33
C PRO B 193 17.88 -30.98 -11.79
N ASN B 194 18.29 -29.71 -11.87
CA ASN B 194 19.67 -29.39 -12.30
C ASN B 194 20.36 -28.44 -11.40
N GLY B 195 20.18 -28.56 -10.08
CA GLY B 195 20.82 -27.63 -9.16
C GLY B 195 20.51 -26.13 -9.36
N GLN B 196 19.34 -25.81 -9.92
CA GLN B 196 18.90 -24.38 -10.01
C GLN B 196 19.10 -23.62 -8.72
N TRP B 197 18.82 -24.25 -7.61
CA TRP B 197 19.14 -23.69 -6.33
C TRP B 197 19.74 -24.83 -5.49
N PRO B 198 20.40 -24.48 -4.37
CA PRO B 198 21.00 -25.45 -3.48
C PRO B 198 19.92 -26.34 -3.01
N ALA B 199 20.22 -27.63 -2.89
CA ALA B 199 19.27 -28.65 -2.43
C ALA B 199 18.53 -28.23 -1.12
N GLY B 200 17.22 -28.33 -1.10
CA GLY B 200 16.47 -27.92 0.09
C GLY B 200 16.10 -26.43 0.14
N ARG B 201 16.50 -25.67 -0.86
CA ARG B 201 16.17 -24.25 -0.99
C ARG B 201 15.41 -23.92 -2.31
N PRO B 202 14.49 -22.92 -2.30
CA PRO B 202 14.16 -22.07 -1.11
C PRO B 202 13.22 -22.84 -0.13
N SER B 203 13.29 -22.54 1.18
CA SER B 203 12.42 -23.19 2.11
C SER B 203 12.48 -22.41 3.40
N HIS B 204 11.54 -22.75 4.30
CA HIS B 204 11.56 -22.24 5.65
C HIS B 204 12.56 -23.02 6.50
N ALA B 205 12.90 -24.27 6.06
CA ALA B 205 13.81 -25.08 6.81
C ALA B 205 15.18 -24.45 6.78
N LEU B 206 15.55 -23.81 5.67
CA LEU B 206 16.90 -23.22 5.52
C LEU B 206 16.97 -21.69 5.31
N ASP B 207 15.87 -21.00 5.64
CA ASP B 207 15.85 -19.54 5.50
C ASP B 207 17.03 -18.83 6.21
N TYR B 208 17.38 -19.24 7.44
CA TYR B 208 18.44 -18.55 8.22
C TYR B 208 19.86 -18.87 7.67
N THR B 209 20.07 -20.13 7.38
CA THR B 209 21.25 -20.54 6.62
C THR B 209 21.38 -19.71 5.36
N ALA B 210 20.29 -19.50 4.61
CA ALA B 210 20.40 -18.78 3.32
C ALA B 210 20.85 -17.35 3.58
N ASN B 211 20.28 -16.76 4.64
CA ASN B 211 20.62 -15.40 5.09
C ASN B 211 22.14 -15.23 5.43
N ILE B 212 22.65 -16.06 6.35
CA ILE B 212 24.04 -16.03 6.81
C ILE B 212 25.01 -16.59 5.77
N GLU B 213 24.52 -17.36 4.80
CA GLU B 213 25.31 -17.71 3.63
C GLU B 213 25.34 -16.69 2.49
N THR B 214 24.67 -15.54 2.64
CA THR B 214 24.70 -14.42 1.67
C THR B 214 25.84 -13.51 1.94
N THR B 215 26.72 -13.38 0.96
CA THR B 215 28.02 -12.75 1.15
C THR B 215 27.90 -11.33 1.73
N VAL B 216 27.04 -10.53 1.10
CA VAL B 216 26.94 -9.15 1.50
C VAL B 216 26.42 -8.99 2.90
N TRP B 217 25.59 -9.94 3.33
CA TRP B 217 25.08 -9.91 4.68
C TRP B 217 26.24 -10.07 5.67
N ALA B 218 27.13 -11.01 5.33
CA ALA B 218 28.20 -11.34 6.22
C ALA B 218 29.27 -10.24 6.16
N ALA B 219 29.44 -9.63 4.96
CA ALA B 219 30.55 -8.70 4.73
C ALA B 219 30.25 -7.24 5.10
N MET B 220 29.04 -6.74 4.84
CA MET B 220 28.76 -5.30 5.02
C MET B 220 28.98 -4.77 6.47
N PRO B 221 29.50 -3.54 6.63
CA PRO B 221 29.72 -3.05 8.03
C PRO B 221 28.45 -2.69 8.79
N GLN B 222 27.35 -2.34 8.09
CA GLN B 222 26.13 -1.90 8.79
C GLN B 222 25.35 -3.08 9.33
N ARG B 223 25.71 -3.52 10.56
CA ARG B 223 25.08 -4.76 11.14
C ARG B 223 23.53 -4.65 11.39
N GLU B 224 23.10 -3.50 11.87
CA GLU B 224 21.72 -3.26 12.14
C GLU B 224 20.88 -3.27 10.86
N VAL B 225 21.47 -2.83 9.74
CA VAL B 225 20.83 -3.02 8.43
C VAL B 225 20.71 -4.51 8.05
N ALA B 226 21.80 -5.27 8.22
CA ALA B 226 21.84 -6.69 7.90
C ALA B 226 20.87 -7.45 8.74
N GLU B 227 20.74 -7.08 10.00
CA GLU B 227 19.79 -7.76 10.87
C GLU B 227 18.32 -7.59 10.48
N GLY B 228 17.99 -6.54 9.70
CA GLY B 228 16.60 -6.48 9.13
C GLY B 228 16.36 -7.68 8.24
N CYS B 229 17.39 -8.06 7.47
CA CYS B 229 17.30 -9.21 6.62
C CYS B 229 17.08 -10.47 7.51
N THR B 230 17.90 -10.60 8.57
CA THR B 230 17.80 -11.71 9.47
C THR B 230 16.39 -11.82 10.01
N MET B 231 15.78 -10.69 10.34
CA MET B 231 14.35 -10.72 10.81
C MET B 231 13.32 -11.42 9.90
N CYS B 232 13.52 -11.36 8.58
CA CYS B 232 12.69 -12.14 7.63
C CYS B 232 13.11 -13.58 7.43
N HIS B 233 14.17 -14.01 8.12
CA HIS B 233 14.87 -15.26 7.82
C HIS B 233 15.03 -16.13 9.08
N THR B 234 14.06 -16.09 9.97
CA THR B 234 14.28 -16.81 11.27
C THR B 234 13.44 -18.09 11.44
N ASN B 235 12.61 -18.46 10.43
CA ASN B 235 11.77 -19.65 10.55
C ASN B 235 12.55 -20.93 10.92
N GLN B 236 13.68 -21.12 10.27
CA GLN B 236 14.59 -22.18 10.62
C GLN B 236 14.80 -22.32 12.12
N ASN B 237 15.02 -21.21 12.81
CA ASN B 237 15.39 -21.28 14.24
C ASN B 237 14.20 -21.25 15.19
N LYS B 238 13.09 -20.61 14.79
CA LYS B 238 12.02 -20.44 15.79
C LYS B 238 10.60 -20.57 15.13
N CYS B 239 9.61 -21.15 15.80
CA CYS B 239 8.35 -21.45 15.15
C CYS B 239 7.25 -20.43 15.34
N ASP B 240 7.58 -19.18 15.72
CA ASP B 240 6.51 -18.27 16.09
C ASP B 240 6.30 -17.13 15.11
N ASN B 241 6.70 -17.29 13.86
CA ASN B 241 6.58 -16.18 12.91
C ASN B 241 5.21 -16.18 12.20
N CYS B 242 4.55 -17.35 12.06
CA CYS B 242 3.18 -17.33 11.47
C CYS B 242 2.09 -17.32 12.55
N HIS B 243 2.27 -18.17 13.57
CA HIS B 243 1.39 -18.17 14.77
C HIS B 243 2.30 -17.73 15.92
N THR B 244 2.12 -16.49 16.36
CA THR B 244 3.15 -15.71 17.11
C THR B 244 3.04 -15.98 18.58
N ARG B 245 4.10 -15.74 19.36
CA ARG B 245 4.01 -15.80 20.83
C ARG B 245 3.10 -14.65 21.28
N HIS B 246 2.34 -14.76 22.39
CA HIS B 246 2.26 -15.92 23.20
C HIS B 246 0.93 -16.62 23.10
N GLU B 247 0.09 -16.21 22.17
CA GLU B 247 -1.20 -16.89 21.95
C GLU B 247 -1.02 -18.24 21.17
N PHE B 248 0.02 -18.30 20.37
CA PHE B 248 0.23 -19.47 19.50
C PHE B 248 -1.12 -19.95 18.86
N SER B 249 -1.75 -19.07 18.08
CA SER B 249 -3.07 -19.38 17.44
C SER B 249 -2.92 -19.89 16.02
N ALA B 250 -3.36 -21.13 15.79
CA ALA B 250 -3.34 -21.74 14.46
C ALA B 250 -4.24 -20.92 13.54
N ALA B 251 -5.35 -20.39 14.06
CA ALA B 251 -6.29 -19.49 13.31
C ALA B 251 -5.51 -18.28 12.77
N GLU B 252 -4.72 -17.63 13.65
CA GLU B 252 -3.89 -16.50 13.15
C GLU B 252 -2.95 -16.90 11.99
N SER B 253 -2.21 -18.01 12.13
CA SER B 253 -1.30 -18.48 11.09
C SER B 253 -1.98 -18.85 9.77
N ARG B 254 -3.27 -19.18 9.76
CA ARG B 254 -4.02 -19.35 8.47
C ARG B 254 -4.36 -18.05 7.70
N LYS B 255 -4.24 -16.92 8.42
CA LYS B 255 -4.67 -15.63 7.81
C LYS B 255 -3.55 -15.10 6.93
N PRO B 256 -3.88 -14.52 5.76
CA PRO B 256 -2.84 -14.05 4.80
C PRO B 256 -1.86 -13.08 5.47
N GLU B 257 -2.37 -12.32 6.47
CA GLU B 257 -1.56 -11.25 7.15
C GLU B 257 -0.38 -11.89 7.87
N ALA B 258 -0.51 -13.16 8.28
CA ALA B 258 0.65 -13.78 9.02
C ALA B 258 1.94 -13.92 8.14
N CYS B 259 1.83 -13.84 6.80
CA CYS B 259 2.95 -14.14 5.88
C CYS B 259 3.54 -12.87 5.34
N ALA B 260 2.78 -11.78 5.59
CA ALA B 260 2.97 -10.54 4.88
C ALA B 260 4.17 -9.77 5.34
N THR B 261 4.55 -9.85 6.63
CA THR B 261 5.73 -9.09 7.08
C THR B 261 6.97 -9.50 6.30
N CYS B 262 7.06 -10.78 5.97
CA CYS B 262 8.25 -11.29 5.22
C CYS B 262 8.05 -11.36 3.68
N HIS B 263 6.89 -11.79 3.22
CA HIS B 263 6.69 -12.00 1.79
C HIS B 263 5.98 -10.78 1.21
N SER B 264 6.71 -9.67 1.20
CA SER B 264 6.23 -8.45 0.67
C SER B 264 7.46 -7.65 0.17
N GLY B 265 7.24 -6.50 -0.50
CA GLY B 265 8.40 -5.65 -0.89
C GLY B 265 8.94 -5.67 -2.31
N VAL B 266 9.98 -4.86 -2.57
CA VAL B 266 10.38 -4.65 -3.95
C VAL B 266 10.82 -5.87 -4.73
N ASP B 267 11.28 -6.93 -4.08
CA ASP B 267 11.75 -8.08 -4.81
C ASP B 267 10.85 -9.35 -4.65
N HIS B 268 9.69 -9.21 -4.02
CA HIS B 268 8.71 -10.33 -3.89
C HIS B 268 7.51 -9.75 -3.22
N ASN B 269 6.67 -9.15 -4.03
CA ASN B 269 5.55 -8.42 -3.51
C ASN B 269 4.29 -9.30 -3.38
N ASN B 270 4.44 -10.43 -2.67
CA ASN B 270 3.38 -11.37 -2.61
C ASN B 270 2.17 -10.83 -1.89
N TRP B 271 2.36 -10.24 -0.72
CA TRP B 271 1.25 -9.66 0.01
C TRP B 271 0.53 -8.65 -0.90
N GLU B 272 1.31 -7.81 -1.58
CA GLU B 272 0.70 -6.72 -2.37
C GLU B 272 -0.12 -7.29 -3.55
N ALA B 273 0.45 -8.24 -4.29
CA ALA B 273 -0.19 -8.78 -5.47
C ALA B 273 -1.39 -9.60 -5.02
N TYR B 274 -1.23 -10.51 -4.04
CA TYR B 274 -2.37 -11.28 -3.54
C TYR B 274 -3.53 -10.40 -2.99
N THR B 275 -3.25 -9.42 -2.11
CA THR B 275 -4.30 -8.62 -1.56
C THR B 275 -5.00 -7.75 -2.63
N MET B 276 -4.36 -7.46 -3.75
CA MET B 276 -5.04 -6.63 -4.76
C MET B 276 -5.80 -7.50 -5.78
N SER B 277 -5.46 -8.81 -5.88
CA SER B 277 -6.22 -9.79 -6.69
C SER B 277 -7.67 -9.88 -6.19
N LYS B 278 -8.56 -10.35 -7.06
CA LYS B 278 -9.92 -10.67 -6.64
C LYS B 278 -9.86 -11.62 -5.44
N HIS B 279 -9.08 -12.69 -5.51
CA HIS B 279 -8.85 -13.62 -4.41
C HIS B 279 -8.62 -12.90 -3.10
N GLY B 280 -7.66 -11.96 -3.04
CA GLY B 280 -7.28 -11.43 -1.72
C GLY B 280 -8.25 -10.33 -1.27
N LYS B 281 -8.77 -9.61 -2.29
CA LYS B 281 -9.88 -8.70 -2.04
C LYS B 281 -11.08 -9.37 -1.37
N LEU B 282 -11.50 -10.52 -1.90
CA LEU B 282 -12.60 -11.36 -1.32
C LEU B 282 -12.26 -11.84 0.06
N ALA B 283 -11.02 -12.28 0.26
CA ALA B 283 -10.55 -12.63 1.62
C ALA B 283 -10.66 -11.47 2.62
N GLU B 284 -10.37 -10.23 2.19
CA GLU B 284 -10.60 -9.08 3.06
C GLU B 284 -12.10 -8.95 3.35
N MET B 285 -12.90 -9.09 2.30
CA MET B 285 -14.31 -8.80 2.46
C MET B 285 -14.99 -9.88 3.24
N ASN B 286 -14.48 -11.10 3.19
CA ASN B 286 -15.18 -12.16 3.90
C ASN B 286 -14.53 -12.64 5.17
N ARG B 287 -13.48 -11.97 5.63
CA ARG B 287 -12.75 -12.54 6.75
C ARG B 287 -13.65 -12.74 7.90
N ASP B 288 -14.75 -12.01 7.95
CA ASP B 288 -15.56 -12.18 9.15
C ASP B 288 -16.64 -13.25 9.05
N LYS B 289 -16.82 -13.77 7.85
CA LYS B 289 -17.73 -14.86 7.64
C LYS B 289 -17.01 -16.19 7.70
N TRP B 290 -15.67 -16.25 7.65
CA TRP B 290 -14.99 -17.57 7.60
C TRP B 290 -14.70 -18.11 9.03
N ASN B 291 -14.76 -19.43 9.26
CA ASN B 291 -14.29 -19.92 10.52
C ASN B 291 -12.84 -20.30 10.37
N TRP B 292 -12.00 -19.47 10.97
CA TRP B 292 -10.58 -19.61 10.77
C TRP B 292 -10.07 -20.69 11.72
N GLU B 293 -10.88 -21.12 12.68
CA GLU B 293 -10.45 -22.07 13.70
C GLU B 293 -10.40 -23.51 13.19
N VAL B 294 -11.13 -23.78 12.10
CA VAL B 294 -11.09 -25.12 11.53
C VAL B 294 -9.81 -25.37 10.72
N ARG B 295 -9.39 -26.61 10.63
CA ARG B 295 -8.15 -26.91 9.97
C ARG B 295 -8.24 -26.63 8.52
N LEU B 296 -7.09 -26.40 7.91
CA LEU B 296 -7.06 -26.10 6.47
C LEU B 296 -7.83 -27.16 5.63
N LYS B 297 -7.74 -28.46 6.00
CA LYS B 297 -8.36 -29.58 5.29
C LYS B 297 -9.88 -29.28 5.22
N ASP B 298 -10.39 -28.56 6.23
CA ASP B 298 -11.83 -28.25 6.34
C ASP B 298 -12.23 -26.82 5.95
N ALA B 299 -11.26 -25.98 5.58
CA ALA B 299 -11.57 -24.54 5.38
C ALA B 299 -12.66 -24.32 4.38
N PHE B 300 -12.58 -25.02 3.25
CA PHE B 300 -13.55 -24.85 2.20
C PHE B 300 -14.90 -25.48 2.49
N SER B 301 -14.97 -26.39 3.43
CA SER B 301 -16.27 -26.99 3.69
C SER B 301 -16.82 -26.41 4.96
N LYS B 302 -16.34 -26.92 6.07
CA LYS B 302 -16.71 -26.41 7.38
C LYS B 302 -16.33 -24.94 7.64
N GLY B 303 -15.27 -24.39 7.03
CA GLY B 303 -14.89 -22.99 7.39
C GLY B 303 -15.75 -21.97 6.63
N GLY B 304 -16.44 -22.48 5.60
CA GLY B 304 -17.26 -21.68 4.69
C GLY B 304 -16.34 -20.81 3.83
N GLN B 305 -15.04 -21.10 3.84
CA GLN B 305 -14.08 -20.30 3.05
C GLN B 305 -14.30 -20.46 1.56
N ASN B 306 -14.45 -19.34 0.88
CA ASN B 306 -14.83 -19.42 -0.52
C ASN B 306 -13.83 -18.73 -1.43
N ALA B 307 -12.76 -18.21 -0.86
CA ALA B 307 -11.69 -17.68 -1.71
C ALA B 307 -10.39 -18.19 -1.16
N PRO B 308 -9.35 -18.32 -2.00
CA PRO B 308 -8.17 -18.99 -1.49
C PRO B 308 -7.25 -18.01 -0.72
N THR B 309 -6.41 -18.57 0.13
CA THR B 309 -5.49 -17.80 0.89
C THR B 309 -4.09 -18.39 0.73
N CYS B 310 -3.05 -17.61 1.14
CA CYS B 310 -1.65 -18.06 1.16
C CYS B 310 -1.48 -19.44 1.70
N ALA B 311 -1.96 -19.69 2.93
CA ALA B 311 -1.69 -20.99 3.56
C ALA B 311 -2.43 -22.09 2.79
N ALA B 312 -3.67 -21.81 2.36
CA ALA B 312 -4.47 -22.86 1.68
C ALA B 312 -3.87 -23.19 0.33
N CYS B 313 -3.36 -22.21 -0.41
CA CYS B 313 -2.67 -22.61 -1.65
C CYS B 313 -1.36 -23.33 -1.39
N HIS B 314 -0.52 -22.77 -0.53
CA HIS B 314 0.94 -23.23 -0.47
C HIS B 314 1.19 -24.37 0.48
N MET B 315 0.28 -24.62 1.42
CA MET B 315 0.45 -25.79 2.26
C MET B 315 -0.21 -27.05 1.75
N GLU B 316 -0.97 -26.93 0.69
CA GLU B 316 -1.78 -28.05 0.20
C GLU B 316 -0.87 -28.79 -0.78
N TYR B 317 -0.93 -30.12 -0.79
CA TYR B 317 -0.17 -30.85 -1.79
C TYR B 317 -0.85 -32.17 -2.01
N GLU B 318 -1.39 -32.38 -3.21
CA GLU B 318 -2.03 -33.63 -3.55
C GLU B 318 -3.12 -34.00 -2.52
N GLY B 319 -3.97 -33.04 -2.14
CA GLY B 319 -5.06 -33.27 -1.19
C GLY B 319 -4.71 -33.26 0.29
N GLU B 320 -3.44 -33.20 0.68
CA GLU B 320 -3.15 -33.07 2.10
C GLU B 320 -2.52 -31.68 2.43
N TYR B 321 -2.47 -31.29 3.70
CA TYR B 321 -1.87 -30.00 4.15
C TYR B 321 -0.76 -30.36 5.14
N THR B 322 0.39 -29.71 5.02
CA THR B 322 1.52 -29.92 5.94
C THR B 322 2.32 -28.64 6.01
N HIS B 323 3.22 -28.55 6.99
CA HIS B 323 4.09 -27.44 7.06
C HIS B 323 5.20 -27.46 5.97
N ASN B 324 5.18 -28.37 5.03
CA ASN B 324 6.20 -28.33 3.97
C ASN B 324 5.64 -27.49 2.83
N ILE B 325 6.29 -26.34 2.52
CA ILE B 325 5.71 -25.45 1.52
C ILE B 325 6.45 -25.47 0.17
N THR B 326 7.28 -26.48 -0.07
CA THR B 326 8.17 -26.48 -1.25
C THR B 326 7.74 -27.35 -2.44
N ARG B 327 6.79 -28.24 -2.24
CA ARG B 327 6.59 -29.26 -3.23
C ARG B 327 6.02 -28.88 -4.56
N LYS B 328 5.38 -27.73 -4.70
CA LYS B 328 4.74 -27.34 -5.96
C LYS B 328 5.53 -26.22 -6.61
N THR B 329 6.68 -25.89 -6.01
CA THR B 329 7.47 -24.77 -6.50
C THR B 329 8.06 -25.06 -7.87
N ARG B 330 7.90 -24.10 -8.80
CA ARG B 330 8.42 -24.23 -10.18
C ARG B 330 9.31 -23.03 -10.55
N TRP B 331 8.79 -21.83 -10.37
CA TRP B 331 9.51 -20.58 -10.77
C TRP B 331 10.41 -20.03 -9.63
N ALA B 332 10.02 -20.29 -8.41
CA ALA B 332 10.72 -19.78 -7.24
C ALA B 332 11.07 -18.30 -7.31
N ASN B 333 10.08 -17.48 -7.63
CA ASN B 333 10.12 -16.05 -7.48
C ASN B 333 10.97 -15.28 -8.52
N TYR B 334 12.24 -15.69 -8.72
CA TYR B 334 13.18 -14.93 -9.54
C TYR B 334 13.36 -15.61 -10.89
N PRO B 335 12.67 -15.12 -11.94
CA PRO B 335 12.60 -15.92 -13.17
C PRO B 335 13.93 -15.96 -13.99
N PHE B 336 14.92 -15.16 -13.59
CA PHE B 336 16.18 -15.08 -14.32
C PHE B 336 17.28 -16.01 -13.75
N VAL B 337 17.03 -16.68 -12.61
CA VAL B 337 18.01 -17.60 -12.05
C VAL B 337 18.36 -18.69 -13.14
N PRO B 338 19.67 -18.91 -13.44
CA PRO B 338 20.05 -19.82 -14.56
C PRO B 338 19.39 -21.20 -14.44
N GLY B 339 18.74 -21.67 -15.48
CA GLY B 339 18.15 -23.03 -15.53
C GLY B 339 16.65 -23.10 -15.15
N ILE B 340 16.14 -22.04 -14.54
CA ILE B 340 14.74 -21.99 -14.12
C ILE B 340 13.84 -21.85 -15.33
N ALA B 341 14.01 -20.83 -16.17
CA ALA B 341 13.11 -20.75 -17.35
C ALA B 341 13.19 -21.97 -18.26
N GLU B 342 14.42 -22.42 -18.53
CA GLU B 342 14.57 -23.56 -19.40
C GLU B 342 14.08 -24.84 -18.74
N ASN B 343 13.99 -24.94 -17.42
CA ASN B 343 13.38 -26.11 -16.78
C ASN B 343 11.85 -26.06 -16.75
N ILE B 344 11.28 -24.92 -17.15
CA ILE B 344 9.80 -24.74 -17.02
C ILE B 344 8.93 -25.76 -17.77
N THR B 345 9.47 -26.37 -18.85
CA THR B 345 8.74 -27.41 -19.60
C THR B 345 9.18 -28.83 -19.24
N SER B 346 9.98 -29.03 -18.22
CA SER B 346 10.47 -30.39 -17.99
C SER B 346 9.29 -31.19 -17.49
N ASP B 347 9.48 -32.51 -17.45
CA ASP B 347 8.56 -33.40 -16.78
C ASP B 347 8.36 -33.10 -15.28
N TRP B 348 9.46 -32.84 -14.59
CA TRP B 348 9.41 -32.41 -13.22
C TRP B 348 8.49 -31.16 -13.01
N SER B 349 8.62 -30.12 -13.83
CA SER B 349 7.76 -28.91 -13.63
C SER B 349 6.31 -29.21 -13.90
N GLU B 350 6.08 -29.99 -14.95
CA GLU B 350 4.76 -30.34 -15.45
C GLU B 350 4.00 -31.15 -14.38
N ALA B 351 4.69 -32.03 -13.65
CA ALA B 351 4.06 -32.75 -12.52
C ALA B 351 3.68 -31.79 -11.36
N ARG B 352 4.50 -30.76 -11.18
CA ARG B 352 4.25 -29.69 -10.17
C ARG B 352 3.10 -28.81 -10.67
N LEU B 353 3.09 -28.56 -11.98
CA LEU B 353 2.02 -27.84 -12.62
C LEU B 353 0.74 -28.62 -12.40
N ASP B 354 0.77 -29.95 -12.57
CA ASP B 354 -0.43 -30.79 -12.27
C ASP B 354 -0.90 -30.64 -10.84
N SER B 355 0.01 -30.61 -9.86
CA SER B 355 -0.35 -30.42 -8.46
C SER B 355 -1.06 -29.09 -8.21
N TRP B 356 -0.58 -28.01 -8.81
CA TRP B 356 -1.26 -26.72 -8.81
C TRP B 356 -2.68 -26.76 -9.41
N VAL B 357 -2.83 -27.41 -10.56
CA VAL B 357 -4.18 -27.64 -11.12
C VAL B 357 -5.15 -28.26 -10.11
N LEU B 358 -4.67 -29.23 -9.36
CA LEU B 358 -5.43 -29.85 -8.29
C LEU B 358 -5.91 -28.83 -7.31
N THR B 359 -5.00 -27.97 -6.86
CA THR B 359 -5.31 -26.86 -5.96
C THR B 359 -6.38 -25.92 -6.51
N CYS B 360 -6.17 -25.38 -7.72
CA CYS B 360 -7.14 -24.44 -8.32
C CYS B 360 -8.54 -25.07 -8.54
N THR B 361 -8.57 -26.37 -8.86
CA THR B 361 -9.81 -27.01 -9.26
C THR B 361 -10.67 -27.40 -8.08
N GLN B 362 -10.26 -27.09 -6.85
CA GLN B 362 -11.23 -27.10 -5.79
C GLN B 362 -12.34 -26.09 -6.08
N CYS B 363 -12.05 -25.08 -6.93
CA CYS B 363 -12.97 -24.03 -7.22
C CYS B 363 -13.18 -23.99 -8.70
N HIS B 364 -12.17 -23.69 -9.52
CA HIS B 364 -12.36 -23.44 -10.95
C HIS B 364 -12.42 -24.73 -11.75
N SER B 365 -13.00 -24.72 -12.96
CA SER B 365 -12.79 -25.88 -13.84
C SER B 365 -11.30 -26.01 -14.21
N GLU B 366 -10.92 -27.18 -14.70
CA GLU B 366 -9.56 -27.48 -15.06
C GLU B 366 -9.12 -26.67 -16.25
N ARG B 367 -10.03 -26.57 -17.21
CA ARG B 367 -9.82 -25.78 -18.40
C ARG B 367 -9.52 -24.31 -18.07
N PHE B 368 -10.25 -23.77 -17.10
CA PHE B 368 -10.05 -22.38 -16.70
C PHE B 368 -8.63 -22.26 -16.01
N ALA B 369 -8.32 -23.18 -15.08
CA ALA B 369 -7.10 -23.08 -14.27
C ALA B 369 -5.89 -23.20 -15.16
N ARG B 370 -5.93 -24.17 -16.07
CA ARG B 370 -4.82 -24.39 -17.00
C ARG B 370 -4.71 -23.24 -17.97
N SER B 371 -5.82 -22.58 -18.33
CA SER B 371 -5.74 -21.40 -19.24
C SER B 371 -4.98 -20.27 -18.57
N TYR B 372 -5.25 -20.15 -17.28
CA TYR B 372 -4.63 -19.05 -16.56
C TYR B 372 -3.15 -19.38 -16.29
N LEU B 373 -2.89 -20.59 -15.83
CA LEU B 373 -1.54 -20.93 -15.47
C LEU B 373 -0.64 -20.84 -16.72
N ASP B 374 -1.19 -21.12 -17.88
CA ASP B 374 -0.50 -20.95 -19.15
C ASP B 374 -0.12 -19.49 -19.39
N LEU B 375 -1.09 -18.61 -19.18
CA LEU B 375 -0.81 -17.16 -19.21
C LEU B 375 0.31 -16.73 -18.16
N MET B 376 0.27 -17.31 -16.98
CA MET B 376 1.31 -16.96 -15.97
C MET B 376 2.71 -17.37 -16.51
N ASP B 377 2.84 -18.59 -17.02
CA ASP B 377 4.14 -19.09 -17.56
C ASP B 377 4.63 -18.26 -18.74
N LYS B 378 3.77 -18.05 -19.71
CA LYS B 378 4.17 -17.30 -20.86
C LYS B 378 4.38 -15.79 -20.53
N GLY B 379 3.50 -15.23 -19.68
CA GLY B 379 3.73 -13.80 -19.32
C GLY B 379 5.10 -13.66 -18.62
N THR B 380 5.52 -14.65 -17.84
CA THR B 380 6.82 -14.53 -17.09
C THR B 380 8.01 -14.59 -18.08
N LEU B 381 7.89 -15.47 -19.08
CA LEU B 381 8.87 -15.56 -20.14
C LEU B 381 8.99 -14.27 -20.96
N GLU B 382 7.86 -13.64 -21.29
CA GLU B 382 7.84 -12.33 -21.92
C GLU B 382 8.54 -11.27 -21.12
N GLY B 383 8.26 -11.22 -19.82
CA GLY B 383 9.04 -10.36 -18.94
C GLY B 383 10.56 -10.65 -19.09
N LEU B 384 10.89 -11.95 -18.95
CA LEU B 384 12.25 -12.38 -18.95
C LEU B 384 12.95 -11.95 -20.24
N ALA B 385 12.25 -12.05 -21.38
CA ALA B 385 12.88 -11.71 -22.69
C ALA B 385 13.34 -10.25 -22.69
N LYS B 386 12.49 -9.43 -22.14
CA LYS B 386 12.67 -7.99 -22.12
C LYS B 386 13.87 -7.50 -21.30
N TYR B 387 14.04 -8.05 -20.11
CA TYR B 387 15.21 -7.84 -19.27
C TYR B 387 16.44 -8.41 -20.00
N GLN B 388 16.28 -9.61 -20.61
CA GLN B 388 17.42 -10.23 -21.27
C GLN B 388 18.02 -9.32 -22.38
N GLU B 389 17.14 -8.67 -23.14
CA GLU B 389 17.55 -7.70 -24.10
C GLU B 389 18.33 -6.55 -23.45
N ALA B 390 17.83 -6.08 -22.29
CA ALA B 390 18.45 -4.96 -21.62
C ALA B 390 19.81 -5.33 -21.04
N ASN B 391 19.89 -6.53 -20.48
CA ASN B 391 21.11 -6.94 -19.85
C ASN B 391 22.18 -7.14 -20.91
N ALA B 392 21.78 -7.52 -22.14
CA ALA B 392 22.77 -7.73 -23.26
C ALA B 392 23.61 -6.45 -23.39
N ILE B 393 22.92 -5.32 -23.33
CA ILE B 393 23.53 -4.00 -23.55
C ILE B 393 24.49 -3.68 -22.43
N VAL B 394 24.01 -3.82 -21.19
CA VAL B 394 24.77 -3.36 -20.06
C VAL B 394 25.91 -4.34 -19.79
N HIS B 395 25.64 -5.62 -20.03
CA HIS B 395 26.65 -6.62 -19.84
C HIS B 395 27.80 -6.41 -20.81
N LYS B 396 27.46 -6.12 -22.08
CA LYS B 396 28.42 -5.74 -23.10
C LYS B 396 29.32 -4.59 -22.63
N MET B 397 28.71 -3.55 -22.08
CA MET B 397 29.48 -2.45 -21.49
C MET B 397 30.47 -2.84 -20.40
N TYR B 398 30.02 -3.67 -19.45
CA TYR B 398 30.91 -4.14 -18.40
C TYR B 398 32.12 -4.89 -18.96
N GLU B 399 31.85 -5.80 -19.89
CA GLU B 399 32.92 -6.63 -20.51
C GLU B 399 33.85 -5.79 -21.37
N ASP B 400 33.29 -4.77 -22.01
CA ASP B 400 34.00 -3.79 -22.87
C ASP B 400 34.82 -2.80 -22.06
N GLY B 401 34.60 -2.79 -20.75
CA GLY B 401 35.24 -1.86 -19.86
C GLY B 401 34.68 -0.47 -19.87
N THR B 402 33.47 -0.29 -20.39
CA THR B 402 32.95 1.05 -20.63
C THR B 402 31.93 1.63 -19.58
N LEU B 403 31.62 0.93 -18.49
CA LEU B 403 30.75 1.54 -17.50
C LEU B 403 31.40 2.76 -16.89
N THR B 404 30.57 3.66 -16.37
CA THR B 404 31.04 4.89 -15.75
C THR B 404 31.93 4.60 -14.56
N GLY B 405 33.15 5.16 -14.56
CA GLY B 405 34.10 5.01 -13.46
C GLY B 405 34.66 3.59 -13.38
N GLN B 406 34.34 2.75 -14.36
CA GLN B 406 34.75 1.35 -14.31
C GLN B 406 36.26 1.19 -14.19
N LYS B 407 36.99 2.08 -14.85
CA LYS B 407 38.43 1.95 -14.86
C LYS B 407 39.09 2.86 -13.84
N THR B 408 38.38 3.87 -13.39
CA THR B 408 38.94 4.93 -12.57
C THR B 408 38.44 5.03 -11.13
N ASN B 409 37.32 4.40 -10.81
CA ASN B 409 36.74 4.57 -9.51
C ASN B 409 35.78 3.48 -9.12
N ARG B 410 36.23 2.25 -9.20
CA ARG B 410 35.39 1.13 -8.91
C ARG B 410 36.04 0.38 -7.79
N PRO B 411 35.97 0.86 -6.58
CA PRO B 411 36.60 0.01 -5.55
C PRO B 411 35.96 -1.38 -5.33
N ASN B 412 36.77 -2.32 -4.86
CA ASN B 412 36.30 -3.67 -4.53
C ASN B 412 35.41 -3.70 -3.31
N PRO B 413 34.44 -4.61 -3.32
CA PRO B 413 33.47 -4.87 -2.24
C PRO B 413 34.13 -5.44 -0.98
N PRO B 414 33.44 -5.32 0.17
CA PRO B 414 34.06 -5.82 1.41
C PRO B 414 34.19 -7.37 1.41
N GLU B 415 35.24 -7.86 2.06
CA GLU B 415 35.58 -9.28 2.10
C GLU B 415 34.49 -10.12 2.78
N PRO B 416 34.26 -11.33 2.33
CA PRO B 416 35.01 -12.02 1.31
C PRO B 416 34.38 -11.92 -0.06
N GLU B 417 33.73 -10.81 -0.38
CA GLU B 417 33.16 -10.68 -1.71
C GLU B 417 34.24 -10.51 -2.80
N LYS B 418 33.97 -11.02 -4.00
CA LYS B 418 34.79 -10.81 -5.17
C LYS B 418 34.12 -9.81 -6.11
N PRO B 419 34.93 -8.96 -6.77
CA PRO B 419 34.38 -8.01 -7.74
C PRO B 419 33.62 -8.74 -8.81
N GLY B 420 32.49 -8.22 -9.24
CA GLY B 420 31.75 -8.79 -10.38
C GLY B 420 30.81 -7.76 -11.02
N PHE B 421 30.01 -8.24 -11.95
CA PHE B 421 29.00 -7.44 -12.60
C PHE B 421 27.62 -7.72 -12.10
N GLY B 422 26.87 -6.69 -11.75
CA GLY B 422 25.46 -6.86 -11.42
C GLY B 422 25.24 -7.93 -10.36
N ILE B 423 25.95 -7.81 -9.24
CA ILE B 423 25.96 -8.86 -8.23
C ILE B 423 25.09 -8.48 -7.05
N PHE B 424 24.49 -9.46 -6.41
CA PHE B 424 23.58 -9.15 -5.30
C PHE B 424 24.22 -8.12 -4.33
N THR B 425 25.49 -8.27 -4.05
CA THR B 425 26.11 -7.32 -3.14
C THR B 425 25.88 -5.79 -3.42
N GLN B 426 25.85 -5.43 -4.67
CA GLN B 426 25.63 -4.06 -5.05
C GLN B 426 24.24 -3.52 -4.67
N LEU B 427 23.34 -4.34 -4.12
CA LEU B 427 22.06 -3.77 -3.64
C LEU B 427 22.19 -3.30 -2.20
N PHE B 428 23.22 -3.76 -1.47
CA PHE B 428 23.37 -3.46 -0.03
C PHE B 428 24.71 -2.82 0.23
N TRP B 429 25.51 -2.65 -0.81
CA TRP B 429 26.80 -1.97 -0.60
C TRP B 429 27.16 -1.26 -1.89
N SER B 430 27.61 -0.01 -1.80
CA SER B 430 28.03 0.80 -2.91
C SER B 430 29.11 1.74 -2.38
N LYS B 431 30.07 2.09 -3.27
CA LYS B 431 31.21 2.96 -2.96
C LYS B 431 31.81 3.39 -4.28
N GLY B 432 32.10 4.70 -4.43
CA GLY B 432 32.55 5.28 -5.72
C GLY B 432 31.57 4.91 -6.80
N ASN B 433 32.00 4.27 -7.87
CA ASN B 433 31.14 3.85 -8.96
C ASN B 433 31.04 2.32 -8.99
N ASN B 434 31.18 1.73 -7.82
CA ASN B 434 30.85 0.33 -7.72
C ASN B 434 29.58 0.20 -6.88
N PRO B 435 28.43 -0.05 -7.54
CA PRO B 435 28.26 -0.23 -9.02
C PRO B 435 28.11 1.08 -9.77
N ALA B 436 28.09 1.00 -11.10
CA ALA B 436 27.69 2.09 -11.98
C ALA B 436 26.12 2.14 -11.99
N SER B 437 25.55 3.29 -12.36
CA SER B 437 24.12 3.52 -12.44
C SER B 437 23.40 2.56 -13.37
N LEU B 438 23.89 2.44 -14.60
CA LEU B 438 23.32 1.49 -15.57
C LEU B 438 23.36 0.03 -15.02
N GLU B 439 24.40 -0.28 -14.24
CA GLU B 439 24.55 -1.61 -13.74
C GLU B 439 23.47 -1.90 -12.65
N LEU B 440 23.33 -0.96 -11.70
CA LEU B 440 22.28 -1.07 -10.71
C LEU B 440 20.87 -1.11 -11.36
N LYS B 441 20.62 -0.26 -12.36
CA LYS B 441 19.38 -0.22 -13.10
C LYS B 441 18.97 -1.60 -13.64
N VAL B 442 19.87 -2.23 -14.37
CA VAL B 442 19.56 -3.52 -14.95
C VAL B 442 19.50 -4.63 -13.90
N LEU B 443 20.25 -4.51 -12.81
CA LEU B 443 20.26 -5.50 -11.73
C LEU B 443 18.87 -5.37 -11.10
N GLU B 444 18.44 -4.14 -10.85
CA GLU B 444 17.12 -3.93 -10.33
C GLU B 444 16.01 -4.33 -11.28
N MET B 445 16.26 -4.22 -12.61
CA MET B 445 15.21 -4.61 -13.60
C MET B 445 14.85 -6.11 -13.46
N ALA B 446 15.85 -6.91 -13.14
CA ALA B 446 15.66 -8.35 -12.97
C ALA B 446 15.20 -8.65 -11.51
N GLU B 447 15.98 -8.19 -10.55
CA GLU B 447 15.79 -8.56 -9.14
C GLU B 447 14.49 -8.02 -8.58
N ASN B 448 14.07 -6.87 -9.08
CA ASN B 448 12.91 -6.23 -8.55
C ASN B 448 11.76 -6.30 -9.48
N ASN B 449 11.91 -5.66 -10.62
CA ASN B 449 10.81 -5.51 -11.52
C ASN B 449 10.33 -6.78 -12.24
N LEU B 450 11.25 -7.60 -12.70
CA LEU B 450 10.89 -8.90 -13.31
C LEU B 450 10.33 -9.85 -12.27
N ALA B 451 10.96 -9.93 -11.10
CA ALA B 451 10.42 -10.69 -9.99
C ALA B 451 8.96 -10.27 -9.59
N LYS B 452 8.68 -8.97 -9.38
CA LYS B 452 7.30 -8.51 -9.08
C LYS B 452 6.35 -8.81 -10.21
N MET B 453 6.84 -8.66 -11.44
CA MET B 453 6.03 -9.05 -12.60
C MET B 453 5.54 -10.48 -12.46
N HIS B 454 6.44 -11.37 -12.05
CA HIS B 454 6.11 -12.77 -12.06
C HIS B 454 5.13 -13.02 -10.89
N VAL B 455 5.43 -12.38 -9.75
CA VAL B 455 4.54 -12.48 -8.53
C VAL B 455 3.12 -12.01 -8.87
N GLY B 456 3.02 -10.91 -9.62
CA GLY B 456 1.70 -10.35 -10.08
C GLY B 456 0.99 -11.38 -10.92
N LEU B 457 1.73 -11.98 -11.86
CA LEU B 457 1.15 -13.08 -12.70
C LEU B 457 0.63 -14.26 -11.85
N ALA B 458 1.46 -14.68 -10.92
CA ALA B 458 1.15 -15.90 -10.14
C ALA B 458 0.00 -15.66 -9.21
N HIS B 459 -0.15 -14.41 -8.78
CA HIS B 459 -1.18 -14.09 -7.76
C HIS B 459 -2.35 -13.34 -8.33
N VAL B 460 -2.48 -13.35 -9.67
CA VAL B 460 -3.73 -12.91 -10.33
C VAL B 460 -4.03 -11.41 -10.06
N ASN B 461 -2.99 -10.56 -10.07
CA ASN B 461 -3.22 -9.12 -9.99
C ASN B 461 -2.79 -8.44 -11.28
N PRO B 462 -3.73 -8.18 -12.18
CA PRO B 462 -3.40 -7.69 -13.53
C PRO B 462 -2.62 -6.40 -13.56
N GLY B 463 -2.91 -5.47 -12.68
CA GLY B 463 -2.11 -4.24 -12.72
C GLY B 463 -0.67 -4.48 -12.23
N GLY B 464 -0.47 -5.58 -11.51
CA GLY B 464 0.83 -5.97 -10.92
C GLY B 464 1.72 -6.70 -11.89
N TRP B 465 1.28 -6.85 -13.13
CA TRP B 465 2.23 -7.26 -14.15
C TRP B 465 2.14 -6.42 -15.37
N THR B 466 1.21 -5.46 -15.37
CA THR B 466 1.06 -4.57 -16.50
C THR B 466 1.54 -3.13 -16.24
N TYR B 467 0.64 -2.26 -15.78
CA TYR B 467 0.88 -0.83 -15.60
C TYR B 467 1.78 -0.53 -14.43
N THR B 468 1.47 -1.15 -13.30
CA THR B 468 1.95 -0.64 -12.04
C THR B 468 3.21 -1.36 -11.61
N GLU B 469 3.18 -2.71 -11.62
CA GLU B 469 4.41 -3.44 -11.39
C GLU B 469 4.64 -4.26 -12.64
N GLY B 470 5.91 -4.60 -12.91
CA GLY B 470 6.17 -5.58 -13.97
C GLY B 470 6.58 -4.84 -15.23
N TRP B 471 5.65 -4.91 -16.21
CA TRP B 471 5.85 -4.43 -17.58
C TRP B 471 6.14 -2.94 -17.71
N GLY B 472 5.30 -2.13 -17.06
CA GLY B 472 5.52 -0.68 -16.91
C GLY B 472 6.90 -0.28 -16.45
N PRO B 473 7.29 -0.77 -15.27
CA PRO B 473 8.60 -0.38 -14.73
C PRO B 473 9.75 -1.00 -15.51
N MET B 474 9.57 -2.18 -16.06
CA MET B 474 10.60 -2.77 -16.92
C MET B 474 10.71 -1.99 -18.20
N ASN B 475 9.59 -1.53 -18.72
CA ASN B 475 9.59 -0.68 -19.91
C ASN B 475 10.38 0.58 -19.64
N ARG B 476 10.19 1.20 -18.49
CA ARG B 476 10.97 2.39 -18.19
C ARG B 476 12.50 2.14 -18.10
N ALA B 477 12.90 1.03 -17.43
CA ALA B 477 14.31 0.63 -17.30
C ALA B 477 14.96 0.46 -18.68
N TYR B 478 14.32 -0.30 -19.54
CA TYR B 478 14.80 -0.57 -20.90
C TYR B 478 15.00 0.73 -21.65
N VAL B 479 13.98 1.60 -21.59
CA VAL B 479 14.03 2.90 -22.26
C VAL B 479 15.20 3.78 -21.75
N GLU B 480 15.41 3.81 -20.44
CA GLU B 480 16.51 4.60 -19.84
C GLU B 480 17.88 3.98 -20.12
N ILE B 481 17.97 2.67 -20.09
CA ILE B 481 19.19 1.96 -20.49
C ILE B 481 19.53 2.26 -21.93
N GLN B 482 18.58 2.11 -22.84
CA GLN B 482 18.83 2.40 -24.26
C GLN B 482 19.24 3.85 -24.38
N ASP B 483 18.59 4.71 -23.60
CA ASP B 483 18.84 6.15 -23.72
C ASP B 483 20.26 6.48 -23.23
N GLU B 484 20.63 5.94 -22.07
CA GLU B 484 21.92 6.21 -21.51
C GLU B 484 23.01 5.55 -22.42
N TYR B 485 22.70 4.39 -22.98
CA TYR B 485 23.54 3.75 -23.98
C TYR B 485 23.88 4.67 -25.19
N THR B 486 22.86 5.16 -25.88
CA THR B 486 23.04 6.07 -26.97
C THR B 486 23.77 7.35 -26.57
N LYS B 487 23.43 7.91 -25.43
CA LYS B 487 24.16 9.10 -24.99
C LYS B 487 25.67 8.84 -24.83
N MET B 488 26.01 7.76 -24.12
CA MET B 488 27.39 7.42 -23.85
C MET B 488 28.18 7.13 -25.14
N GLN B 489 27.50 6.60 -26.16
CA GLN B 489 28.12 6.44 -27.47
C GLN B 489 28.43 7.78 -28.14
N GLU B 490 27.46 8.67 -28.18
CA GLU B 490 27.68 9.98 -28.74
C GLU B 490 28.84 10.65 -28.03
N LEU B 491 28.98 10.47 -26.72
CA LEU B 491 30.05 11.12 -25.98
C LEU B 491 31.41 10.53 -26.29
N SER B 492 31.50 9.21 -26.46
CA SER B 492 32.82 8.62 -26.74
C SER B 492 33.25 8.86 -28.21
N ALA B 493 32.29 8.87 -29.13
CA ALA B 493 32.53 9.38 -30.46
C ALA B 493 32.98 10.86 -30.48
N LEU B 494 32.45 11.68 -29.57
CA LEU B 494 32.87 13.10 -29.49
C LEU B 494 34.29 13.22 -28.94
N GLN B 495 34.65 12.38 -28.00
CA GLN B 495 35.96 12.53 -27.49
C GLN B 495 37.01 11.78 -28.31
N ALA B 496 36.55 10.99 -29.29
CA ALA B 496 37.42 10.47 -30.37
C ALA B 496 37.85 11.63 -31.23
N ARG B 497 36.92 12.52 -31.53
CA ARG B 497 37.23 13.66 -32.35
C ARG B 497 38.13 14.68 -31.71
N VAL B 498 38.00 14.92 -30.40
CA VAL B 498 38.97 15.76 -29.64
C VAL B 498 40.36 15.12 -29.61
N ASN B 499 40.38 13.79 -29.56
CA ASN B 499 41.58 12.96 -29.65
C ASN B 499 42.28 13.06 -31.01
N LYS B 500 41.53 12.77 -32.08
CA LYS B 500 42.01 12.98 -33.44
C LYS B 500 42.74 14.31 -33.54
N LEU B 501 42.01 15.40 -33.34
CA LEU B 501 42.53 16.77 -33.29
C LEU B 501 43.73 17.01 -32.37
N GLU B 502 43.91 16.24 -31.31
CA GLU B 502 45.12 16.36 -30.55
C GLU B 502 46.14 15.48 -31.23
N ASP C 1 -42.58 0.26 -17.86
CA ASP C 1 -41.23 0.63 -18.36
C ASP C 1 -40.28 0.40 -17.19
N ILE C 2 -39.03 0.80 -17.35
CA ILE C 2 -38.11 0.67 -16.22
C ILE C 2 -37.91 2.04 -15.60
N SER C 3 -38.41 2.23 -14.39
CA SER C 3 -38.44 3.57 -13.77
C SER C 3 -37.09 4.23 -13.56
N THR C 4 -36.00 3.47 -13.57
CA THR C 4 -34.69 4.07 -13.32
C THR C 4 -33.87 4.18 -14.58
N VAL C 5 -34.42 3.85 -15.73
CA VAL C 5 -33.70 3.98 -16.96
C VAL C 5 -34.03 5.33 -17.62
N PRO C 6 -33.00 6.04 -18.13
CA PRO C 6 -33.08 7.34 -18.78
C PRO C 6 -33.91 7.32 -20.04
N ASP C 7 -34.54 8.48 -20.32
CA ASP C 7 -35.26 8.70 -21.58
C ASP C 7 -34.37 8.55 -22.76
N GLU C 8 -33.13 9.01 -22.66
CA GLU C 8 -32.24 8.94 -23.83
C GLU C 8 -31.91 7.52 -24.25
N THR C 9 -32.14 6.55 -23.37
CA THR C 9 -32.01 5.14 -23.75
C THR C 9 -33.21 4.63 -24.58
N TYR C 10 -34.41 4.92 -24.09
CA TYR C 10 -35.65 4.56 -24.80
C TYR C 10 -35.66 5.16 -26.19
N ASP C 11 -35.32 6.44 -26.26
CA ASP C 11 -35.07 7.11 -27.55
C ASP C 11 -34.07 6.39 -28.43
N ALA C 12 -32.86 6.14 -27.93
CA ALA C 12 -31.83 5.48 -28.73
C ALA C 12 -32.23 4.08 -29.21
N LEU C 13 -33.10 3.43 -28.45
CA LEU C 13 -33.57 2.13 -28.81
C LEU C 13 -34.91 2.19 -29.58
N LYS C 14 -35.32 3.41 -29.98
CA LYS C 14 -36.54 3.59 -30.74
C LYS C 14 -37.68 2.91 -30.01
N LEU C 15 -37.86 3.18 -28.72
CA LEU C 15 -38.92 2.54 -27.99
C LEU C 15 -39.81 3.57 -27.34
N ASP C 16 -41.07 3.28 -27.20
CA ASP C 16 -41.87 4.22 -26.51
C ASP C 16 -42.08 3.78 -25.05
N ARG C 17 -41.56 4.57 -24.13
CA ARG C 17 -41.43 4.12 -22.76
C ARG C 17 -42.78 3.87 -22.05
N GLY C 18 -43.85 4.50 -22.53
CA GLY C 18 -45.19 4.28 -22.02
C GLY C 18 -45.83 2.99 -22.54
N LYS C 19 -45.25 2.38 -23.57
CA LYS C 19 -45.81 1.13 -24.06
C LYS C 19 -44.86 -0.06 -24.07
N ALA C 20 -43.55 0.16 -24.01
CA ALA C 20 -42.57 -0.96 -24.17
C ALA C 20 -42.81 -2.08 -23.17
N THR C 21 -42.66 -3.34 -23.54
CA THR C 21 -42.75 -4.40 -22.52
C THR C 21 -41.31 -4.85 -22.06
N PRO C 22 -41.21 -5.68 -20.98
CA PRO C 22 -39.84 -6.17 -20.66
C PRO C 22 -39.20 -6.88 -21.85
N LYS C 23 -40.00 -7.73 -22.53
CA LYS C 23 -39.52 -8.54 -23.63
C LYS C 23 -38.97 -7.64 -24.69
N GLU C 24 -39.70 -6.56 -24.95
CA GLU C 24 -39.33 -5.65 -26.01
C GLU C 24 -38.05 -4.91 -25.71
N THR C 25 -38.01 -4.36 -24.50
CA THR C 25 -36.86 -3.62 -23.97
C THR C 25 -35.61 -4.52 -24.01
N TYR C 26 -35.72 -5.72 -23.45
CA TYR C 26 -34.62 -6.69 -23.43
C TYR C 26 -34.09 -6.90 -24.89
N GLU C 27 -35.02 -7.20 -25.81
CA GLU C 27 -34.65 -7.53 -27.17
C GLU C 27 -33.98 -6.38 -27.81
N ALA C 28 -34.49 -5.17 -27.62
CA ALA C 28 -33.82 -3.98 -28.17
C ALA C 28 -32.40 -3.75 -27.57
N LEU C 29 -32.30 -3.81 -26.26
CA LEU C 29 -31.02 -3.71 -25.54
C LEU C 29 -30.03 -4.70 -26.11
N VAL C 30 -30.45 -5.96 -26.26
CA VAL C 30 -29.54 -7.00 -26.72
C VAL C 30 -29.06 -6.84 -28.18
N LYS C 31 -30.01 -6.46 -29.08
CA LYS C 31 -29.70 -6.11 -30.44
C LYS C 31 -28.58 -5.05 -30.58
N ARG C 32 -28.66 -3.96 -29.82
CA ARG C 32 -27.57 -3.05 -29.70
C ARG C 32 -26.29 -3.75 -29.10
N TYR C 33 -26.50 -4.51 -28.01
CA TYR C 33 -25.43 -5.10 -27.24
C TYR C 33 -24.61 -6.04 -28.09
N LYS C 34 -25.27 -6.79 -28.97
CA LYS C 34 -24.49 -7.78 -29.73
C LYS C 34 -24.02 -7.28 -31.08
N ASP C 35 -24.26 -6.04 -31.40
CA ASP C 35 -23.89 -5.55 -32.71
C ASP C 35 -22.39 -5.10 -32.80
N PRO C 36 -21.63 -5.66 -33.75
CA PRO C 36 -20.27 -5.21 -33.91
C PRO C 36 -20.21 -3.73 -34.09
N ALA C 37 -21.16 -3.15 -34.83
CA ALA C 37 -21.21 -1.70 -35.01
C ALA C 37 -21.15 -0.96 -33.67
N HIS C 38 -21.81 -1.54 -32.66
CA HIS C 38 -21.92 -0.89 -31.36
C HIS C 38 -20.85 -1.35 -30.37
N GLY C 39 -19.88 -2.11 -30.85
CA GLY C 39 -18.74 -2.54 -30.05
C GLY C 39 -18.56 -4.02 -29.73
N ALA C 40 -19.47 -4.92 -30.13
CA ALA C 40 -19.26 -6.37 -29.90
C ALA C 40 -18.20 -6.89 -30.84
N GLY C 41 -17.76 -8.14 -30.64
CA GLY C 41 -16.74 -8.80 -31.54
C GLY C 41 -15.29 -8.45 -31.23
N LYS C 42 -14.47 -8.53 -32.28
CA LYS C 42 -13.02 -8.34 -32.17
C LYS C 42 -12.58 -6.92 -32.38
N GLY C 43 -13.51 -6.10 -32.86
CA GLY C 43 -13.20 -4.73 -33.16
C GLY C 43 -12.39 -4.46 -34.40
N THR C 44 -12.15 -3.18 -34.64
CA THR C 44 -11.60 -2.72 -35.90
C THR C 44 -10.20 -3.23 -36.16
N MET C 45 -9.47 -3.69 -35.15
CA MET C 45 -8.13 -4.22 -35.36
C MET C 45 -8.12 -5.72 -35.16
N GLY C 46 -9.29 -6.33 -35.22
CA GLY C 46 -9.45 -7.78 -35.17
C GLY C 46 -8.44 -8.61 -35.97
N ASP C 47 -7.91 -8.06 -37.06
CA ASP C 47 -6.94 -8.86 -37.83
C ASP C 47 -5.52 -8.85 -37.25
N TYR C 48 -5.29 -8.13 -36.17
CA TYR C 48 -3.94 -7.96 -35.70
C TYR C 48 -3.59 -8.90 -34.54
N TRP C 49 -4.61 -9.53 -33.97
CA TRP C 49 -4.42 -10.33 -32.78
C TRP C 49 -5.38 -11.49 -32.80
N GLU C 50 -5.05 -12.52 -31.99
CA GLU C 50 -5.80 -13.76 -31.86
C GLU C 50 -6.00 -13.94 -30.40
N PRO C 51 -7.09 -14.62 -30.02
CA PRO C 51 -7.34 -14.90 -28.62
C PRO C 51 -6.25 -15.80 -28.05
N ILE C 52 -5.93 -15.65 -26.75
CA ILE C 52 -5.26 -16.73 -26.03
C ILE C 52 -6.24 -17.62 -25.30
N ALA C 53 -5.74 -18.64 -24.61
CA ALA C 53 -6.63 -19.61 -23.99
C ALA C 53 -7.63 -18.94 -23.05
N ILE C 54 -7.18 -18.00 -22.20
CA ILE C 54 -8.09 -17.33 -21.27
C ILE C 54 -9.13 -16.46 -21.98
N SER C 55 -8.83 -15.99 -23.18
CA SER C 55 -9.75 -15.16 -23.93
C SER C 55 -11.14 -15.76 -24.03
N ILE C 56 -11.30 -17.08 -23.92
CA ILE C 56 -12.67 -17.66 -23.99
C ILE C 56 -13.59 -17.25 -22.82
N TYR C 57 -12.97 -16.90 -21.67
CA TYR C 57 -13.73 -16.44 -20.49
C TYR C 57 -13.87 -14.89 -20.44
N MET C 58 -12.93 -14.16 -21.08
CA MET C 58 -12.90 -12.69 -21.18
C MET C 58 -13.95 -12.15 -22.15
N ASP C 59 -14.10 -12.82 -23.31
CA ASP C 59 -15.10 -12.46 -24.30
C ASP C 59 -15.83 -13.70 -24.81
N PRO C 60 -16.77 -14.20 -24.00
CA PRO C 60 -17.35 -15.49 -24.37
C PRO C 60 -18.22 -15.41 -25.63
N ASN C 61 -18.90 -14.28 -25.86
CA ASN C 61 -19.65 -14.11 -27.13
C ASN C 61 -18.84 -14.20 -28.41
N THR C 62 -17.59 -13.79 -28.41
CA THR C 62 -16.75 -13.99 -29.58
C THR C 62 -16.04 -15.31 -29.53
N PHE C 63 -15.62 -15.77 -28.35
CA PHE C 63 -14.69 -16.88 -28.33
C PHE C 63 -15.14 -18.20 -27.73
N TYR C 64 -16.24 -18.25 -26.99
CA TYR C 64 -16.46 -19.44 -26.13
C TYR C 64 -17.11 -20.60 -26.88
N LYS C 65 -16.50 -21.78 -26.77
CA LYS C 65 -17.14 -23.08 -27.13
C LYS C 65 -17.06 -23.99 -25.93
N PRO C 66 -18.08 -24.80 -25.68
CA PRO C 66 -17.95 -25.63 -24.49
C PRO C 66 -16.85 -26.68 -24.65
N PRO C 67 -16.46 -27.39 -23.55
CA PRO C 67 -15.33 -28.27 -23.81
C PRO C 67 -15.79 -29.59 -24.52
N VAL C 68 -14.84 -30.26 -25.14
CA VAL C 68 -15.13 -31.52 -25.88
C VAL C 68 -15.35 -32.66 -24.93
N SER C 69 -15.03 -32.46 -23.65
CA SER C 69 -15.21 -33.50 -22.66
C SER C 69 -15.50 -32.85 -21.29
N PRO C 70 -16.39 -33.44 -20.46
CA PRO C 70 -17.09 -34.71 -20.57
C PRO C 70 -18.21 -34.76 -21.64
N LYS C 71 -18.46 -35.94 -22.21
CA LYS C 71 -19.68 -36.13 -22.98
C LYS C 71 -20.76 -36.61 -22.01
N GLU C 72 -21.71 -35.74 -21.74
CA GLU C 72 -22.70 -36.01 -20.71
C GLU C 72 -23.95 -35.31 -21.15
N VAL C 73 -25.06 -36.01 -21.05
CA VAL C 73 -26.33 -35.39 -21.29
C VAL C 73 -26.88 -35.27 -19.89
N ALA C 74 -27.26 -34.08 -19.47
CA ALA C 74 -27.52 -33.84 -18.06
C ALA C 74 -28.75 -33.02 -17.82
N GLU C 75 -29.44 -33.38 -16.76
CA GLU C 75 -30.57 -32.64 -16.19
C GLU C 75 -30.10 -31.73 -15.04
N ARG C 76 -30.89 -30.70 -14.71
CA ARG C 76 -30.63 -29.77 -13.61
C ARG C 76 -29.94 -30.41 -12.38
N LYS C 77 -30.49 -31.51 -11.83
CA LYS C 77 -29.98 -32.12 -10.59
C LYS C 77 -28.58 -32.72 -10.84
N ASP C 78 -28.32 -33.17 -12.06
CA ASP C 78 -27.00 -33.71 -12.41
C ASP C 78 -25.87 -32.67 -12.32
N CYS C 79 -26.09 -31.47 -12.87
CA CYS C 79 -25.09 -30.41 -12.74
C CYS C 79 -24.58 -30.36 -11.30
N VAL C 80 -25.53 -30.31 -10.35
CA VAL C 80 -25.20 -30.09 -8.94
C VAL C 80 -24.41 -31.27 -8.35
N GLU C 81 -24.92 -32.48 -8.57
CA GLU C 81 -24.29 -33.72 -8.11
C GLU C 81 -22.90 -33.97 -8.67
N CYS C 82 -22.74 -33.93 -10.00
CA CYS C 82 -21.41 -34.11 -10.51
C CYS C 82 -20.44 -32.98 -10.07
N HIS C 83 -20.88 -31.73 -10.11
CA HIS C 83 -19.97 -30.66 -9.76
C HIS C 83 -19.66 -30.59 -8.30
N SER C 84 -20.46 -31.27 -7.47
CA SER C 84 -20.13 -31.41 -6.04
C SER C 84 -18.78 -32.05 -5.82
N ASP C 85 -18.38 -32.84 -6.82
CA ASP C 85 -17.06 -33.45 -6.91
C ASP C 85 -16.13 -32.70 -7.81
N GLU C 86 -16.54 -32.30 -9.01
CA GLU C 86 -15.60 -31.65 -9.96
C GLU C 86 -15.16 -30.23 -9.57
N THR C 87 -16.07 -29.38 -9.08
CA THR C 87 -15.76 -28.02 -8.69
C THR C 87 -16.56 -27.79 -7.40
N PRO C 88 -16.10 -28.40 -6.30
CA PRO C 88 -16.93 -28.45 -5.07
C PRO C 88 -17.27 -27.11 -4.46
N VAL C 89 -16.35 -26.14 -4.56
CA VAL C 89 -16.60 -24.87 -3.85
C VAL C 89 -17.58 -24.09 -4.72
N TRP C 90 -17.60 -24.37 -6.03
CA TRP C 90 -18.61 -23.63 -6.82
C TRP C 90 -20.00 -23.97 -6.35
N VAL C 91 -20.20 -25.25 -6.03
CA VAL C 91 -21.49 -25.76 -5.60
C VAL C 91 -21.87 -25.20 -4.23
N ARG C 92 -20.92 -25.30 -3.31
CA ARG C 92 -21.12 -24.75 -2.01
C ARG C 92 -21.36 -23.25 -2.04
N ALA C 93 -20.57 -22.48 -2.78
CA ALA C 93 -20.82 -21.01 -2.86
C ALA C 93 -22.27 -20.81 -3.38
N TRP C 94 -22.61 -21.47 -4.50
CA TRP C 94 -23.99 -21.50 -5.05
C TRP C 94 -25.06 -21.86 -4.02
N LYS C 95 -24.90 -22.96 -3.28
CA LYS C 95 -25.88 -23.32 -2.27
C LYS C 95 -26.14 -22.23 -1.25
N ARG C 96 -25.10 -21.52 -0.83
CA ARG C 96 -25.18 -20.45 0.15
C ARG C 96 -25.90 -19.24 -0.45
N SER C 97 -26.03 -19.15 -1.76
CA SER C 97 -26.36 -17.87 -2.36
C SER C 97 -27.89 -17.64 -2.48
N THR C 98 -28.30 -16.39 -2.63
CA THR C 98 -29.72 -16.06 -2.86
C THR C 98 -30.28 -16.81 -4.07
N HIS C 99 -29.55 -16.90 -5.16
CA HIS C 99 -30.02 -17.62 -6.34
C HIS C 99 -30.56 -19.04 -6.11
N ALA C 100 -29.94 -19.74 -5.14
CA ALA C 100 -30.35 -21.09 -4.73
C ALA C 100 -31.34 -21.06 -3.55
N ASN C 101 -31.71 -19.89 -3.08
CA ASN C 101 -32.59 -19.79 -1.93
C ASN C 101 -33.79 -18.85 -2.11
N LEU C 102 -34.50 -18.99 -3.23
CA LEU C 102 -35.50 -18.01 -3.57
C LEU C 102 -36.71 -18.04 -2.64
N ASP C 103 -37.08 -19.21 -2.09
CA ASP C 103 -38.19 -19.22 -1.10
C ASP C 103 -37.88 -18.45 0.20
N LYS C 104 -36.61 -18.33 0.56
CA LYS C 104 -36.21 -17.50 1.67
C LYS C 104 -36.63 -16.03 1.36
N ILE C 105 -36.37 -15.60 0.13
CA ILE C 105 -36.68 -14.32 -0.35
C ILE C 105 -38.23 -14.16 -0.32
N ARG C 106 -38.97 -15.21 -0.74
CA ARG C 106 -40.44 -15.15 -0.78
C ARG C 106 -41.00 -14.91 0.59
N ASN C 107 -40.32 -15.42 1.60
CA ASN C 107 -40.79 -15.35 2.96
C ASN C 107 -40.39 -14.17 3.79
N LEU C 108 -39.68 -13.24 3.20
CA LEU C 108 -39.14 -12.07 3.91
C LEU C 108 -40.33 -11.25 4.37
N LYS C 109 -40.34 -10.88 5.65
CA LYS C 109 -41.44 -10.06 6.20
C LYS C 109 -41.11 -8.56 6.12
N SER C 110 -42.15 -7.72 6.12
CA SER C 110 -42.03 -6.30 5.79
C SER C 110 -41.31 -5.47 6.81
N ASP C 111 -40.98 -6.02 7.96
CA ASP C 111 -40.14 -5.32 8.91
C ASP C 111 -38.67 -5.77 8.77
N ASP C 112 -38.34 -6.54 7.73
CA ASP C 112 -36.94 -7.00 7.54
C ASP C 112 -36.29 -6.00 6.64
N PRO C 113 -35.09 -5.51 7.00
CA PRO C 113 -34.39 -4.51 6.17
C PRO C 113 -34.15 -5.05 4.76
N LEU C 114 -34.17 -6.38 4.62
CA LEU C 114 -33.87 -6.97 3.30
C LEU C 114 -35.13 -7.17 2.43
N TYR C 115 -36.25 -6.72 2.97
CA TYR C 115 -37.56 -6.86 2.32
C TYR C 115 -37.57 -6.49 0.85
N TYR C 116 -36.78 -5.53 0.46
CA TYR C 116 -36.90 -5.05 -0.94
C TYR C 116 -36.55 -6.18 -1.93
N LYS C 117 -35.82 -7.20 -1.43
CA LYS C 117 -35.45 -8.34 -2.26
C LYS C 117 -36.66 -9.12 -2.85
N LYS C 118 -37.70 -9.27 -2.03
CA LYS C 118 -38.97 -9.89 -2.48
C LYS C 118 -39.48 -9.10 -3.70
N GLY C 119 -39.64 -7.78 -3.57
CA GLY C 119 -40.02 -6.94 -4.72
C GLY C 119 -39.15 -7.20 -5.95
N LYS C 120 -37.85 -7.29 -5.75
CA LYS C 120 -36.91 -7.59 -6.84
C LYS C 120 -37.10 -8.98 -7.44
N LEU C 121 -37.37 -9.98 -6.58
CA LEU C 121 -37.75 -11.32 -7.05
C LEU C 121 -39.02 -11.27 -7.99
N GLU C 122 -40.06 -10.59 -7.50
CA GLU C 122 -41.30 -10.45 -8.21
C GLU C 122 -41.07 -9.68 -9.50
N GLU C 123 -40.24 -8.65 -9.46
CA GLU C 123 -39.86 -8.00 -10.71
C GLU C 123 -39.21 -8.99 -11.71
N VAL C 124 -38.23 -9.76 -11.21
CA VAL C 124 -37.63 -10.76 -12.09
C VAL C 124 -38.70 -11.74 -12.70
N GLU C 125 -39.62 -12.23 -11.88
CA GLU C 125 -40.66 -13.11 -12.41
C GLU C 125 -41.49 -12.37 -13.53
N ASN C 126 -41.89 -11.13 -13.26
CA ASN C 126 -42.57 -10.30 -14.26
C ASN C 126 -41.82 -10.26 -15.61
N ASN C 127 -40.51 -9.96 -15.57
CA ASN C 127 -39.68 -9.95 -16.79
C ASN C 127 -39.73 -11.27 -17.54
N LEU C 128 -39.67 -12.38 -16.83
CA LEU C 128 -39.54 -13.68 -17.46
C LEU C 128 -40.89 -14.13 -18.05
N ARG C 129 -41.95 -13.82 -17.32
CA ARG C 129 -43.30 -14.01 -17.82
C ARG C 129 -43.51 -13.22 -19.12
N SER C 130 -43.18 -11.92 -19.12
CA SER C 130 -43.29 -11.12 -20.33
C SER C 130 -42.53 -11.83 -21.46
N MET C 131 -41.45 -12.53 -21.10
CA MET C 131 -40.58 -13.08 -22.11
C MET C 131 -40.96 -14.48 -22.53
N GLY C 132 -41.91 -15.11 -21.83
CA GLY C 132 -42.40 -16.44 -22.19
C GLY C 132 -41.48 -17.48 -21.61
N LYS C 133 -40.56 -17.07 -20.73
CA LYS C 133 -39.67 -18.03 -20.06
C LYS C 133 -40.28 -18.64 -18.79
N LEU C 134 -41.37 -18.08 -18.31
CA LEU C 134 -41.97 -18.52 -17.04
C LEU C 134 -43.48 -18.42 -17.13
N GLY C 135 -44.21 -19.42 -16.63
CA GLY C 135 -45.69 -19.36 -16.63
C GLY C 135 -46.19 -18.21 -15.75
N GLU C 136 -47.33 -17.64 -16.11
CA GLU C 136 -47.74 -16.39 -15.45
C GLU C 136 -48.04 -16.57 -13.97
N LYS C 137 -48.34 -17.79 -13.55
CA LYS C 137 -48.55 -18.06 -12.13
C LYS C 137 -47.53 -19.08 -11.58
N GLU C 138 -46.52 -19.36 -12.39
CA GLU C 138 -45.44 -20.29 -12.11
C GLU C 138 -44.36 -19.53 -11.32
N THR C 139 -44.08 -19.89 -10.07
CA THR C 139 -42.93 -19.23 -9.39
C THR C 139 -41.57 -19.72 -9.90
N LEU C 140 -40.62 -18.78 -10.00
CA LEU C 140 -39.24 -19.15 -10.33
C LEU C 140 -38.64 -19.98 -9.18
N LYS C 141 -38.28 -21.24 -9.39
CA LYS C 141 -37.94 -22.08 -8.19
C LYS C 141 -36.50 -21.84 -7.72
N GLU C 142 -35.59 -21.55 -8.66
CA GLU C 142 -34.19 -21.30 -8.34
C GLU C 142 -33.51 -20.74 -9.56
N VAL C 143 -32.31 -20.16 -9.39
CA VAL C 143 -31.41 -19.86 -10.53
C VAL C 143 -30.26 -20.82 -10.29
N GLY C 144 -30.16 -21.85 -11.13
CA GLY C 144 -29.21 -22.93 -10.89
C GLY C 144 -28.18 -22.96 -12.00
N CYS C 145 -27.24 -23.91 -11.91
CA CYS C 145 -26.19 -24.04 -12.89
C CYS C 145 -26.77 -24.04 -14.29
N ILE C 146 -27.77 -24.91 -14.49
CA ILE C 146 -28.37 -25.07 -15.81
C ILE C 146 -29.05 -23.74 -16.34
N ASP C 147 -29.50 -22.87 -15.44
CA ASP C 147 -30.23 -21.71 -15.86
C ASP C 147 -29.27 -20.72 -16.46
N CYS C 148 -28.22 -20.35 -15.68
CA CYS C 148 -27.16 -19.43 -16.19
C CYS C 148 -26.33 -19.98 -17.32
N HIS C 149 -26.02 -21.26 -17.21
CA HIS C 149 -25.08 -21.90 -18.10
C HIS C 149 -25.68 -22.63 -19.32
N VAL C 150 -27.00 -22.80 -19.35
CA VAL C 150 -27.68 -23.35 -20.53
C VAL C 150 -28.88 -22.49 -20.97
N ASP C 151 -29.92 -22.40 -20.18
CA ASP C 151 -31.09 -21.68 -20.59
C ASP C 151 -31.91 -21.43 -19.37
N VAL C 152 -32.39 -20.22 -19.25
CA VAL C 152 -33.12 -19.84 -18.07
C VAL C 152 -34.37 -20.71 -17.94
N ASN C 153 -34.61 -21.19 -16.73
CA ASN C 153 -35.79 -22.01 -16.37
C ASN C 153 -35.88 -23.27 -17.27
N LYS C 154 -34.74 -23.80 -17.70
CA LYS C 154 -34.68 -25.05 -18.48
C LYS C 154 -35.26 -26.30 -17.79
N LYS C 155 -36.07 -27.03 -18.55
CA LYS C 155 -36.91 -28.14 -18.10
C LYS C 155 -36.32 -29.54 -18.31
N ASP C 156 -35.54 -29.65 -19.37
CA ASP C 156 -35.03 -30.92 -19.81
C ASP C 156 -33.49 -30.96 -19.81
N LYS C 157 -32.94 -31.88 -20.59
CA LYS C 157 -31.51 -32.22 -20.61
C LYS C 157 -30.66 -31.29 -21.48
N ALA C 158 -29.39 -31.18 -21.11
CA ALA C 158 -28.44 -30.38 -21.84
C ALA C 158 -27.28 -31.25 -22.24
N ASP C 159 -26.70 -30.93 -23.39
CA ASP C 159 -25.54 -31.62 -23.91
C ASP C 159 -24.31 -30.82 -23.47
N HIS C 160 -23.44 -31.42 -22.65
CA HIS C 160 -22.27 -30.73 -22.07
C HIS C 160 -21.37 -30.19 -23.19
N THR C 161 -21.15 -30.98 -24.22
CA THR C 161 -20.29 -30.59 -25.29
C THR C 161 -20.91 -29.56 -26.25
N LYS C 162 -22.18 -29.20 -26.09
CA LYS C 162 -22.81 -28.32 -27.03
C LYS C 162 -23.64 -27.17 -26.45
N ASP C 163 -24.26 -27.37 -25.30
CA ASP C 163 -25.19 -26.42 -24.74
C ASP C 163 -24.61 -25.50 -23.64
N ILE C 164 -23.40 -25.79 -23.16
CA ILE C 164 -22.86 -25.03 -22.03
C ILE C 164 -22.42 -23.70 -22.53
N ARG C 165 -22.85 -22.63 -21.91
CA ARG C 165 -22.27 -21.32 -22.20
C ARG C 165 -21.62 -20.67 -20.91
N MET C 166 -20.77 -19.67 -21.15
CA MET C 166 -20.36 -18.69 -20.11
C MET C 166 -21.39 -17.57 -20.11
N PRO C 167 -22.08 -17.35 -18.96
CA PRO C 167 -23.13 -16.34 -18.86
C PRO C 167 -22.56 -14.92 -19.01
N THR C 168 -22.99 -14.22 -20.04
CA THR C 168 -22.56 -12.86 -20.32
C THR C 168 -23.63 -11.90 -19.77
N ALA C 169 -23.42 -10.61 -19.91
CA ALA C 169 -24.33 -9.57 -19.35
C ALA C 169 -25.76 -9.71 -19.86
N ASP C 170 -25.92 -10.12 -21.13
CA ASP C 170 -27.27 -10.34 -21.68
C ASP C 170 -27.90 -11.58 -21.05
N THR C 171 -27.10 -12.51 -20.57
CA THR C 171 -27.67 -13.69 -19.95
C THR C 171 -28.22 -13.28 -18.56
N CYS C 172 -27.42 -12.54 -17.76
CA CYS C 172 -27.93 -12.03 -16.47
C CYS C 172 -29.09 -11.10 -16.72
N GLY C 173 -29.00 -10.30 -17.75
CA GLY C 173 -30.06 -9.34 -17.98
C GLY C 173 -31.43 -9.88 -18.37
N THR C 174 -31.53 -11.20 -18.56
CA THR C 174 -32.75 -11.81 -18.97
C THR C 174 -33.68 -11.71 -17.79
N CYS C 175 -33.10 -11.93 -16.60
CA CYS C 175 -33.83 -11.77 -15.37
C CYS C 175 -33.64 -10.37 -14.79
N HIS C 176 -32.39 -9.85 -14.75
CA HIS C 176 -32.09 -8.54 -14.18
C HIS C 176 -32.11 -7.46 -15.26
N LEU C 177 -33.29 -7.23 -15.83
CA LEU C 177 -33.40 -6.31 -16.93
C LEU C 177 -33.08 -4.91 -16.48
N ARG C 178 -33.56 -4.52 -15.32
CA ARG C 178 -33.36 -3.21 -14.79
C ARG C 178 -31.88 -2.89 -14.72
N GLU C 179 -31.10 -3.78 -14.09
CA GLU C 179 -29.67 -3.51 -13.87
C GLU C 179 -28.90 -3.57 -15.19
N PHE C 180 -29.30 -4.50 -16.06
CA PHE C 180 -28.67 -4.58 -17.37
C PHE C 180 -28.95 -3.29 -18.15
N ALA C 181 -30.21 -2.80 -18.11
CA ALA C 181 -30.62 -1.60 -18.87
C ALA C 181 -29.95 -0.37 -18.27
N GLU C 182 -29.97 -0.26 -16.93
CA GLU C 182 -29.23 0.77 -16.24
C GLU C 182 -27.76 0.86 -16.69
N ARG C 183 -27.09 -0.28 -16.71
CA ARG C 183 -25.72 -0.39 -17.19
C ARG C 183 -25.61 0.00 -18.65
N GLU C 184 -26.48 -0.54 -19.51
CA GLU C 184 -26.39 -0.27 -20.92
C GLU C 184 -26.63 1.20 -21.21
N SER C 185 -27.41 1.86 -20.33
CA SER C 185 -27.78 3.25 -20.48
C SER C 185 -26.61 4.24 -20.42
N GLU C 186 -25.47 3.78 -19.88
CA GLU C 186 -24.22 4.52 -19.97
C GLU C 186 -23.81 4.90 -21.40
N ARG C 187 -24.10 4.03 -22.37
CA ARG C 187 -23.87 4.36 -23.79
C ARG C 187 -24.61 5.65 -24.22
N ASP C 188 -25.77 5.91 -23.61
CA ASP C 188 -26.60 7.04 -23.97
C ASP C 188 -26.48 8.26 -23.10
N THR C 189 -26.08 8.07 -21.83
CA THR C 189 -25.91 9.20 -20.93
C THR C 189 -24.50 9.75 -21.01
N MET C 190 -23.46 8.95 -21.27
CA MET C 190 -22.09 9.53 -21.26
C MET C 190 -21.71 10.11 -22.60
N VAL C 191 -22.31 11.26 -22.95
CA VAL C 191 -21.99 11.94 -24.22
C VAL C 191 -21.34 13.28 -23.86
N TRP C 192 -20.08 13.50 -24.27
CA TRP C 192 -19.32 14.72 -23.93
C TRP C 192 -19.84 15.89 -24.78
N PRO C 193 -19.75 17.15 -24.30
CA PRO C 193 -20.19 18.28 -25.16
C PRO C 193 -19.35 18.49 -26.46
N ASN C 194 -18.07 18.15 -26.46
CA ASN C 194 -17.20 18.48 -27.56
C ASN C 194 -16.45 17.22 -28.00
N GLY C 195 -17.05 16.06 -27.70
CA GLY C 195 -16.48 14.79 -28.04
C GLY C 195 -15.16 14.56 -27.36
N GLN C 196 -15.00 15.02 -26.12
CA GLN C 196 -13.72 14.86 -25.40
C GLN C 196 -13.27 13.40 -25.36
N TRP C 197 -14.23 12.50 -25.11
CA TRP C 197 -14.08 11.06 -25.27
C TRP C 197 -15.19 10.64 -26.29
N PRO C 198 -15.12 9.41 -26.86
CA PRO C 198 -16.18 8.89 -27.73
C PRO C 198 -17.45 8.77 -26.91
N ALA C 199 -18.63 8.84 -27.55
CA ALA C 199 -19.90 8.78 -26.86
C ALA C 199 -19.99 7.42 -26.16
N GLY C 200 -20.69 7.36 -25.02
CA GLY C 200 -20.69 6.19 -24.14
C GLY C 200 -19.38 5.95 -23.35
N ARG C 201 -18.36 6.81 -23.46
CA ARG C 201 -17.07 6.58 -22.77
C ARG C 201 -16.53 7.75 -21.93
N PRO C 202 -15.83 7.45 -20.77
CA PRO C 202 -15.53 6.10 -20.15
C PRO C 202 -16.76 5.50 -19.51
N SER C 203 -16.93 4.19 -19.59
CA SER C 203 -18.11 3.55 -18.93
C SER C 203 -17.84 2.05 -18.72
N HIS C 204 -18.56 1.38 -17.82
CA HIS C 204 -18.47 -0.09 -17.76
C HIS C 204 -19.17 -0.77 -18.98
N ALA C 205 -20.14 -0.10 -19.62
CA ALA C 205 -20.80 -0.62 -20.84
C ALA C 205 -19.76 -0.78 -21.96
N LEU C 206 -18.72 0.05 -22.00
CA LEU C 206 -17.80 -0.05 -23.14
C LEU C 206 -16.38 -0.35 -22.80
N ASP C 207 -16.15 -0.99 -21.65
CA ASP C 207 -14.79 -1.16 -21.18
C ASP C 207 -13.99 -2.09 -22.03
N TYR C 208 -14.64 -3.17 -22.43
CA TYR C 208 -14.06 -4.15 -23.35
C TYR C 208 -13.79 -3.58 -24.75
N THR C 209 -14.75 -2.91 -25.34
CA THR C 209 -14.55 -2.22 -26.60
C THR C 209 -13.37 -1.26 -26.50
N ALA C 210 -13.34 -0.40 -25.48
CA ALA C 210 -12.18 0.49 -25.23
C ALA C 210 -10.82 -0.25 -25.23
N ASN C 211 -10.76 -1.40 -24.56
CA ASN C 211 -9.54 -2.14 -24.46
C ASN C 211 -9.04 -2.65 -25.86
N ILE C 212 -9.95 -3.25 -26.62
CA ILE C 212 -9.59 -3.89 -27.91
C ILE C 212 -9.38 -2.87 -29.01
N GLU C 213 -9.90 -1.66 -28.85
CA GLU C 213 -9.64 -0.51 -29.75
C GLU C 213 -8.40 0.31 -29.35
N THR C 214 -7.63 -0.14 -28.36
CA THR C 214 -6.32 0.42 -28.04
C THR C 214 -5.24 -0.19 -28.94
N THR C 215 -4.68 0.66 -29.79
CA THR C 215 -3.70 0.21 -30.79
C THR C 215 -2.67 -0.69 -30.13
N VAL C 216 -1.92 -0.19 -29.14
CA VAL C 216 -0.86 -1.04 -28.55
C VAL C 216 -1.42 -2.36 -28.08
N TRP C 217 -2.65 -2.35 -27.55
CA TRP C 217 -3.23 -3.62 -27.10
C TRP C 217 -3.30 -4.62 -28.28
N ALA C 218 -3.82 -4.12 -29.42
CA ALA C 218 -3.99 -4.94 -30.64
C ALA C 218 -2.62 -5.28 -31.27
N ALA C 219 -1.67 -4.35 -31.19
CA ALA C 219 -0.41 -4.43 -31.93
C ALA C 219 0.74 -5.22 -31.28
N MET C 220 0.79 -5.25 -29.94
CA MET C 220 1.95 -5.82 -29.25
C MET C 220 2.00 -7.34 -29.32
N PRO C 221 3.21 -7.89 -29.41
CA PRO C 221 3.37 -9.35 -29.48
C PRO C 221 3.12 -10.07 -28.16
N GLN C 222 3.30 -9.38 -27.02
CA GLN C 222 3.28 -10.04 -25.73
C GLN C 222 1.83 -10.23 -25.31
N ARG C 223 1.20 -11.30 -25.80
CA ARG C 223 -0.24 -11.42 -25.62
C ARG C 223 -0.68 -11.54 -24.13
N GLU C 224 0.17 -12.18 -23.35
CA GLU C 224 -0.11 -12.43 -21.97
C GLU C 224 -0.01 -11.15 -21.13
N VAL C 225 0.89 -10.26 -21.50
CA VAL C 225 0.88 -8.91 -20.91
C VAL C 225 -0.41 -8.19 -21.32
N ALA C 226 -0.73 -8.23 -22.62
CA ALA C 226 -1.96 -7.58 -23.08
C ALA C 226 -3.25 -8.06 -22.37
N GLU C 227 -3.36 -9.36 -22.14
CA GLU C 227 -4.52 -9.90 -21.46
C GLU C 227 -4.64 -9.47 -20.02
N GLY C 228 -3.56 -8.98 -19.41
CA GLY C 228 -3.74 -8.31 -18.08
C GLY C 228 -4.59 -7.08 -18.22
N CYS C 229 -4.37 -6.30 -19.27
CA CYS C 229 -5.25 -5.19 -19.56
C CYS C 229 -6.71 -5.67 -19.65
N THR C 230 -6.94 -6.69 -20.45
CA THR C 230 -8.29 -7.23 -20.72
C THR C 230 -8.99 -7.65 -19.42
N MET C 231 -8.26 -8.13 -18.42
CA MET C 231 -8.88 -8.60 -17.18
C MET C 231 -9.46 -7.49 -16.32
N CYS C 232 -9.03 -6.27 -16.56
CA CYS C 232 -9.64 -5.11 -15.91
C CYS C 232 -10.72 -4.50 -16.80
N HIS C 233 -11.03 -5.10 -17.96
CA HIS C 233 -11.86 -4.44 -18.97
C HIS C 233 -13.00 -5.41 -19.41
N THR C 234 -13.53 -6.26 -18.54
CA THR C 234 -14.52 -7.23 -19.00
C THR C 234 -15.93 -6.95 -18.49
N ASN C 235 -16.17 -5.79 -17.87
CA ASN C 235 -17.55 -5.53 -17.39
C ASN C 235 -18.60 -5.55 -18.48
N GLN C 236 -18.23 -5.12 -19.67
CA GLN C 236 -19.11 -5.09 -20.79
C GLN C 236 -19.60 -6.49 -21.10
N ASN C 237 -18.71 -7.48 -20.94
CA ASN C 237 -18.99 -8.86 -21.30
C ASN C 237 -19.65 -9.69 -20.20
N LYS C 238 -19.25 -9.49 -18.94
CA LYS C 238 -19.71 -10.32 -17.82
C LYS C 238 -20.03 -9.51 -16.59
N CYS C 239 -21.05 -9.93 -15.83
CA CYS C 239 -21.56 -9.14 -14.71
C CYS C 239 -20.94 -9.50 -13.33
N ASP C 240 -19.81 -10.18 -13.29
CA ASP C 240 -19.37 -10.69 -11.98
C ASP C 240 -18.07 -10.14 -11.49
N ASN C 241 -17.75 -8.91 -11.84
CA ASN C 241 -16.52 -8.39 -11.33
C ASN C 241 -16.65 -7.66 -10.01
N CYS C 242 -17.90 -7.29 -9.64
CA CYS C 242 -18.16 -6.57 -8.42
C CYS C 242 -18.79 -7.46 -7.40
N HIS C 243 -19.86 -8.13 -7.83
CA HIS C 243 -20.44 -9.20 -7.05
C HIS C 243 -20.04 -10.45 -7.81
N THR C 244 -19.09 -11.22 -7.23
CA THR C 244 -18.36 -12.27 -7.97
C THR C 244 -19.12 -13.60 -8.00
N ARG C 245 -18.74 -14.47 -8.93
CA ARG C 245 -19.28 -15.81 -9.00
C ARG C 245 -18.66 -16.55 -7.83
N HIS C 246 -19.33 -17.53 -7.20
CA HIS C 246 -20.72 -17.91 -7.47
C HIS C 246 -21.70 -17.55 -6.38
N GLU C 247 -21.26 -16.75 -5.40
CA GLU C 247 -22.19 -16.20 -4.39
C GLU C 247 -23.07 -15.09 -4.91
N PHE C 248 -22.58 -14.36 -5.90
CA PHE C 248 -23.24 -13.15 -6.36
C PHE C 248 -23.88 -12.36 -5.22
N SER C 249 -23.06 -11.89 -4.29
CA SER C 249 -23.55 -11.14 -3.15
C SER C 249 -23.58 -9.63 -3.39
N ALA C 250 -24.75 -9.02 -3.38
CA ALA C 250 -24.87 -7.57 -3.47
C ALA C 250 -24.07 -6.83 -2.38
N ALA C 251 -24.00 -7.41 -1.14
CA ALA C 251 -23.27 -6.84 -0.04
C ALA C 251 -21.81 -6.74 -0.45
N GLU C 252 -21.31 -7.78 -1.09
CA GLU C 252 -19.92 -7.76 -1.52
C GLU C 252 -19.69 -6.61 -2.55
N SER C 253 -20.61 -6.45 -3.56
CA SER C 253 -20.38 -5.39 -4.52
C SER C 253 -20.43 -4.00 -3.91
N ARG C 254 -21.01 -3.86 -2.70
CA ARG C 254 -21.11 -2.52 -2.09
C ARG C 254 -19.84 -2.09 -1.33
N LYS C 255 -18.99 -3.07 -1.06
CA LYS C 255 -17.75 -2.81 -0.31
C LYS C 255 -16.71 -2.24 -1.25
N PRO C 256 -15.93 -1.22 -0.80
CA PRO C 256 -14.93 -0.58 -1.65
C PRO C 256 -13.97 -1.59 -2.25
N GLU C 257 -13.64 -2.64 -1.53
CA GLU C 257 -12.74 -3.66 -2.08
C GLU C 257 -13.14 -4.24 -3.47
N ALA C 258 -14.44 -4.25 -3.75
CA ALA C 258 -15.04 -4.87 -4.99
C ALA C 258 -14.53 -4.11 -6.18
N CYS C 259 -14.17 -2.84 -5.99
CA CYS C 259 -13.72 -1.97 -7.16
C CYS C 259 -12.22 -1.92 -7.28
N ALA C 260 -11.52 -2.43 -6.28
CA ALA C 260 -10.08 -2.15 -6.12
C ALA C 260 -9.12 -2.84 -7.10
N THR C 261 -9.42 -4.08 -7.45
CA THR C 261 -8.58 -4.78 -8.36
C THR C 261 -8.46 -4.00 -9.70
N CYS C 262 -9.49 -3.33 -10.17
CA CYS C 262 -9.33 -2.54 -11.42
C CYS C 262 -8.97 -1.07 -11.18
N HIS C 263 -9.57 -0.46 -10.16
CA HIS C 263 -9.42 0.97 -9.95
C HIS C 263 -8.29 1.28 -9.01
N SER C 264 -7.09 0.88 -9.39
CA SER C 264 -5.95 1.14 -8.55
C SER C 264 -4.79 1.28 -9.50
N GLY C 265 -3.64 1.66 -8.98
CA GLY C 265 -2.39 1.63 -9.69
C GLY C 265 -1.88 2.99 -10.21
N VAL C 266 -0.83 2.91 -11.04
CA VAL C 266 -0.02 4.01 -11.37
C VAL C 266 -0.70 5.13 -12.13
N ASP C 267 -1.79 4.83 -12.81
CA ASP C 267 -2.40 5.91 -13.58
C ASP C 267 -3.90 6.19 -13.15
N HIS C 268 -4.31 5.60 -12.03
CA HIS C 268 -5.65 5.88 -11.42
C HIS C 268 -5.66 5.12 -10.10
N ASN C 269 -5.13 5.77 -9.08
CA ASN C 269 -4.97 5.11 -7.83
C ASN C 269 -6.15 5.38 -6.90
N ASN C 270 -7.36 5.18 -7.41
CA ASN C 270 -8.57 5.48 -6.61
C ASN C 270 -8.59 4.68 -5.33
N TRP C 271 -8.24 3.41 -5.41
CA TRP C 271 -8.26 2.56 -4.23
C TRP C 271 -7.31 3.10 -3.18
N GLU C 272 -6.08 3.41 -3.60
CA GLU C 272 -5.11 3.96 -2.67
C GLU C 272 -5.56 5.33 -2.13
N ALA C 273 -6.13 6.21 -2.94
CA ALA C 273 -6.39 7.58 -2.46
C ALA C 273 -7.63 7.50 -1.54
N TYR C 274 -8.63 6.77 -1.98
CA TYR C 274 -9.84 6.63 -1.18
C TYR C 274 -9.54 5.93 0.18
N THR C 275 -8.82 4.82 0.20
CA THR C 275 -8.63 4.15 1.46
C THR C 275 -7.80 4.98 2.43
N MET C 276 -6.96 5.89 1.91
CA MET C 276 -6.08 6.71 2.80
C MET C 276 -6.76 7.95 3.31
N SER C 277 -7.90 8.34 2.68
CA SER C 277 -8.63 9.54 3.08
C SER C 277 -9.28 9.18 4.37
N LYS C 278 -9.71 10.19 5.11
CA LYS C 278 -10.54 9.99 6.27
C LYS C 278 -11.82 9.22 5.91
N HIS C 279 -12.49 9.59 4.84
CA HIS C 279 -13.59 8.70 4.38
C HIS C 279 -13.29 7.16 4.39
N GLY C 280 -12.25 6.74 3.64
CA GLY C 280 -11.77 5.33 3.52
C GLY C 280 -11.36 4.71 4.86
N LYS C 281 -10.65 5.48 5.67
CA LYS C 281 -10.17 4.96 6.96
C LYS C 281 -11.41 4.78 7.91
N LEU C 282 -12.38 5.68 7.90
CA LEU C 282 -13.60 5.44 8.65
C LEU C 282 -14.33 4.21 8.14
N ALA C 283 -14.41 4.03 6.81
CA ALA C 283 -14.97 2.75 6.27
C ALA C 283 -14.21 1.52 6.74
N GLU C 284 -12.87 1.59 6.83
CA GLU C 284 -12.13 0.48 7.39
C GLU C 284 -12.47 0.27 8.85
N MET C 285 -12.50 1.37 9.62
CA MET C 285 -12.75 1.26 11.06
C MET C 285 -14.16 0.80 11.43
N ASN C 286 -15.15 1.09 10.59
CA ASN C 286 -16.53 0.81 10.85
C ASN C 286 -17.17 -0.23 9.98
N ARG C 287 -16.42 -0.85 9.09
CA ARG C 287 -16.95 -1.90 8.25
C ARG C 287 -17.81 -2.91 9.03
N ASP C 288 -17.44 -3.23 10.28
CA ASP C 288 -18.12 -4.29 11.02
C ASP C 288 -19.36 -3.76 11.75
N LYS C 289 -19.68 -2.49 11.57
CA LYS C 289 -20.74 -1.89 12.26
C LYS C 289 -21.82 -1.64 11.29
N TRP C 290 -21.53 -1.63 10.00
CA TRP C 290 -22.52 -1.23 9.05
C TRP C 290 -23.16 -2.50 8.59
N ASN C 291 -24.43 -2.45 8.19
CA ASN C 291 -25.11 -3.58 7.54
C ASN C 291 -25.00 -3.44 6.02
N TRP C 292 -24.12 -4.23 5.43
CA TRP C 292 -23.82 -4.12 4.00
C TRP C 292 -24.92 -4.82 3.18
N GLU C 293 -25.82 -5.55 3.83
CA GLU C 293 -26.93 -6.20 3.11
C GLU C 293 -28.07 -5.24 2.63
N VAL C 294 -28.17 -4.06 3.26
CA VAL C 294 -29.24 -3.17 2.87
C VAL C 294 -28.88 -2.56 1.54
N ARG C 295 -29.88 -2.16 0.74
CA ARG C 295 -29.55 -1.50 -0.52
C ARG C 295 -28.98 -0.11 -0.25
N LEU C 296 -28.24 0.36 -1.21
CA LEU C 296 -27.61 1.67 -1.16
C LEU C 296 -28.57 2.79 -0.66
N LYS C 297 -29.81 2.73 -1.11
CA LYS C 297 -30.77 3.78 -0.82
C LYS C 297 -31.06 3.84 0.65
N ASP C 298 -30.81 2.71 1.34
CA ASP C 298 -31.03 2.54 2.79
C ASP C 298 -29.70 2.50 3.60
N ALA C 299 -28.55 2.69 2.94
CA ALA C 299 -27.23 2.50 3.55
C ALA C 299 -27.07 3.42 4.75
N PHE C 300 -27.35 4.70 4.56
CA PHE C 300 -27.21 5.70 5.61
C PHE C 300 -28.27 5.71 6.76
N SER C 301 -29.38 4.99 6.58
CA SER C 301 -30.38 4.91 7.62
C SER C 301 -30.38 3.51 8.17
N LYS C 302 -31.05 2.59 7.50
CA LYS C 302 -31.05 1.23 7.94
C LYS C 302 -29.67 0.60 8.01
N GLY C 303 -28.69 1.02 7.18
CA GLY C 303 -27.40 0.32 7.16
C GLY C 303 -26.49 0.90 8.22
N GLY C 304 -26.78 2.10 8.74
CA GLY C 304 -26.01 2.66 9.87
C GLY C 304 -24.72 3.23 9.35
N GLN C 305 -24.65 3.37 8.02
CA GLN C 305 -23.45 3.74 7.37
C GLN C 305 -23.17 5.23 7.63
N ASN C 306 -21.96 5.54 8.10
CA ASN C 306 -21.66 6.95 8.37
C ASN C 306 -20.44 7.51 7.65
N ALA C 307 -19.87 6.80 6.67
CA ALA C 307 -18.83 7.41 5.81
C ALA C 307 -19.10 6.91 4.44
N PRO C 308 -18.70 7.67 3.39
CA PRO C 308 -19.09 7.32 2.02
C PRO C 308 -18.18 6.19 1.54
N THR C 309 -18.58 5.51 0.48
CA THR C 309 -17.86 4.36 -0.08
C THR C 309 -17.99 4.55 -1.59
N CYS C 310 -17.13 3.93 -2.42
CA CYS C 310 -17.14 4.11 -3.88
C CYS C 310 -18.51 3.95 -4.48
N ALA C 311 -19.25 2.92 -4.07
CA ALA C 311 -20.59 2.66 -4.67
C ALA C 311 -21.59 3.72 -4.32
N ALA C 312 -21.66 4.06 -3.00
CA ALA C 312 -22.54 5.12 -2.52
C ALA C 312 -22.28 6.38 -3.28
N CYS C 313 -21.01 6.78 -3.51
CA CYS C 313 -20.83 8.05 -4.28
C CYS C 313 -21.10 7.90 -5.73
N HIS C 314 -20.58 6.83 -6.33
CA HIS C 314 -20.66 6.78 -7.77
C HIS C 314 -21.95 6.22 -8.33
N MET C 315 -22.71 5.42 -7.58
CA MET C 315 -23.97 4.95 -8.14
C MET C 315 -25.15 5.93 -7.80
N GLU C 316 -24.86 6.94 -6.99
CA GLU C 316 -25.91 7.88 -6.61
C GLU C 316 -26.07 8.91 -7.72
N TYR C 317 -27.33 9.21 -8.05
CA TYR C 317 -27.61 10.32 -8.94
C TYR C 317 -28.98 10.96 -8.52
N GLU C 318 -28.93 12.22 -8.13
CA GLU C 318 -30.13 12.99 -7.92
C GLU C 318 -31.05 12.16 -7.08
N GLY C 319 -30.51 11.49 -6.06
CA GLY C 319 -31.36 10.90 -5.08
C GLY C 319 -31.66 9.46 -5.38
N GLU C 320 -31.28 8.93 -6.51
CA GLU C 320 -31.52 7.51 -6.73
C GLU C 320 -30.23 6.71 -6.95
N TYR C 321 -30.24 5.41 -6.72
CA TYR C 321 -29.10 4.54 -7.05
C TYR C 321 -29.35 3.63 -8.27
N THR C 322 -28.41 3.63 -9.23
CA THR C 322 -28.50 2.80 -10.42
C THR C 322 -27.07 2.32 -10.80
N HIS C 323 -27.04 1.24 -11.58
CA HIS C 323 -25.80 0.73 -12.19
C HIS C 323 -25.18 1.62 -13.26
N ASN C 324 -25.76 2.81 -13.54
CA ASN C 324 -25.13 3.71 -14.48
C ASN C 324 -24.18 4.56 -13.62
N ILE C 325 -22.87 4.58 -13.94
CA ILE C 325 -21.90 5.30 -13.02
C ILE C 325 -21.31 6.53 -13.71
N THR C 326 -21.95 6.97 -14.78
CA THR C 326 -21.35 7.98 -15.67
C THR C 326 -21.88 9.41 -15.54
N ARG C 327 -22.96 9.60 -14.82
CA ARG C 327 -23.72 10.82 -14.92
C ARG C 327 -23.19 12.05 -14.22
N LYS C 328 -22.21 11.87 -13.34
CA LYS C 328 -21.60 13.01 -12.69
C LYS C 328 -20.18 13.22 -13.13
N THR C 329 -19.72 12.45 -14.11
CA THR C 329 -18.32 12.58 -14.58
C THR C 329 -18.01 13.93 -15.22
N ARG C 330 -16.95 14.55 -14.73
CA ARG C 330 -16.50 15.88 -15.23
C ARG C 330 -15.06 15.83 -15.76
N TRP C 331 -14.15 15.35 -14.92
CA TRP C 331 -12.74 15.28 -15.18
C TRP C 331 -12.31 14.00 -15.86
N ALA C 332 -12.95 12.88 -15.49
CA ALA C 332 -12.65 11.60 -16.13
C ALA C 332 -11.21 11.15 -15.97
N ASN C 333 -10.62 11.42 -14.82
CA ASN C 333 -9.32 10.86 -14.48
C ASN C 333 -8.09 11.48 -15.10
N TYR C 334 -8.12 11.68 -16.41
CA TYR C 334 -6.95 12.14 -17.12
C TYR C 334 -7.11 13.63 -17.45
N PRO C 335 -6.56 14.52 -16.61
CA PRO C 335 -6.87 15.97 -16.73
C PRO C 335 -6.36 16.65 -18.03
N PHE C 336 -5.38 16.00 -18.73
CA PHE C 336 -4.68 16.59 -19.87
C PHE C 336 -5.39 16.19 -21.16
N VAL C 337 -6.49 15.43 -21.11
CA VAL C 337 -7.19 15.07 -22.34
C VAL C 337 -7.72 16.35 -22.99
N PRO C 338 -7.49 16.56 -24.31
CA PRO C 338 -7.87 17.87 -24.89
C PRO C 338 -9.37 18.19 -24.82
N GLY C 339 -9.67 19.45 -24.45
CA GLY C 339 -11.04 19.88 -24.16
C GLY C 339 -11.59 19.61 -22.75
N ILE C 340 -10.93 18.75 -21.97
CA ILE C 340 -11.43 18.45 -20.63
C ILE C 340 -11.34 19.66 -19.70
N ALA C 341 -10.14 20.22 -19.56
CA ALA C 341 -9.94 21.38 -18.70
C ALA C 341 -10.74 22.62 -19.16
N GLU C 342 -10.78 22.85 -20.47
CA GLU C 342 -11.58 23.95 -21.09
C GLU C 342 -13.08 23.79 -20.82
N ASN C 343 -13.49 22.52 -20.59
CA ASN C 343 -14.91 22.20 -20.44
C ASN C 343 -15.31 22.41 -18.97
N ILE C 344 -14.34 22.59 -18.05
CA ILE C 344 -14.63 22.51 -16.61
C ILE C 344 -15.60 23.55 -16.08
N THR C 345 -15.70 24.69 -16.78
CA THR C 345 -16.59 25.79 -16.41
C THR C 345 -17.87 25.82 -17.25
N SER C 346 -18.05 24.91 -18.18
CA SER C 346 -19.30 24.88 -18.95
C SER C 346 -20.53 24.63 -18.07
N ASP C 347 -21.68 25.05 -18.59
CA ASP C 347 -23.00 24.73 -17.97
C ASP C 347 -23.21 23.24 -17.77
N TRP C 348 -22.69 22.47 -18.71
CA TRP C 348 -22.71 21.00 -18.65
C TRP C 348 -21.90 20.48 -17.42
N SER C 349 -20.71 21.04 -17.20
CA SER C 349 -19.90 20.60 -16.03
C SER C 349 -20.46 21.13 -14.74
N GLU C 350 -21.07 22.33 -14.77
CA GLU C 350 -21.66 22.93 -13.57
C GLU C 350 -22.85 22.09 -13.11
N ALA C 351 -23.57 21.58 -14.10
CA ALA C 351 -24.75 20.79 -13.85
C ALA C 351 -24.34 19.51 -13.11
N ARG C 352 -23.27 18.87 -13.59
CA ARG C 352 -22.77 17.63 -12.98
C ARG C 352 -22.20 17.94 -11.57
N LEU C 353 -21.54 19.11 -11.47
CA LEU C 353 -21.00 19.55 -10.17
C LEU C 353 -22.14 19.68 -9.11
N ASP C 354 -23.28 20.27 -9.52
CA ASP C 354 -24.46 20.36 -8.66
C ASP C 354 -24.94 18.98 -8.20
N SER C 355 -24.92 18.00 -9.09
CA SER C 355 -25.28 16.62 -8.72
C SER C 355 -24.29 16.05 -7.72
N TRP C 356 -23.00 16.37 -7.89
CA TRP C 356 -21.96 15.98 -6.91
C TRP C 356 -22.26 16.64 -5.54
N VAL C 357 -22.56 17.95 -5.56
CA VAL C 357 -22.79 18.65 -4.35
C VAL C 357 -23.93 18.04 -3.57
N LEU C 358 -24.97 17.66 -4.31
CA LEU C 358 -26.08 16.98 -3.71
C LEU C 358 -25.66 15.63 -3.02
N THR C 359 -24.76 14.87 -3.66
CA THR C 359 -24.21 13.70 -3.02
C THR C 359 -23.51 14.04 -1.70
N CYS C 360 -22.54 14.98 -1.72
CA CYS C 360 -21.81 15.30 -0.51
C CYS C 360 -22.75 15.79 0.61
N THR C 361 -23.77 16.57 0.25
CA THR C 361 -24.62 17.23 1.26
C THR C 361 -25.62 16.28 1.92
N GLN C 362 -25.52 15.00 1.64
CA GLN C 362 -26.12 14.03 2.52
C GLN C 362 -25.47 14.13 3.89
N CYS C 363 -24.24 14.60 3.96
CA CYS C 363 -23.59 14.72 5.25
C CYS C 363 -23.08 16.14 5.46
N HIS C 364 -22.23 16.65 4.56
CA HIS C 364 -21.70 18.01 4.73
C HIS C 364 -22.68 19.12 4.36
N SER C 365 -22.44 20.34 4.89
CA SER C 365 -23.14 21.49 4.37
C SER C 365 -22.70 21.73 2.97
N GLU C 366 -23.54 22.43 2.23
CA GLU C 366 -23.28 22.77 0.83
C GLU C 366 -22.09 23.71 0.66
N ARG C 367 -21.97 24.66 1.57
CA ARG C 367 -20.81 25.55 1.59
C ARG C 367 -19.48 24.80 1.76
N PHE C 368 -19.49 23.83 2.67
CA PHE C 368 -18.28 22.98 2.85
C PHE C 368 -17.97 22.14 1.61
N ALA C 369 -19.01 21.44 1.11
CA ALA C 369 -18.81 20.63 -0.06
C ALA C 369 -18.32 21.45 -1.27
N ARG C 370 -18.91 22.65 -1.50
CA ARG C 370 -18.51 23.48 -2.63
C ARG C 370 -17.09 24.06 -2.41
N SER C 371 -16.74 24.35 -1.13
CA SER C 371 -15.35 24.75 -0.80
C SER C 371 -14.35 23.70 -1.23
N TYR C 372 -14.63 22.46 -0.87
CA TYR C 372 -13.71 21.39 -1.26
C TYR C 372 -13.65 21.12 -2.78
N LEU C 373 -14.81 21.03 -3.42
CA LEU C 373 -14.80 20.72 -4.85
C LEU C 373 -14.11 21.87 -5.64
N ASP C 374 -14.16 23.08 -5.09
CA ASP C 374 -13.39 24.19 -5.69
C ASP C 374 -11.86 23.95 -5.60
N LEU C 375 -11.41 23.58 -4.42
CA LEU C 375 -10.05 23.11 -4.24
C LEU C 375 -9.68 21.96 -5.23
N MET C 376 -10.55 20.97 -5.38
CA MET C 376 -10.25 19.86 -6.26
C MET C 376 -10.05 20.38 -7.67
N ASP C 377 -11.00 21.20 -8.16
CA ASP C 377 -10.87 21.65 -9.55
C ASP C 377 -9.61 22.51 -9.83
N LYS C 378 -9.30 23.46 -8.95
CA LYS C 378 -8.12 24.32 -9.12
C LYS C 378 -6.81 23.61 -8.85
N GLY C 379 -6.77 22.76 -7.82
CA GLY C 379 -5.56 21.92 -7.65
C GLY C 379 -5.27 21.02 -8.90
N THR C 380 -6.34 20.41 -9.48
CA THR C 380 -6.15 19.63 -10.72
C THR C 380 -5.45 20.48 -11.82
N LEU C 381 -5.99 21.68 -12.00
CA LEU C 381 -5.48 22.59 -13.01
C LEU C 381 -4.06 23.06 -12.67
N GLU C 382 -3.75 23.28 -11.38
CA GLU C 382 -2.31 23.54 -10.99
C GLU C 382 -1.33 22.46 -11.39
N GLY C 383 -1.72 21.20 -11.20
CA GLY C 383 -0.96 20.08 -11.71
C GLY C 383 -0.87 20.12 -13.22
N LEU C 384 -2.00 20.32 -13.90
CA LEU C 384 -2.02 20.36 -15.38
C LEU C 384 -1.02 21.40 -15.92
N ALA C 385 -1.03 22.59 -15.31
CA ALA C 385 -0.11 23.68 -15.68
C ALA C 385 1.36 23.29 -15.62
N LYS C 386 1.78 22.67 -14.51
CA LYS C 386 3.18 22.27 -14.27
C LYS C 386 3.60 21.26 -15.29
N TYR C 387 2.73 20.27 -15.55
CA TYR C 387 3.02 19.35 -16.64
C TYR C 387 3.10 20.08 -18.00
N GLN C 388 2.12 20.95 -18.27
CA GLN C 388 2.14 21.66 -19.57
C GLN C 388 3.47 22.40 -19.83
N GLU C 389 4.02 23.09 -18.82
CA GLU C 389 5.34 23.68 -18.90
C GLU C 389 6.42 22.64 -19.26
N ALA C 390 6.55 21.56 -18.49
CA ALA C 390 7.55 20.54 -18.82
C ALA C 390 7.40 19.97 -20.27
N ASN C 391 6.16 19.65 -20.65
CA ASN C 391 5.85 19.20 -22.00
C ASN C 391 6.22 20.17 -23.14
N ALA C 392 6.04 21.47 -22.94
CA ALA C 392 6.59 22.45 -23.90
C ALA C 392 8.10 22.23 -24.21
N ILE C 393 8.93 22.02 -23.19
CA ILE C 393 10.34 21.79 -23.41
C ILE C 393 10.63 20.57 -24.23
N VAL C 394 10.00 19.44 -23.85
CA VAL C 394 10.28 18.16 -24.53
C VAL C 394 9.73 18.19 -25.93
N HIS C 395 8.55 18.78 -26.08
CA HIS C 395 7.88 18.78 -27.39
C HIS C 395 8.70 19.62 -28.41
N LYS C 396 9.35 20.68 -27.88
CA LYS C 396 10.27 21.51 -28.61
C LYS C 396 11.47 20.68 -29.14
N MET C 397 12.18 19.97 -28.28
CA MET C 397 13.19 19.03 -28.76
C MET C 397 12.69 18.08 -29.83
N TYR C 398 11.47 17.60 -29.71
CA TYR C 398 10.92 16.65 -30.70
C TYR C 398 10.82 17.30 -32.08
N GLU C 399 10.26 18.49 -32.13
CA GLU C 399 10.04 19.19 -33.39
C GLU C 399 11.37 19.68 -33.94
N ASP C 400 12.34 19.91 -33.05
CA ASP C 400 13.72 20.15 -33.45
C ASP C 400 14.42 18.91 -33.98
N GLY C 401 13.82 17.74 -33.79
CA GLY C 401 14.50 16.49 -34.12
C GLY C 401 15.66 16.18 -33.17
N THR C 402 15.79 16.86 -32.01
CA THR C 402 16.96 16.71 -31.15
C THR C 402 16.86 15.72 -29.96
N LEU C 403 15.78 14.92 -29.86
CA LEU C 403 15.73 13.89 -28.78
C LEU C 403 16.82 12.84 -29.03
N THR C 404 17.30 12.23 -27.95
CA THR C 404 18.35 11.21 -28.00
C THR C 404 17.88 10.09 -28.94
N GLY C 405 18.67 9.85 -30.02
CA GLY C 405 18.46 8.81 -31.02
C GLY C 405 17.26 8.97 -31.94
N GLN C 406 16.62 10.15 -31.88
CA GLN C 406 15.46 10.45 -32.72
C GLN C 406 15.68 10.24 -34.20
N LYS C 407 16.87 10.58 -34.68
CA LYS C 407 17.17 10.48 -36.10
C LYS C 407 18.17 9.36 -36.39
N THR C 408 18.67 8.68 -35.36
CA THR C 408 19.59 7.56 -35.58
C THR C 408 19.10 6.17 -35.15
N ASN C 409 18.25 6.08 -34.13
CA ASN C 409 17.81 4.79 -33.54
C ASN C 409 16.44 4.88 -32.93
N ARG C 410 15.45 5.18 -33.75
CA ARG C 410 14.10 5.30 -33.32
C ARG C 410 13.20 4.43 -34.18
N PRO C 411 13.18 3.13 -33.97
CA PRO C 411 12.35 2.27 -34.86
C PRO C 411 10.84 2.55 -34.76
N ASN C 412 10.08 2.16 -35.77
CA ASN C 412 8.62 2.37 -35.73
C ASN C 412 7.84 1.37 -34.83
N PRO C 413 6.74 1.82 -34.22
CA PRO C 413 6.05 0.82 -33.39
C PRO C 413 5.34 -0.24 -34.27
N PRO C 414 4.91 -1.35 -33.65
CA PRO C 414 4.23 -2.41 -34.39
C PRO C 414 2.90 -1.93 -34.96
N GLU C 415 2.54 -2.50 -36.12
CA GLU C 415 1.32 -2.22 -36.92
C GLU C 415 0.08 -2.55 -36.14
N PRO C 416 -0.99 -1.75 -36.31
CA PRO C 416 -1.15 -0.58 -37.16
C PRO C 416 -0.78 0.75 -36.53
N GLU C 417 0.00 0.75 -35.47
CA GLU C 417 0.36 1.99 -34.84
C GLU C 417 1.18 2.85 -35.78
N LYS C 418 1.04 4.18 -35.72
CA LYS C 418 1.88 5.09 -36.52
C LYS C 418 2.84 5.84 -35.58
N PRO C 419 4.11 6.13 -36.02
CA PRO C 419 5.11 6.79 -35.16
C PRO C 419 4.62 8.16 -34.74
N GLY C 420 4.90 8.54 -33.51
CA GLY C 420 4.50 9.84 -32.96
C GLY C 420 5.23 10.22 -31.67
N PHE C 421 4.98 11.43 -31.17
CA PHE C 421 5.68 11.88 -29.96
C PHE C 421 4.86 11.56 -28.72
N GLY C 422 5.44 10.84 -27.75
CA GLY C 422 4.76 10.61 -26.45
C GLY C 422 3.32 10.13 -26.59
N ILE C 423 3.16 9.05 -27.39
CA ILE C 423 1.89 8.33 -27.55
C ILE C 423 1.75 7.12 -26.55
N PHE C 424 0.49 6.71 -26.30
CA PHE C 424 0.16 5.64 -25.29
C PHE C 424 0.96 4.37 -25.49
N THR C 425 1.25 4.11 -26.78
CA THR C 425 2.02 2.97 -27.24
C THR C 425 3.37 2.83 -26.52
N GLN C 426 4.01 3.97 -26.26
CA GLN C 426 5.38 3.97 -25.73
C GLN C 426 5.50 3.52 -24.27
N LEU C 427 4.33 3.32 -23.63
CA LEU C 427 4.20 2.79 -22.24
C LEU C 427 4.14 1.27 -22.23
N PHE C 428 3.72 0.68 -23.36
CA PHE C 428 3.67 -0.80 -23.50
C PHE C 428 4.61 -1.51 -24.51
N TRP C 429 5.26 -0.66 -25.30
CA TRP C 429 6.19 -1.07 -26.33
C TRP C 429 7.31 -0.06 -26.36
N SER C 430 8.53 -0.55 -26.22
CA SER C 430 9.71 0.27 -26.47
C SER C 430 10.73 -0.56 -27.30
N LYS C 431 11.53 0.11 -28.15
CA LYS C 431 12.63 -0.56 -28.86
C LYS C 431 13.61 0.52 -29.25
N GLY C 432 14.91 0.27 -29.10
CA GLY C 432 15.91 1.29 -29.36
C GLY C 432 15.66 2.53 -28.49
N ASN C 433 15.74 3.71 -29.10
CA ASN C 433 15.42 4.95 -28.45
C ASN C 433 14.03 5.43 -28.86
N ASN C 434 13.11 4.49 -29.12
CA ASN C 434 11.69 4.80 -29.21
C ASN C 434 10.84 4.13 -28.06
N PRO C 435 10.49 4.89 -26.99
CA PRO C 435 10.63 6.37 -26.89
C PRO C 435 11.99 6.80 -26.38
N ALA C 436 12.29 8.10 -26.47
CA ALA C 436 13.45 8.65 -25.75
C ALA C 436 13.12 8.74 -24.28
N SER C 437 14.13 8.79 -23.43
CA SER C 437 13.90 8.89 -21.97
C SER C 437 13.11 10.12 -21.51
N LEU C 438 13.52 11.31 -21.96
CA LEU C 438 12.78 12.52 -21.67
C LEU C 438 11.34 12.39 -22.09
N GLU C 439 11.15 11.81 -23.27
CA GLU C 439 9.86 11.68 -23.89
C GLU C 439 9.02 10.82 -22.97
N LEU C 440 9.56 9.68 -22.55
CA LEU C 440 8.79 8.81 -21.62
C LEU C 440 8.54 9.52 -20.25
N LYS C 441 9.53 10.29 -19.78
CA LYS C 441 9.46 10.97 -18.50
C LYS C 441 8.27 11.94 -18.53
N VAL C 442 8.13 12.67 -19.60
CA VAL C 442 7.00 13.58 -19.74
C VAL C 442 5.59 12.91 -19.95
N LEU C 443 5.56 11.78 -20.65
CA LEU C 443 4.32 11.06 -20.84
C LEU C 443 3.82 10.56 -19.50
N GLU C 444 4.74 9.99 -18.72
CA GLU C 444 4.38 9.49 -17.42
C GLU C 444 3.99 10.63 -16.50
N MET C 445 4.59 11.79 -16.68
CA MET C 445 4.28 12.93 -15.85
C MET C 445 2.75 13.23 -15.90
N ALA C 446 2.20 13.18 -17.13
CA ALA C 446 0.82 13.38 -17.39
C ALA C 446 0.02 12.13 -17.02
N GLU C 447 0.29 11.01 -17.69
CA GLU C 447 -0.45 9.74 -17.57
C GLU C 447 -0.49 9.19 -16.20
N ASN C 448 0.61 9.29 -15.49
CA ASN C 448 0.68 8.72 -14.17
C ASN C 448 0.53 9.76 -13.13
N ASN C 449 1.47 10.67 -13.04
CA ASN C 449 1.55 11.56 -11.89
C ASN C 449 0.52 12.67 -11.83
N LEU C 450 0.20 13.27 -12.97
CA LEU C 450 -0.87 14.23 -12.97
C LEU C 450 -2.23 13.52 -12.70
N ALA C 451 -2.48 12.38 -13.33
CA ALA C 451 -3.74 11.66 -13.16
C ALA C 451 -3.80 11.30 -11.68
N LYS C 452 -2.71 10.79 -11.08
CA LYS C 452 -2.77 10.48 -9.63
C LYS C 452 -3.00 11.70 -8.75
N MET C 453 -2.41 12.87 -9.11
CA MET C 453 -2.67 14.09 -8.37
C MET C 453 -4.18 14.41 -8.39
N HIS C 454 -4.80 14.26 -9.57
CA HIS C 454 -6.25 14.49 -9.68
C HIS C 454 -7.07 13.50 -8.81
N VAL C 455 -6.67 12.23 -8.77
CA VAL C 455 -7.45 11.21 -8.08
C VAL C 455 -7.29 11.51 -6.60
N GLY C 456 -6.07 11.94 -6.17
CA GLY C 456 -5.81 12.33 -4.76
C GLY C 456 -6.75 13.43 -4.30
N LEU C 457 -6.88 14.45 -5.16
CA LEU C 457 -7.78 15.58 -4.95
C LEU C 457 -9.23 15.15 -4.91
N ALA C 458 -9.65 14.32 -5.89
CA ALA C 458 -11.08 13.97 -5.91
C ALA C 458 -11.47 13.10 -4.72
N HIS C 459 -10.53 12.36 -4.16
CA HIS C 459 -10.90 11.42 -3.13
C HIS C 459 -10.39 11.85 -1.79
N VAL C 460 -9.92 13.12 -1.70
CA VAL C 460 -9.69 13.77 -0.40
C VAL C 460 -8.55 13.09 0.36
N ASN C 461 -7.45 12.81 -0.36
CA ASN C 461 -6.22 12.32 0.27
C ASN C 461 -5.06 13.29 0.09
N PRO C 462 -4.82 14.14 1.12
CA PRO C 462 -3.92 15.30 1.08
C PRO C 462 -2.52 14.87 0.61
N GLY C 463 -1.98 13.78 1.18
CA GLY C 463 -0.65 13.28 0.84
C GLY C 463 -0.64 12.82 -0.63
N GLY C 464 -1.81 12.55 -1.19
CA GLY C 464 -1.93 12.03 -2.54
C GLY C 464 -1.99 13.08 -3.64
N TRP C 465 -1.94 14.35 -3.27
CA TRP C 465 -1.75 15.40 -4.26
C TRP C 465 -0.57 16.34 -3.92
N THR C 466 0.09 16.14 -2.75
CA THR C 466 1.16 17.03 -2.28
C THR C 466 2.51 16.25 -2.25
N TYR C 467 2.86 15.73 -1.08
CA TYR C 467 4.13 14.98 -0.88
C TYR C 467 4.32 13.71 -1.69
N THR C 468 3.34 12.80 -1.60
CA THR C 468 3.57 11.40 -1.93
C THR C 468 3.09 11.06 -3.32
N GLU C 469 1.95 11.61 -3.79
CA GLU C 469 1.60 11.44 -5.21
C GLU C 469 1.26 12.78 -5.75
N GLY C 470 1.27 12.92 -7.08
CA GLY C 470 0.94 14.22 -7.70
C GLY C 470 2.07 15.22 -7.64
N TRP C 471 2.06 16.20 -6.73
CA TRP C 471 2.92 17.36 -6.80
C TRP C 471 4.38 17.01 -6.61
N GLY C 472 4.66 16.15 -5.63
CA GLY C 472 6.03 15.69 -5.33
C GLY C 472 6.70 15.05 -6.53
N PRO C 473 6.08 14.00 -7.06
CA PRO C 473 6.65 13.35 -8.24
C PRO C 473 6.65 14.25 -9.46
N MET C 474 5.62 15.07 -9.65
CA MET C 474 5.66 15.97 -10.79
C MET C 474 6.82 16.98 -10.68
N ASN C 475 7.04 17.53 -9.48
CA ASN C 475 8.19 18.34 -9.25
C ASN C 475 9.49 17.67 -9.70
N ARG C 476 9.74 16.42 -9.32
CA ARG C 476 10.95 15.72 -9.72
C ARG C 476 11.05 15.56 -11.22
N ALA C 477 9.94 15.20 -11.86
CA ALA C 477 9.90 15.12 -13.36
C ALA C 477 10.32 16.43 -14.04
N TYR C 478 9.63 17.52 -13.70
CA TYR C 478 10.02 18.90 -14.06
C TYR C 478 11.53 19.16 -13.87
N VAL C 479 12.03 18.90 -12.67
CA VAL C 479 13.42 19.19 -12.33
C VAL C 479 14.33 18.38 -13.24
N GLU C 480 14.02 17.09 -13.45
CA GLU C 480 14.89 16.23 -14.20
C GLU C 480 14.83 16.57 -15.64
N ILE C 481 13.65 16.92 -16.14
CA ILE C 481 13.48 17.37 -17.53
C ILE C 481 14.31 18.65 -17.83
N GLN C 482 14.22 19.62 -16.94
CA GLN C 482 15.00 20.83 -17.03
C GLN C 482 16.53 20.57 -17.05
N ASP C 483 16.99 19.74 -16.13
CA ASP C 483 18.41 19.38 -15.93
C ASP C 483 18.99 18.79 -17.21
N GLU C 484 18.31 17.77 -17.75
CA GLU C 484 18.76 17.05 -18.94
C GLU C 484 18.61 17.94 -20.17
N TYR C 485 17.53 18.72 -20.26
CA TYR C 485 17.46 19.77 -21.32
C TYR C 485 18.72 20.64 -21.37
N THR C 486 19.12 21.19 -20.22
CA THR C 486 20.29 22.04 -20.11
C THR C 486 21.58 21.27 -20.39
N LYS C 487 21.68 20.03 -19.90
CA LYS C 487 22.87 19.20 -20.07
C LYS C 487 23.01 18.97 -21.55
N MET C 488 21.86 18.68 -22.17
CA MET C 488 21.80 18.44 -23.60
C MET C 488 22.13 19.68 -24.44
N GLN C 489 21.80 20.87 -23.93
CA GLN C 489 22.20 22.08 -24.60
C GLN C 489 23.70 22.32 -24.49
N GLU C 490 24.27 22.13 -23.32
CA GLU C 490 25.68 22.45 -23.14
C GLU C 490 26.60 21.47 -23.90
N LEU C 491 26.14 20.24 -24.08
CA LEU C 491 26.81 19.25 -24.91
C LEU C 491 26.65 19.56 -26.41
N SER C 492 25.46 19.97 -26.83
CA SER C 492 25.25 20.46 -28.20
C SER C 492 26.22 21.59 -28.52
N ALA C 493 26.26 22.57 -27.61
CA ALA C 493 27.20 23.68 -27.67
C ALA C 493 28.62 23.18 -27.90
N LEU C 494 29.02 22.13 -27.18
CA LEU C 494 30.40 21.68 -27.09
C LEU C 494 30.71 20.90 -28.33
N GLN C 495 29.72 20.17 -28.81
CA GLN C 495 29.81 19.51 -30.10
C GLN C 495 29.99 20.53 -31.21
N ALA C 496 29.18 21.60 -31.18
CA ALA C 496 29.34 22.70 -32.13
C ALA C 496 30.81 23.21 -32.15
N ARG C 497 31.37 23.51 -30.97
CA ARG C 497 32.76 23.93 -30.87
C ARG C 497 33.75 22.97 -31.52
N VAL C 498 33.38 21.71 -31.57
CA VAL C 498 34.31 20.74 -32.06
C VAL C 498 34.30 20.64 -33.59
N ASN C 499 33.14 20.57 -34.22
CA ASN C 499 33.21 20.59 -35.69
C ASN C 499 33.60 21.99 -36.28
N LYS C 500 33.58 23.02 -35.43
CA LYS C 500 34.24 24.30 -35.76
C LYS C 500 35.75 24.06 -35.91
N LEU C 501 36.42 23.63 -34.84
CA LEU C 501 37.82 23.21 -34.88
C LEU C 501 38.15 22.26 -36.02
N GLU C 502 37.17 21.49 -36.48
CA GLU C 502 37.30 20.76 -37.73
C GLU C 502 36.60 21.62 -38.76
N SER D 7 24.13 25.02 18.19
CA SER D 7 24.34 24.83 19.65
C SER D 7 25.30 23.65 20.06
N LEU D 8 25.02 22.40 19.64
CA LEU D 8 26.02 21.28 19.77
C LEU D 8 27.09 21.29 18.65
N ALA D 9 28.34 20.96 19.00
CA ALA D 9 29.40 20.80 17.99
C ALA D 9 28.96 19.64 17.10
N PRO D 10 28.87 19.88 15.77
CA PRO D 10 28.41 18.79 14.88
C PRO D 10 29.42 17.64 14.89
N ILE D 11 28.92 16.40 14.93
CA ILE D 11 29.75 15.22 14.91
C ILE D 11 29.12 14.32 13.88
N SER D 12 29.91 13.85 12.92
CA SER D 12 29.35 13.07 11.80
C SER D 12 28.84 11.70 12.28
N ALA D 13 27.87 11.16 11.54
CA ALA D 13 27.14 9.94 11.91
C ALA D 13 28.09 8.73 12.13
N LYS D 14 29.08 8.57 11.25
CA LYS D 14 30.09 7.50 11.43
C LYS D 14 30.95 7.68 12.71
N ASP D 15 31.24 8.92 13.11
CA ASP D 15 31.93 9.14 14.41
C ASP D 15 31.04 8.85 15.61
N MET D 16 29.74 9.12 15.50
CA MET D 16 28.78 8.74 16.54
C MET D 16 28.75 7.22 16.71
N LEU D 17 28.64 6.47 15.59
CA LEU D 17 28.68 4.99 15.61
C LEU D 17 29.96 4.45 16.25
N ASP D 18 31.09 5.01 15.84
CA ASP D 18 32.40 4.62 16.37
C ASP D 18 32.56 4.93 17.86
N TYR D 19 31.99 6.05 18.31
CA TYR D 19 31.93 6.35 19.71
C TYR D 19 31.15 5.29 20.47
N LEU D 20 29.96 4.95 19.94
CA LEU D 20 29.04 4.02 20.56
C LEU D 20 29.67 2.64 20.62
N ALA D 21 30.42 2.28 19.59
CA ALA D 21 31.15 1.01 19.54
C ALA D 21 32.38 1.00 20.43
N CYS D 22 32.66 2.11 21.12
CA CYS D 22 33.86 2.23 21.95
C CYS D 22 33.58 2.66 23.37
N LYS D 23 32.40 3.23 23.61
CA LYS D 23 31.99 3.72 24.94
C LYS D 23 32.50 2.79 26.05
N ASP D 24 32.32 1.48 25.89
CA ASP D 24 32.71 0.55 26.92
C ASP D 24 34.15 0.02 26.83
N LYS D 25 34.91 0.48 25.84
CA LYS D 25 36.22 -0.07 25.50
C LYS D 25 37.39 0.55 26.32
N LYS D 26 38.57 -0.08 26.30
CA LYS D 26 39.80 0.53 26.81
C LYS D 26 40.26 1.41 25.65
N PRO D 27 40.99 2.50 25.94
CA PRO D 27 41.46 3.38 24.87
C PRO D 27 42.33 2.71 23.76
N THR D 28 42.98 1.58 24.06
CA THR D 28 43.85 0.90 23.07
C THR D 28 43.12 -0.17 22.23
N ASP D 29 41.88 -0.50 22.61
CA ASP D 29 41.09 -1.47 21.87
C ASP D 29 40.78 -0.98 20.48
N VAL D 30 40.70 -1.92 19.54
CA VAL D 30 40.31 -1.63 18.16
C VAL D 30 38.91 -2.21 17.91
N VAL D 31 38.10 -1.54 17.11
CA VAL D 31 36.76 -1.99 16.75
C VAL D 31 36.55 -1.80 15.27
N LYS D 32 35.63 -2.54 14.69
CA LYS D 32 35.21 -2.31 13.30
C LYS D 32 34.37 -1.03 13.11
N SER D 33 34.62 -0.30 12.01
CA SER D 33 33.65 0.70 11.55
C SER D 33 32.24 0.11 11.37
N HIS D 34 31.18 0.89 11.58
CA HIS D 34 29.84 0.44 11.14
C HIS D 34 29.50 0.93 9.74
N THR D 35 30.36 1.74 9.13
CA THR D 35 29.94 2.42 7.90
C THR D 35 30.99 2.45 6.78
N GLU D 36 32.26 2.26 7.14
CA GLU D 36 33.42 2.47 6.23
C GLU D 36 34.08 1.17 5.69
N VAL D 37 34.26 1.09 4.39
CA VAL D 37 35.04 0.03 3.74
C VAL D 37 36.07 0.74 2.92
N GLU D 38 37.35 0.38 3.12
CA GLU D 38 38.46 0.81 2.25
C GLU D 38 39.27 -0.44 1.88
N ASN D 39 39.70 -0.52 0.63
CA ASN D 39 40.57 -1.61 0.16
C ASN D 39 39.97 -3.00 0.34
N GLY D 40 38.66 -3.15 0.16
CA GLY D 40 38.02 -4.47 0.27
C GLY D 40 37.77 -4.95 1.68
N LYS D 41 37.89 -4.07 2.66
CA LYS D 41 37.89 -4.49 4.04
C LYS D 41 37.17 -3.45 4.89
N ILE D 42 36.56 -3.89 5.99
CA ILE D 42 35.95 -2.92 6.93
C ILE D 42 37.11 -2.17 7.62
N VAL D 43 37.11 -0.85 7.47
CA VAL D 43 38.00 0.02 8.25
C VAL D 43 37.97 -0.30 9.75
N ARG D 44 39.15 -0.35 10.35
CA ARG D 44 39.27 -0.53 11.80
C ARG D 44 39.55 0.79 12.51
N VAL D 45 39.05 0.96 13.71
CA VAL D 45 39.24 2.22 14.41
C VAL D 45 39.78 1.97 15.82
N LYS D 46 40.78 2.75 16.24
CA LYS D 46 41.33 2.66 17.62
C LYS D 46 40.42 3.48 18.53
N CYS D 47 40.02 2.91 19.66
CA CYS D 47 39.08 3.63 20.51
C CYS D 47 39.61 4.97 21.06
N GLY D 48 40.92 5.02 21.34
CA GLY D 48 41.58 6.25 21.78
C GLY D 48 41.44 7.41 20.80
N ASP D 49 41.52 7.12 19.52
CA ASP D 49 41.34 8.13 18.48
C ASP D 49 39.94 8.72 18.41
N ILE D 50 38.94 7.90 18.70
CA ILE D 50 37.56 8.34 18.56
C ILE D 50 37.02 8.99 19.86
N VAL D 51 37.15 8.32 21.00
CA VAL D 51 36.83 8.92 22.31
C VAL D 51 37.53 10.31 22.43
N ALA D 52 38.66 10.46 21.73
CA ALA D 52 39.41 11.71 21.66
C ALA D 52 38.65 12.75 20.86
N LEU D 53 38.34 12.44 19.60
CA LEU D 53 37.62 13.33 18.66
C LEU D 53 36.31 13.89 19.24
N VAL D 54 35.55 13.06 19.95
CA VAL D 54 34.27 13.46 20.55
C VAL D 54 34.40 14.47 21.74
N GLN D 55 35.37 14.25 22.64
CA GLN D 55 35.59 15.14 23.80
C GLN D 55 36.84 16.01 23.62
N SER E 7 23.76 -26.46 -15.16
CA SER E 7 23.69 -27.88 -15.65
C SER E 7 22.69 -28.05 -16.78
N LEU E 8 21.81 -27.08 -16.98
CA LEU E 8 20.94 -27.04 -18.18
C LEU E 8 21.62 -26.12 -19.14
N ALA E 9 21.63 -26.49 -20.44
CA ALA E 9 22.01 -25.58 -21.53
C ALA E 9 21.08 -24.35 -21.54
N PRO E 10 21.64 -23.11 -21.37
CA PRO E 10 20.87 -21.85 -21.40
C PRO E 10 20.08 -21.68 -22.70
N ILE E 11 18.78 -21.31 -22.60
CA ILE E 11 17.92 -21.01 -23.78
C ILE E 11 17.31 -19.62 -23.51
N SER E 12 17.26 -18.71 -24.47
CA SER E 12 16.67 -17.43 -24.14
C SER E 12 15.17 -17.53 -24.02
N ALA E 13 14.61 -16.53 -23.34
CA ALA E 13 13.19 -16.57 -23.14
C ALA E 13 12.46 -16.40 -24.48
N LYS E 14 12.95 -15.57 -25.42
CA LYS E 14 12.30 -15.48 -26.74
C LYS E 14 12.26 -16.83 -27.48
N ASP E 15 13.21 -17.71 -27.18
CA ASP E 15 13.33 -19.03 -27.84
C ASP E 15 12.45 -20.07 -27.13
N MET E 16 12.45 -20.02 -25.80
CA MET E 16 11.48 -20.74 -24.95
C MET E 16 10.05 -20.50 -25.43
N LEU E 17 9.74 -19.25 -25.79
CA LEU E 17 8.39 -18.87 -26.19
C LEU E 17 8.05 -19.30 -27.61
N ASP E 18 9.00 -19.19 -28.50
CA ASP E 18 8.79 -19.58 -29.87
C ASP E 18 8.63 -21.09 -29.90
N TYR E 19 9.57 -21.79 -29.21
CA TYR E 19 9.43 -23.23 -28.91
C TYR E 19 8.01 -23.58 -28.44
N LEU E 20 7.57 -22.94 -27.36
CA LEU E 20 6.23 -23.10 -26.79
C LEU E 20 5.10 -22.99 -27.78
N ALA E 21 5.10 -21.95 -28.61
CA ALA E 21 4.10 -21.74 -29.66
C ALA E 21 4.21 -22.74 -30.83
N CYS E 22 5.37 -23.36 -30.96
CA CYS E 22 5.64 -24.32 -32.04
C CYS E 22 5.54 -25.78 -31.55
N LYS E 23 5.39 -25.99 -30.23
CA LYS E 23 5.28 -27.35 -29.67
C LYS E 23 4.49 -28.24 -30.64
N ASP E 24 3.26 -27.81 -30.96
CA ASP E 24 2.24 -28.60 -31.67
C ASP E 24 1.92 -28.13 -33.10
N LYS E 25 2.95 -27.93 -33.91
CA LYS E 25 2.78 -27.40 -35.27
C LYS E 25 3.48 -28.33 -36.27
N LYS E 26 3.23 -28.16 -37.57
CA LYS E 26 4.15 -28.76 -38.56
C LYS E 26 5.45 -27.96 -38.52
N PRO E 27 6.57 -28.50 -39.08
CA PRO E 27 7.82 -27.74 -39.03
C PRO E 27 7.90 -26.64 -40.10
N THR E 28 6.86 -26.55 -40.93
CA THR E 28 6.77 -25.53 -42.00
C THR E 28 5.71 -24.46 -41.70
N ASP E 29 4.85 -24.74 -40.72
CA ASP E 29 3.98 -23.74 -40.10
C ASP E 29 4.75 -22.54 -39.54
N VAL E 30 4.16 -21.35 -39.65
CA VAL E 30 4.79 -20.11 -39.19
C VAL E 30 3.91 -19.37 -38.18
N VAL E 31 4.53 -18.89 -37.10
CA VAL E 31 3.81 -18.25 -36.00
C VAL E 31 4.38 -16.84 -35.77
N LYS E 32 3.64 -16.02 -35.04
CA LYS E 32 4.19 -14.74 -34.54
C LYS E 32 5.10 -14.92 -33.31
N SER E 33 6.17 -14.13 -33.28
CA SER E 33 6.96 -13.89 -32.06
C SER E 33 6.07 -13.38 -30.91
N HIS E 34 6.42 -13.76 -29.68
CA HIS E 34 5.77 -13.18 -28.48
C HIS E 34 6.54 -11.97 -27.97
N THR E 35 7.66 -11.63 -28.64
CA THR E 35 8.60 -10.69 -28.05
C THR E 35 9.18 -9.67 -29.01
N GLU E 36 9.29 -10.06 -30.28
CA GLU E 36 10.08 -9.31 -31.28
C GLU E 36 9.24 -8.50 -32.27
N VAL E 37 9.60 -7.22 -32.41
CA VAL E 37 9.08 -6.32 -33.46
C VAL E 37 10.22 -5.84 -34.41
N GLU E 38 10.12 -6.13 -35.70
CA GLU E 38 11.11 -5.62 -36.66
C GLU E 38 10.45 -4.94 -37.85
N ASN E 39 10.92 -3.76 -38.22
CA ASN E 39 10.37 -3.05 -39.38
C ASN E 39 8.90 -2.75 -39.26
N GLY E 40 8.41 -2.36 -38.07
CA GLY E 40 7.01 -2.02 -37.88
C GLY E 40 6.07 -3.22 -37.78
N LYS E 41 6.64 -4.43 -37.65
CA LYS E 41 5.87 -5.67 -37.66
C LYS E 41 6.45 -6.64 -36.66
N ILE E 42 5.54 -7.38 -36.02
CA ILE E 42 5.91 -8.49 -35.15
C ILE E 42 6.64 -9.49 -36.07
N VAL E 43 7.83 -9.89 -35.63
CA VAL E 43 8.65 -10.96 -36.24
C VAL E 43 7.87 -12.29 -36.41
N ARG E 44 7.87 -12.85 -37.64
CA ARG E 44 7.31 -14.20 -37.89
C ARG E 44 8.36 -15.29 -37.75
N VAL E 45 7.96 -16.43 -37.19
CA VAL E 45 8.90 -17.51 -36.94
C VAL E 45 8.46 -18.79 -37.67
N LYS E 46 9.35 -19.38 -38.49
CA LYS E 46 9.11 -20.67 -39.13
C LYS E 46 9.38 -21.71 -38.08
N CYS E 47 8.40 -22.58 -37.80
CA CYS E 47 8.47 -23.50 -36.66
C CYS E 47 9.61 -24.51 -36.61
N GLY E 48 9.91 -25.13 -37.76
CA GLY E 48 11.02 -26.09 -37.84
C GLY E 48 12.32 -25.51 -37.30
N ASP E 49 12.56 -24.22 -37.56
CA ASP E 49 13.80 -23.55 -37.20
C ASP E 49 14.03 -23.45 -35.68
N ILE E 50 13.08 -22.88 -34.93
CA ILE E 50 13.20 -22.81 -33.46
C ILE E 50 12.96 -24.19 -32.78
N VAL E 51 12.21 -25.06 -33.45
CA VAL E 51 12.11 -26.46 -33.05
C VAL E 51 13.53 -27.09 -33.04
N ALA E 52 14.30 -26.81 -34.11
CA ALA E 52 15.72 -27.22 -34.24
C ALA E 52 16.70 -26.52 -33.25
N LEU E 53 16.46 -25.24 -32.93
CA LEU E 53 17.27 -24.49 -31.93
C LEU E 53 17.34 -25.10 -30.52
N VAL E 54 16.29 -25.81 -30.09
CA VAL E 54 16.23 -26.44 -28.74
C VAL E 54 17.25 -27.62 -28.48
N GLN E 55 17.65 -28.36 -29.54
CA GLN E 55 18.68 -29.45 -29.48
C GLN E 55 19.98 -29.03 -30.16
N SER F 7 -12.80 19.95 -30.38
CA SER F 7 -13.94 20.82 -30.76
C SER F 7 -14.01 22.17 -29.97
N LEU F 8 -13.23 22.31 -28.88
CA LEU F 8 -13.00 23.61 -28.15
C LEU F 8 -11.62 24.28 -28.40
N ALA F 9 -11.56 25.62 -28.43
CA ALA F 9 -10.28 26.31 -28.51
C ALA F 9 -9.46 25.89 -27.28
N PRO F 10 -8.19 25.43 -27.46
CA PRO F 10 -7.31 25.13 -26.31
C PRO F 10 -7.01 26.37 -25.42
N ILE F 11 -7.23 26.28 -24.11
CA ILE F 11 -6.83 27.32 -23.19
C ILE F 11 -5.85 26.65 -22.21
N SER F 12 -4.67 27.19 -22.03
CA SER F 12 -3.69 26.61 -21.12
C SER F 12 -4.20 26.67 -19.69
N ALA F 13 -3.67 25.77 -18.87
CA ALA F 13 -4.16 25.58 -17.52
C ALA F 13 -3.99 26.80 -16.67
N LYS F 14 -2.81 27.45 -16.78
CA LYS F 14 -2.61 28.78 -16.19
C LYS F 14 -3.67 29.80 -16.59
N ASP F 15 -4.11 29.81 -17.84
CA ASP F 15 -5.18 30.78 -18.20
C ASP F 15 -6.54 30.48 -17.62
N MET F 16 -6.89 29.17 -17.60
CA MET F 16 -8.10 28.68 -16.95
C MET F 16 -8.13 29.13 -15.47
N LEU F 17 -6.99 28.98 -14.81
CA LEU F 17 -6.83 29.31 -13.40
C LEU F 17 -6.96 30.79 -13.15
N ASP F 18 -6.18 31.59 -13.86
CA ASP F 18 -6.41 33.04 -13.86
C ASP F 18 -7.88 33.40 -14.14
N TYR F 19 -8.51 32.79 -15.16
CA TYR F 19 -9.94 33.04 -15.43
C TYR F 19 -10.77 32.76 -14.19
N LEU F 20 -10.52 31.64 -13.54
CA LEU F 20 -11.38 31.21 -12.42
C LEU F 20 -11.13 32.10 -11.23
N ALA F 21 -9.86 32.52 -11.06
CA ALA F 21 -9.48 33.43 -9.99
C ALA F 21 -10.19 34.78 -10.13
N CYS F 22 -10.58 35.12 -11.35
CA CYS F 22 -11.17 36.42 -11.62
C CYS F 22 -12.69 36.38 -11.62
N LYS F 23 -13.28 35.18 -11.58
CA LYS F 23 -14.71 35.04 -11.88
C LYS F 23 -15.62 35.91 -10.98
N ASP F 24 -15.27 36.06 -9.71
CA ASP F 24 -16.09 36.90 -8.87
C ASP F 24 -15.75 38.40 -8.87
N LYS F 25 -14.86 38.82 -9.77
CA LYS F 25 -14.08 40.08 -9.66
C LYS F 25 -14.37 41.14 -10.73
N LYS F 26 -14.00 42.39 -10.47
CA LYS F 26 -14.12 43.44 -11.51
C LYS F 26 -12.93 43.32 -12.44
N PRO F 27 -13.11 43.81 -13.70
CA PRO F 27 -12.00 43.77 -14.65
C PRO F 27 -10.77 44.55 -14.24
N THR F 28 -10.88 45.50 -13.29
CA THR F 28 -9.67 46.25 -12.89
C THR F 28 -8.96 45.66 -11.67
N ASP F 29 -9.59 44.70 -11.02
CA ASP F 29 -8.93 43.96 -9.96
C ASP F 29 -7.73 43.20 -10.48
N VAL F 30 -6.67 43.26 -9.69
CA VAL F 30 -5.47 42.48 -9.90
C VAL F 30 -5.30 41.26 -8.95
N VAL F 31 -5.17 40.04 -9.48
CA VAL F 31 -4.99 38.80 -8.71
C VAL F 31 -3.55 38.23 -8.84
N LYS F 32 -3.20 37.34 -7.92
CA LYS F 32 -2.02 36.54 -8.08
C LYS F 32 -2.30 35.40 -9.04
N SER F 33 -1.33 35.12 -9.91
CA SER F 33 -1.28 33.87 -10.64
C SER F 33 -1.30 32.72 -9.64
N HIS F 34 -1.95 31.61 -9.98
CA HIS F 34 -1.81 30.35 -9.20
C HIS F 34 -0.62 29.45 -9.58
N THR F 35 0.13 29.86 -10.59
CA THR F 35 1.11 28.95 -11.22
C THR F 35 2.46 29.55 -11.51
N GLU F 36 2.54 30.86 -11.71
CA GLU F 36 3.77 31.51 -12.25
C GLU F 36 4.53 32.32 -11.22
N VAL F 37 5.83 32.12 -11.18
CA VAL F 37 6.73 32.95 -10.38
C VAL F 37 7.79 33.54 -11.33
N GLU F 38 8.02 34.85 -11.27
CA GLU F 38 9.04 35.48 -12.13
C GLU F 38 9.81 36.47 -11.30
N ASN F 39 11.13 36.57 -11.48
CA ASN F 39 11.91 37.49 -10.69
C ASN F 39 11.64 37.41 -9.17
N GLY F 40 11.59 36.21 -8.59
CA GLY F 40 11.34 36.02 -7.13
C GLY F 40 9.97 36.39 -6.54
N LYS F 41 8.94 36.52 -7.39
CA LYS F 41 7.60 36.96 -6.97
C LYS F 41 6.57 36.23 -7.80
N ILE F 42 5.38 36.00 -7.24
CA ILE F 42 4.26 35.46 -7.98
C ILE F 42 3.78 36.52 -8.99
N VAL F 43 3.60 36.11 -10.24
CA VAL F 43 3.10 37.04 -11.25
C VAL F 43 1.68 37.50 -10.82
N ARG F 44 1.42 38.80 -10.87
CA ARG F 44 0.06 39.29 -10.73
C ARG F 44 -0.58 39.40 -12.11
N VAL F 45 -1.90 39.32 -12.15
CA VAL F 45 -2.66 39.28 -13.39
C VAL F 45 -3.85 40.22 -13.23
N LYS F 46 -4.24 40.86 -14.31
CA LYS F 46 -5.34 41.78 -14.25
C LYS F 46 -6.50 41.08 -14.87
N CYS F 47 -7.58 41.07 -14.11
CA CYS F 47 -8.76 40.36 -14.45
C CYS F 47 -9.35 40.64 -15.80
N GLY F 48 -9.43 41.92 -16.17
CA GLY F 48 -9.84 42.34 -17.50
C GLY F 48 -9.01 41.73 -18.60
N ASP F 49 -7.70 41.69 -18.47
CA ASP F 49 -6.84 41.13 -19.50
C ASP F 49 -7.06 39.64 -19.70
N ILE F 50 -7.44 38.94 -18.65
CA ILE F 50 -7.55 37.50 -18.74
C ILE F 50 -8.94 37.08 -19.22
N VAL F 51 -9.97 37.71 -18.69
CA VAL F 51 -11.35 37.46 -19.11
C VAL F 51 -11.49 37.78 -20.60
N ALA F 52 -10.65 38.70 -21.09
CA ALA F 52 -10.52 39.00 -22.51
C ALA F 52 -9.86 37.84 -23.28
N LEU F 53 -8.73 37.33 -22.79
CA LEU F 53 -8.06 36.13 -23.35
C LEU F 53 -8.99 34.88 -23.46
N VAL F 54 -9.79 34.55 -22.44
CA VAL F 54 -10.76 33.44 -22.54
C VAL F 54 -11.86 33.69 -23.60
N GLN F 55 -12.72 34.70 -23.44
CA GLN F 55 -13.83 34.89 -24.39
C GLN F 55 -13.42 35.64 -25.64
FE HEC G . -28.01 25.23 10.13
CHA HEC G . -25.61 25.25 7.70
CHB HEC G . -25.58 24.63 12.56
CHC HEC G . -30.43 25.77 12.57
CHD HEC G . -30.58 25.12 7.76
NA HEC G . -25.96 25.02 10.12
C1A HEC G . -25.17 25.01 9.04
C2A HEC G . -23.82 24.79 9.44
C3A HEC G . -23.82 24.64 10.83
C4A HEC G . -25.17 24.76 11.19
CMA HEC G . -22.68 24.36 11.77
CAA HEC G . -22.61 24.80 8.52
CBA HEC G . -22.16 26.23 8.38
CGA HEC G . -21.03 26.34 7.41
O1A HEC G . -20.34 27.34 7.47
O2A HEC G . -20.84 25.44 6.54
NB HEC G . -27.97 25.18 12.15
C1B HEC G . -26.94 24.99 12.95
C2B HEC G . -27.29 25.18 14.26
C3B HEC G . -28.65 25.48 14.26
C4B HEC G . -29.04 25.49 12.93
CMB HEC G . -26.39 25.04 15.45
CAB HEC G . -29.57 25.80 15.47
CBB HEC G . -29.05 26.94 16.35
NC HEC G . -30.16 25.42 10.17
C1C HEC G . -30.92 25.59 11.25
C2C HEC G . -32.26 25.75 10.90
C3C HEC G . -32.31 25.52 9.53
C4C HEC G . -31.01 25.33 9.12
CMC HEC G . -33.33 25.94 11.94
CAC HEC G . -33.46 25.45 8.56
CBC HEC G . -34.84 25.80 9.18
ND HEC G . -28.08 25.26 8.13
C1D HEC G . -29.17 25.15 7.37
C2D HEC G . -28.79 25.11 6.02
C3D HEC G . -27.38 25.19 5.99
C4D HEC G . -26.98 25.22 7.32
CMD HEC G . -29.72 25.11 4.78
CAD HEC G . -26.49 25.13 4.76
CBD HEC G . -25.90 26.47 4.34
CGD HEC G . -24.83 26.27 3.26
O1D HEC G . -24.50 27.22 2.52
O2D HEC G . -24.19 25.20 3.11
FE HEC H . -21.15 20.06 13.97
CHA HEC H . -18.81 21.02 11.59
CHB HEC H . -23.68 20.55 11.65
CHC HEC H . -23.46 18.96 16.35
CHD HEC H . -18.60 19.78 16.35
NA HEC H . -21.23 20.67 11.99
C1A HEC H . -20.18 21.02 11.19
C2A HEC H . -20.64 21.40 9.90
C3A HEC H . -22.01 21.19 9.91
C4A HEC H . -22.33 20.79 11.21
CMA HEC H . -22.95 21.49 8.76
CAA HEC H . -19.87 21.92 8.65
CBA HEC H . -18.73 21.10 8.08
CGA HEC H . -19.30 19.74 7.65
O1A HEC H . -18.53 18.75 7.65
O2A HEC H . -20.49 19.66 7.25
NB HEC H . -23.18 19.79 13.96
C1B HEC H . -24.01 20.08 12.99
C2B HEC H . -25.33 19.75 13.41
C3B HEC H . -25.22 19.29 14.69
C4B HEC H . -23.91 19.33 15.01
CMB HEC H . -26.62 19.88 12.61
CAB HEC H . -26.31 18.76 15.59
CBB HEC H . -26.96 17.56 14.87
NC HEC H . -21.06 19.49 15.93
C1C HEC H . -22.08 19.16 16.74
C2C HEC H . -21.63 18.95 18.07
C3C HEC H . -20.30 19.25 18.06
C4C HEC H . -19.99 19.56 16.74
CMC HEC H . -22.50 18.62 19.27
CAC HEC H . -19.31 19.22 19.27
CBC HEC H . -19.32 17.94 20.09
ND HEC H . -19.08 20.33 13.98
C1D HEC H . -18.22 20.09 14.99
C2D HEC H . -16.88 20.21 14.61
C3D HEC H . -16.94 20.59 13.20
C4D HEC H . -18.33 20.64 12.90
CMD HEC H . -15.59 20.00 15.44
CAD HEC H . -15.75 20.85 12.27
CBD HEC H . -15.28 22.31 12.43
CGD HEC H . -14.22 22.66 11.41
O1D HEC H . -13.54 23.76 11.44
O2D HEC H . -13.98 21.81 10.54
FE HEC I . -17.31 15.77 24.30
CHA HEC I . -17.77 12.47 25.36
CHB HEC I . -14.89 14.72 22.11
CHC HEC I . -17.21 18.97 22.90
CHD HEC I . -19.11 17.00 26.90
NA HEC I . -16.50 13.91 23.79
C1A HEC I . -16.79 12.72 24.32
C2A HEC I . -16.03 11.70 23.75
C3A HEC I . -15.22 12.32 22.83
C4A HEC I . -15.54 13.69 22.89
CMA HEC I . -14.19 11.63 22.01
CAA HEC I . -16.12 10.23 24.15
CBA HEC I . -17.39 9.63 23.59
CGA HEC I . -17.32 8.13 23.53
O1A HEC I . -18.18 7.51 24.20
O2A HEC I . -16.41 7.58 22.84
NB HEC I . -16.30 16.66 22.83
C1B HEC I . -15.39 16.06 22.08
C2B HEC I . -14.87 16.92 21.12
C3B HEC I . -15.47 18.14 21.34
C4B HEC I . -16.39 17.91 22.38
CMB HEC I . -13.78 16.56 20.10
CAB HEC I . -15.30 19.43 20.52
CBB HEC I . -15.55 19.24 18.98
NC HEC I . -18.07 17.65 24.80
C1C HEC I . -17.89 18.83 24.15
C2C HEC I . -18.52 19.91 24.82
C3C HEC I . -19.08 19.36 25.96
C4C HEC I . -18.74 17.99 25.91
CMC HEC I . -18.55 21.34 24.31
CAC HEC I . -19.90 20.09 27.07
CBC HEC I . -21.15 20.77 26.49
ND HEC I . -18.30 14.87 25.79
C1D HEC I . -18.88 15.56 26.79
C2D HEC I . -19.28 14.69 27.81
C3D HEC I . -18.89 13.40 27.42
C4D HEC I . -18.29 13.57 26.15
CMD HEC I . -20.00 15.12 29.07
CAD HEC I . -19.11 12.09 28.20
CBD HEC I . -17.91 11.87 29.11
CGD HEC I . -16.74 11.25 28.35
O1D HEC I . -15.64 11.86 28.16
O2D HEC I . -16.90 10.09 27.92
FE HEC J . -9.01 13.06 22.05
CHA HEC J . -10.07 10.47 23.98
CHB HEC J . -11.17 15.28 23.70
CHC HEC J . -7.77 15.72 20.29
CHD HEC J . -6.95 10.89 20.26
NA HEC J . -10.34 12.89 23.51
C1A HEC J . -10.64 11.78 24.12
C2A HEC J . -11.65 11.98 25.08
C3A HEC J . -11.99 13.30 25.00
C4A HEC J . -11.15 13.86 24.03
CMA HEC J . -13.00 14.04 25.83
CAA HEC J . -12.08 10.83 25.95
CBA HEC J . -13.54 10.58 26.21
CGA HEC J . -13.74 9.16 26.71
O1A HEC J . -14.90 8.82 27.09
O2A HEC J . -12.80 8.34 26.74
NB HEC J . -9.39 15.14 21.97
C1B HEC J . -10.21 15.85 22.80
C2B HEC J . -10.06 17.20 22.63
C3B HEC J . -9.08 17.33 21.65
C4B HEC J . -8.69 16.03 21.30
CMB HEC J . -10.90 18.23 23.40
CAB HEC J . -8.50 18.58 21.05
CBB HEC J . -7.75 19.39 22.09
NC HEC J . -7.64 13.24 20.59
C1C HEC J . -7.36 14.39 19.94
C2C HEC J . -6.46 14.15 18.87
C3C HEC J . -6.19 12.80 18.87
C4C HEC J . -6.95 12.28 19.95
CMC HEC J . -5.84 15.17 17.93
CAC HEC J . -5.31 12.05 17.87
CBC HEC J . -3.84 12.47 17.84
ND HEC J . -8.62 11.02 22.08
C1D HEC J . -7.69 10.34 21.37
C2D HEC J . -7.52 9.03 21.84
C3D HEC J . -8.42 8.92 22.93
C4D HEC J . -9.03 10.16 23.00
CMD HEC J . -6.56 8.01 21.30
CAD HEC J . -8.67 7.72 23.89
CBD HEC J . -7.72 8.07 25.02
CGD HEC J . -7.69 7.05 26.17
O1D HEC J . -6.85 7.28 27.10
O2D HEC J . -8.50 6.06 26.17
FE HEC K . 0.27 13.26 14.77
CHA HEC K . 3.09 15.09 15.45
CHB HEC K . 1.40 10.75 16.94
CHC HEC K . -2.84 11.72 14.61
CHD HEC K . -0.60 15.29 12.18
NA HEC K . 1.97 13.00 15.98
C1A HEC K . 3.01 13.83 16.14
C2A HEC K . 4.03 13.29 16.95
C3A HEC K . 3.53 12.08 17.34
C4A HEC K . 2.24 11.95 16.77
CMA HEC K . 4.20 11.06 18.26
CAA HEC K . 5.39 13.86 17.36
CBA HEC K . 6.19 13.94 16.03
CGA HEC K . 7.70 14.05 16.22
O1A HEC K . 8.15 14.20 17.35
O2A HEC K . 8.45 14.01 15.21
NB HEC K . -0.55 11.61 15.59
C1B HEC K . 0.09 10.70 16.35
C2B HEC K . -0.77 9.63 16.64
C3B HEC K . -1.95 9.90 16.02
C4B HEC K . -1.77 11.10 15.35
CMB HEC K . -0.39 8.42 17.47
CAB HEC K . -3.23 8.97 15.98
CBB HEC K . -3.77 8.65 17.39
NC HEC K . -1.43 13.53 13.62
C1C HEC K . -2.56 12.83 13.71
C2C HEC K . -3.53 13.34 12.81
C3C HEC K . -2.95 14.39 12.11
C4C HEC K . -1.63 14.44 12.66
CMC HEC K . -4.95 12.79 12.77
CAC HEC K . -3.50 15.22 10.97
CBC HEC K . -4.83 15.90 11.15
ND HEC K . 1.06 14.89 13.94
C1D HEC K . 0.63 15.52 12.85
C2D HEC K . 1.54 16.52 12.43
C3D HEC K . 2.59 16.49 13.39
C4D HEC K . 2.25 15.44 14.30
CMD HEC K . 1.44 17.45 11.25
CAD HEC K . 3.85 17.33 13.47
CBD HEC K . 3.41 18.78 13.76
CGD HEC K . 4.59 19.71 13.68
O1D HEC K . 4.90 20.12 12.55
O2D HEC K . 5.18 20.03 14.75
FE HEC L . 5.46 5.31 16.46
CHA HEC L . 8.29 7.15 16.41
CHB HEC L . 3.68 7.70 14.81
CHC HEC L . 2.74 3.03 15.98
CHD HEC L . 6.81 3.26 18.88
NA HEC L . 5.95 7.05 15.70
C1A HEC L . 7.09 7.74 15.94
C2A HEC L . 6.96 9.10 15.55
C3A HEC L . 5.65 9.26 15.11
C4A HEC L . 5.07 7.96 15.23
CMA HEC L . 4.95 10.54 14.57
CAA HEC L . 8.03 10.23 15.70
CBA HEC L . 8.11 10.83 17.14
CGA HEC L . 9.06 10.08 18.09
O1A HEC L . 10.27 9.93 17.73
O2A HEC L . 8.62 9.61 19.21
NB HEC L . 3.58 5.36 15.52
C1B HEC L . 3.08 6.40 14.91
C2B HEC L . 1.93 6.04 14.19
C3B HEC L . 1.63 4.74 14.51
C4B HEC L . 2.68 4.33 15.34
CMB HEC L . 1.19 7.05 13.31
CAB HEC L . 0.49 3.89 13.97
CBB HEC L . 0.60 3.82 12.48
NC HEC L . 4.94 3.51 17.26
C1C HEC L . 3.77 2.81 16.99
C2C HEC L . 3.68 1.74 17.84
C3C HEC L . 4.75 1.80 18.71
C4C HEC L . 5.53 2.91 18.31
CMC HEC L . 2.53 0.76 17.93
CAC HEC L . 4.97 0.81 19.86
CBC HEC L . 5.53 -0.48 19.36
ND HEC L . 7.34 5.21 17.45
C1D HEC L . 7.72 4.24 18.31
C2D HEC L . 9.10 4.36 18.65
C3D HEC L . 9.51 5.54 17.96
C4D HEC L . 8.37 5.99 17.25
CMD HEC L . 9.89 3.43 19.63
CAD HEC L . 10.89 6.23 17.87
CBD HEC L . 11.07 7.05 19.18
CGD HEC L . 12.34 7.85 19.14
O1D HEC L . 13.43 7.30 19.48
O2D HEC L . 12.25 9.07 18.82
FE HEC M . 6.63 -6.00 20.04
CHA HEC M . 6.98 -8.54 17.80
CHB HEC M . 9.85 -4.85 19.34
CHC HEC M . 6.07 -3.15 22.01
CHD HEC M . 3.72 -7.43 21.27
NA HEC M . 8.11 -6.57 18.79
C1A HEC M . 8.10 -7.65 17.99
C2A HEC M . 9.34 -7.75 17.29
C3A HEC M . 10.12 -6.71 17.75
C4A HEC M . 9.33 -6.01 18.68
CMA HEC M . 11.55 -6.37 17.27
CAA HEC M . 9.82 -8.75 16.21
CBA HEC M . 10.18 -10.06 16.94
CGA HEC M . 10.44 -11.20 15.95
O1A HEC M . 10.51 -11.04 14.71
O2A HEC M . 10.54 -12.32 16.45
NB HEC M . 7.75 -4.32 20.54
C1B HEC M . 9.00 -4.05 20.18
C2B HEC M . 9.44 -2.81 20.69
C3B HEC M . 8.42 -2.32 21.44
C4B HEC M . 7.38 -3.29 21.33
CMB HEC M . 10.85 -2.24 20.47
CAB HEC M . 8.32 -1.01 22.21
CBB HEC M . 8.59 0.22 21.34
NC HEC M . 5.14 -5.42 21.36
C1C HEC M . 5.12 -4.27 22.08
C2C HEC M . 3.97 -4.23 22.92
C3C HEC M . 3.31 -5.45 22.71
C4C HEC M . 4.10 -6.15 21.77
CMC HEC M . 3.71 -3.07 23.90
CAC HEC M . 2.04 -6.09 23.34
CBC HEC M . 0.90 -5.10 23.39
ND HEC M . 5.53 -7.68 19.60
C1D HEC M . 4.39 -8.11 20.18
C2D HEC M . 3.92 -9.34 19.65
C3D HEC M . 4.88 -9.59 18.67
C4D HEC M . 5.84 -8.60 18.72
CMD HEC M . 2.64 -10.15 20.08
CAD HEC M . 5.02 -10.75 17.68
CBD HEC M . 5.89 -11.84 18.32
CGD HEC M . 6.34 -12.82 17.23
O1D HEC M . 6.13 -14.02 17.47
O2D HEC M . 6.83 -12.43 16.13
FE ISW N . 15.62 -12.32 1.62
NA ISW N . 16.68 -13.83 0.68
NB ISW N . 17.42 -11.45 2.24
NC ISW N . 14.51 -10.77 2.59
ND ISW N . 13.83 -13.17 0.98
C1A ISW N . 16.29 -14.60 -0.37
O1A ISW N . 19.08 -18.64 -1.33
C1B ISW N . 18.54 -12.12 2.42
C1C ISW N . 15.04 -9.66 3.12
C1D ISW N . 12.64 -13.08 1.64
O1D ISW N . 9.28 -16.22 -3.01
C2A ISW N . 17.35 -15.57 -0.84
O2A ISW N . 17.77 -20.07 -0.42
C2B ISW N . 19.65 -11.24 2.90
C2C ISW N . 14.07 -8.95 3.98
C2D ISW N . 11.62 -14.03 1.11
O2D ISW N . 11.30 -17.20 -3.14
C3A ISW N . 18.48 -15.33 0.13
C3B ISW N . 18.94 -9.92 2.89
C3C ISW N . 12.86 -9.78 3.90
C3D ISW N . 12.37 -14.75 0.03
C4A ISW N . 17.95 -14.19 1.00
C4B ISW N . 17.56 -9.95 2.26
C4C ISW N . 13.25 -10.89 3.02
C4D ISW N . 13.74 -14.14 0.02
CAA ISW N . 17.21 -16.61 -1.95
CAB ISW N . 19.55 -8.55 3.15
CAC ISW N . 11.53 -9.59 4.56
CAD ISW N . 11.85 -15.77 -0.91
CBA ISW N . 16.77 -17.98 -1.36
CBB ISW N . 21.07 -8.53 2.94
CBC ISW N . 11.12 -8.18 4.31
CBD ISW N . 11.18 -15.11 -2.09
CGA ISW N . 17.93 -18.95 -1.00
CGD ISW N . 10.53 -16.25 -2.81
CHA ISW N . 14.93 -14.40 -0.87
CHB ISW N . 18.57 -13.54 2.18
CHC ISW N . 16.45 -9.09 2.88
CHD ISW N . 12.40 -12.10 2.71
CMA ISW N . 19.83 -16.00 0.18
CMB ISW N . 21.08 -11.61 3.24
CMC ISW N . 14.31 -7.64 4.73
CMD ISW N . 10.21 -14.10 1.61
C1 PEG O . -13.12 34.22 4.36
O1 PEG O . -12.76 35.33 5.20
C2 PEG O . -12.11 34.31 3.25
O2 PEG O . -12.12 33.09 2.52
C3 PEG O . -11.94 33.35 1.13
C4 PEG O . -13.11 32.76 0.43
O4 PEG O . -12.73 32.71 -0.93
C1 PEG P . 5.01 29.18 20.06
O1 PEG P . 5.85 28.71 21.11
C2 PEG P . 5.95 29.69 19.01
O2 PEG P . 5.15 30.37 18.06
C3 PEG P . 5.99 30.77 17.00
C4 PEG P . 5.27 31.79 16.14
O4 PEG P . 6.22 32.84 15.91
C1 PEG Q . 15.20 6.79 -4.54
O1 PEG Q . 16.35 6.66 -5.39
C2 PEG Q . 13.90 6.59 -5.32
O2 PEG Q . 12.89 6.21 -4.37
C3 PEG Q . 11.83 5.33 -4.84
C4 PEG Q . 11.92 3.95 -4.16
O4 PEG Q . 11.32 3.94 -2.86
C1 PEG R . -14.89 -1.57 36.27
O1 PEG R . -13.61 -0.92 36.20
C2 PEG R . -15.15 -2.44 35.04
O2 PEG R . -14.81 -3.81 35.22
C3 PEG R . -14.60 -4.52 33.99
C4 PEG R . -14.19 -5.96 34.25
O4 PEG R . -12.85 -6.08 34.76
C1 PEG S . 29.57 30.35 -6.98
O1 PEG S . 30.95 30.23 -7.37
C2 PEG S . 29.15 29.34 -5.90
O2 PEG S . 28.27 29.93 -4.93
C3 PEG S . 26.96 29.42 -4.83
C4 PEG S . 25.94 30.41 -5.39
O4 PEG S . 25.51 29.98 -6.69
C1 PEG T . 12.36 19.81 7.42
O1 PEG T . 12.92 18.96 8.43
C2 PEG T . 11.02 19.30 6.86
O2 PEG T . 9.83 20.02 7.29
C3 PEG T . 9.61 21.33 6.74
C4 PEG T . 10.02 22.45 7.71
O4 PEG T . 10.61 23.50 6.94
C1 PGE U . -23.07 3.80 24.86
O1 PGE U . -22.30 4.00 26.03
C2 PGE U . -22.84 5.08 24.08
O2 PGE U . -24.09 5.73 23.91
C3 PGE U . -24.52 5.79 22.56
C4 PGE U . -26.03 6.02 22.49
O4 PGE U . -29.10 3.33 23.06
C6 PGE U . -29.35 4.52 22.26
C5 PGE U . -28.09 5.14 21.61
O3 PGE U . -26.87 4.86 22.35
C1 EDO V . -3.94 30.97 41.92
O1 EDO V . -3.15 30.76 40.75
C2 EDO V . -5.34 30.67 41.42
O2 EDO V . -6.41 30.85 42.40
C1 EDO W . -8.99 -2.77 36.38
O1 EDO W . -8.35 -3.31 35.21
C2 EDO W . -8.91 -1.24 36.50
O2 EDO W . -10.20 -0.74 36.92
C1 EDO X . 21.98 -3.45 23.98
O1 EDO X . 23.17 -2.72 24.34
C2 EDO X . 21.01 -3.56 25.14
O2 EDO X . 21.07 -4.88 25.71
C1 EDO Y . 13.19 33.84 4.68
O1 EDO Y . 14.35 33.01 4.81
C2 EDO Y . 12.01 33.12 5.35
O2 EDO Y . 11.40 33.96 6.35
FE HEC Z . 11.32 -14.26 34.32
CHA HEC Z . 12.90 -12.14 31.97
CHB HEC Z . 10.90 -16.70 31.93
CHC HEC Z . 10.21 -16.53 36.87
CHD HEC Z . 11.25 -11.70 36.69
NA HEC Z . 11.83 -14.41 32.34
C1A HEC Z . 12.38 -13.44 31.57
C2A HEC Z . 12.43 -13.86 30.23
C3A HEC Z . 11.90 -15.11 30.23
C4A HEC Z . 11.53 -15.42 31.55
CMA HEC Z . 11.72 -15.99 29.04
CAA HEC Z . 12.99 -13.08 29.10
CBA HEC Z . 14.46 -13.48 29.08
CGA HEC Z . 15.25 -12.68 28.09
O1A HEC Z . 16.38 -13.14 27.84
O2A HEC Z . 14.76 -11.63 27.58
NB HEC Z . 10.64 -16.23 34.38
C1B HEC Z . 10.61 -17.05 33.32
C2B HEC Z . 10.30 -18.34 33.69
C3B HEC Z . 10.08 -18.29 35.06
C4B HEC Z . 10.32 -16.97 35.47
CMB HEC Z . 10.17 -19.54 32.74
CAB HEC Z . 9.73 -19.44 35.95
CBB HEC Z . 10.70 -20.60 35.75
NC HEC Z . 10.80 -14.12 36.42
C1C HEC Z . 10.39 -15.12 37.26
C2C HEC Z . 10.13 -14.62 38.57
C3C HEC Z . 10.33 -13.27 38.53
C4C HEC Z . 10.80 -13.01 37.19
CMC HEC Z . 9.56 -15.35 39.74
CAC HEC Z . 10.09 -12.35 39.75
CBC HEC Z . 11.19 -11.38 40.24
ND HEC Z . 12.00 -12.31 34.28
C1D HEC Z . 11.88 -11.48 35.36
C2D HEC Z . 12.44 -10.26 35.05
C3D HEC Z . 12.91 -10.33 33.71
C4D HEC Z . 12.61 -11.63 33.30
CMD HEC Z . 12.47 -9.12 36.06
CAD HEC Z . 13.59 -9.23 32.90
CBD HEC Z . 15.07 -9.43 32.62
CGD HEC Z . 15.43 -8.36 31.57
O1D HEC Z . 16.47 -7.68 31.73
O2D HEC Z . 14.69 -8.20 30.53
FE HEC AA . 7.74 -17.21 26.12
CHA HEC AA . 10.10 -15.47 24.28
CHB HEC AA . 7.99 -14.83 28.64
CHC HEC AA . 5.44 -18.85 27.88
CHD HEC AA . 7.58 -19.62 23.65
NA HEC AA . 8.81 -15.45 26.38
C1A HEC AA . 9.74 -14.96 25.57
C2A HEC AA . 10.34 -13.81 26.13
C3A HEC AA . 9.74 -13.62 27.33
C4A HEC AA . 8.82 -14.67 27.47
CMA HEC AA . 9.98 -12.51 28.32
CAA HEC AA . 11.43 -12.91 25.55
CBA HEC AA . 11.14 -12.21 24.20
CGA HEC AA . 9.93 -11.29 24.33
O1A HEC AA . 9.19 -11.08 23.31
O2A HEC AA . 9.69 -10.74 25.42
NB HEC AA . 6.91 -16.95 27.94
C1B HEC AA . 7.10 -15.95 28.78
C2B HEC AA . 6.27 -16.09 29.87
C3B HEC AA . 5.51 -17.19 29.66
C4B HEC AA . 5.98 -17.69 28.45
CMB HEC AA . 6.24 -15.15 31.09
CAB HEC AA . 4.41 -17.81 30.57
CBB HEC AA . 3.29 -16.81 30.86
NC HEC AA . 6.71 -18.95 25.87
C1C HEC AA . 5.86 -19.49 26.70
C2C HEC AA . 5.38 -20.74 26.25
C3C HEC AA . 6.02 -20.98 25.06
C4C HEC AA . 6.84 -19.84 24.87
CMC HEC AA . 4.40 -21.67 26.95
CAC HEC AA . 5.93 -22.23 24.17
CBC HEC AA . 4.58 -22.61 23.61
ND HEC AA . 8.63 -17.47 24.29
C1D HEC AA . 8.35 -18.44 23.38
C2D HEC AA . 9.00 -18.16 22.14
C3D HEC AA . 9.73 -16.98 22.32
C4D HEC AA . 9.48 -16.61 23.67
CMD HEC AA . 8.92 -18.95 20.87
CAD HEC AA . 10.57 -16.26 21.24
CBD HEC AA . 11.96 -16.93 21.20
CGD HEC AA . 12.86 -16.11 20.36
O1D HEC AA . 14.03 -16.51 20.14
O2D HEC AA . 12.44 -15.02 19.89
FE HEC BA . 1.95 -26.26 21.15
CHA HEC BA . -1.47 -26.33 20.65
CHB HEC BA . 2.31 -24.06 18.43
CHC HEC BA . 5.30 -25.75 22.06
CHD HEC BA . 1.78 -28.96 23.36
NA HEC BA . 0.62 -25.37 19.81
C1A HEC BA . -0.68 -25.53 19.76
C2A HEC BA . -1.24 -24.76 18.71
C3A HEC BA . -0.19 -24.14 18.10
C4A HEC BA . 0.96 -24.53 18.81
CMA HEC BA . -0.18 -23.21 16.88
CAA HEC BA . -2.69 -24.59 18.34
CBA HEC BA . -3.27 -23.50 19.27
CGA HEC BA . -4.70 -23.34 18.70
O1A HEC BA . -5.69 -23.92 19.21
O2A HEC BA . -4.86 -22.67 17.64
NB HEC BA . 3.48 -25.14 20.41
C1B HEC BA . 3.44 -24.32 19.32
C2B HEC BA . 4.71 -23.73 19.15
C3B HEC BA . 5.54 -24.19 20.16
C4B HEC BA . 4.74 -25.07 20.90
CMB HEC BA . 5.05 -22.80 18.03
CAB HEC BA . 7.02 -23.88 20.43
CBB HEC BA . 7.31 -22.37 20.68
NC HEC BA . 3.30 -27.16 22.50
C1C HEC BA . 4.59 -26.84 22.72
C2C HEC BA . 5.20 -27.66 23.69
C3C HEC BA . 4.24 -28.62 24.04
C4C HEC BA . 3.06 -28.25 23.28
CMC HEC BA . 6.67 -27.57 24.12
CAC HEC BA . 4.38 -29.81 25.03
CBC HEC BA . 4.73 -29.43 26.48
ND HEC BA . 0.41 -27.38 21.93
C1D HEC BA . 0.56 -28.49 22.67
C2D HEC BA . -0.67 -29.20 22.74
C3D HEC BA . -1.61 -28.49 21.95
C4D HEC BA . -0.89 -27.38 21.46
CMD HEC BA . -0.87 -30.49 23.44
CAD HEC BA . -3.05 -28.86 21.73
CBD HEC BA . -3.21 -29.87 20.58
CGD HEC BA . -3.16 -29.04 19.29
O1D HEC BA . -2.15 -29.21 18.60
O2D HEC BA . -4.06 -28.17 18.94
FE HEC CA . 2.66 -24.12 12.35
CHA HEC CA . -0.58 -25.20 12.56
CHB HEC CA . 3.52 -26.05 15.10
CHC HEC CA . 6.00 -23.24 11.95
CHD HEC CA . 1.78 -22.01 9.79
NA HEC CA . 1.66 -25.34 13.59
C1A HEC CA . 0.37 -25.68 13.50
C2A HEC CA . 0.00 -26.59 14.51
C3A HEC CA . 1.13 -26.81 15.25
C4A HEC CA . 2.15 -26.03 14.65
CMA HEC CA . 1.24 -27.71 16.45
CAA HEC CA . -1.38 -27.21 14.71
CBA HEC CA . -2.23 -26.68 15.85
CGA HEC CA . -3.73 -26.96 15.64
O1A HEC CA . -4.50 -27.18 16.58
O2A HEC CA . -4.19 -26.92 14.51
NB HEC CA . 4.47 -24.59 13.33
C1B HEC CA . 4.60 -25.45 14.35
C2B HEC CA . 5.94 -25.66 14.63
C3B HEC CA . 6.67 -24.86 13.74
C4B HEC CA . 5.68 -24.21 12.97
CMB HEC CA . 6.44 -26.58 15.68
CAB HEC CA . 8.21 -24.72 13.58
CBB HEC CA . 8.73 -26.08 13.09
NC HEC CA . 3.69 -22.90 11.11
C1C HEC CA . 5.00 -22.61 11.17
C2C HEC CA . 5.30 -21.55 10.29
C3C HEC CA . 4.13 -21.26 9.63
C4C HEC CA . 3.16 -22.08 10.21
CMC HEC CA . 6.68 -20.98 10.01
CAC HEC CA . 3.87 -20.21 8.55
CBC HEC CA . 4.80 -20.36 7.35
ND HEC CA . 0.85 -23.64 11.35
C1D HEC CA . 0.75 -22.86 10.27
C2D HEC CA . -0.55 -22.95 9.70
C3D HEC CA . -1.27 -23.92 10.49
C4D HEC CA . -0.31 -24.30 11.49
CMD HEC CA . -1.02 -22.21 8.49
CAD HEC CA . -2.69 -24.45 10.30
CBD HEC CA . -2.40 -25.82 9.63
CGD HEC CA . -3.69 -26.49 9.16
O1D HEC CA . -3.66 -27.51 8.42
O2D HEC CA . -4.79 -26.00 9.58
FE HEC DA . 7.73 -18.04 3.60
CHA HEC DA . 10.16 -19.38 1.56
CHB HEC DA . 5.25 -19.39 1.73
CHC HEC DA . 5.44 -17.16 6.09
CHD HEC DA . 10.04 -15.99 5.05
NA HEC DA . 7.73 -19.17 1.97
C1A HEC DA . 8.77 -19.58 1.25
C2A HEC DA . 8.34 -20.32 0.14
C3A HEC DA . 6.96 -20.31 0.21
C4A HEC DA . 6.62 -19.58 1.34
CMA HEC DA . 5.95 -20.97 -0.73
CAA HEC DA . 9.24 -20.97 -0.95
CBA HEC DA . 9.69 -19.79 -1.86
CGA HEC DA . 10.20 -20.20 -3.21
O1A HEC DA . 10.32 -21.43 -3.46
O2A HEC DA . 10.56 -19.31 -4.03
NB HEC DA . 5.69 -18.25 3.86
C1B HEC DA . 4.84 -18.77 2.96
C2B HEC DA . 3.51 -18.73 3.41
C3B HEC DA . 3.55 -18.11 4.64
C4B HEC DA . 4.93 -17.82 4.89
CMB HEC DA . 2.29 -19.24 2.65
CAB HEC DA . 2.37 -17.73 5.54
CBB HEC DA . 1.62 -18.85 6.27
NC HEC DA . 7.74 -16.83 5.28
C1C HEC DA . 6.77 -16.61 6.19
C2C HEC DA . 7.24 -15.85 7.31
C3C HEC DA . 8.53 -15.51 7.02
C4C HEC DA . 8.77 -16.11 5.73
CMC HEC DA . 6.39 -15.47 8.52
CAC HEC DA . 9.52 -14.63 7.79
CBC HEC DA . 9.68 -14.92 9.29
ND HEC DA . 9.77 -17.78 3.35
C1D HEC DA . 10.46 -16.82 3.96
C2D HEC DA . 11.75 -16.76 3.48
C3D HEC DA . 11.84 -17.72 2.45
C4D HEC DA . 10.56 -18.32 2.43
CMD HEC DA . 12.87 -15.82 3.89
CAD HEC DA . 13.07 -18.02 1.59
CBD HEC DA . 14.08 -18.82 2.39
CGD HEC DA . 15.24 -19.14 1.46
O1D HEC DA . 15.92 -18.24 1.01
O2D HEC DA . 15.48 -20.29 1.07
FE HEC EA . 1.54 -17.81 -3.84
CHA HEC EA . 4.17 -18.57 -6.03
CHB HEC EA . 3.77 -16.68 -1.46
CHC HEC EA . -1.17 -16.58 -1.93
CHD HEC EA . -0.65 -19.64 -5.74
NA HEC EA . 3.56 -17.59 -3.84
C1A HEC EA . 4.46 -18.17 -4.68
C2A HEC EA . 5.75 -18.22 -4.06
C3A HEC EA . 5.57 -17.68 -2.79
C4A HEC EA . 4.25 -17.30 -2.68
CMA HEC EA . 6.65 -17.52 -1.74
CAA HEC EA . 7.08 -18.80 -4.61
CBA HEC EA . 7.10 -20.37 -4.58
CGA HEC EA . 6.45 -20.98 -5.84
O1A HEC EA . 6.76 -20.64 -7.08
O2A HEC EA . 5.59 -21.89 -5.66
NB HEC EA . 1.35 -16.83 -2.04
C1B HEC EA . 2.37 -16.42 -1.24
C2B HEC EA . 1.90 -15.59 -0.21
C3B HEC EA . 0.51 -15.55 -0.36
C4B HEC EA . 0.20 -16.33 -1.50
CMB HEC EA . 2.85 -14.93 0.80
CAB HEC EA . -0.57 -14.80 0.37
CBB HEC EA . -0.12 -13.31 0.61
NC HEC EA . -0.55 -18.08 -3.85
C1C HEC EA . -1.47 -17.56 -3.00
C2C HEC EA . -2.72 -18.04 -3.32
C3C HEC EA . -2.54 -18.90 -4.39
C4C HEC EA . -1.20 -18.91 -4.67
CMC HEC EA . -3.99 -17.70 -2.63
CAC HEC EA . -3.55 -19.81 -5.10
CBC HEC EA . -4.88 -19.24 -5.38
ND HEC EA . 1.72 -18.86 -5.63
C1D HEC EA . 0.68 -19.48 -6.23
C2D HEC EA . 1.09 -19.93 -7.49
C3D HEC EA . 2.49 -19.59 -7.59
C4D HEC EA . 2.83 -18.96 -6.40
CMD HEC EA . 0.25 -20.63 -8.56
CAD HEC EA . 3.47 -19.88 -8.74
CBD HEC EA . 3.87 -21.37 -8.68
CGD HEC EA . 5.02 -21.68 -9.63
O1D HEC EA . 4.80 -21.92 -10.85
O2D HEC EA . 6.20 -21.69 -9.16
FE HEC FA . -9.47 -18.27 -8.46
CHA HEC FA . -10.94 -15.34 -9.52
CHB HEC FA . -7.21 -18.09 -11.15
CHC HEC FA . -7.65 -20.87 -7.13
CHD HEC FA . -11.99 -18.79 -6.12
NA HEC FA . -9.13 -16.97 -10.00
C1A HEC FA . -9.87 -15.91 -10.31
C2A HEC FA . -9.46 -15.31 -11.52
C3A HEC FA . -8.43 -16.06 -11.98
C4A HEC FA . -8.22 -17.08 -11.01
CMA HEC FA . -7.65 -15.91 -13.29
CAA HEC FA . -10.06 -14.07 -12.13
CBA HEC FA . -11.35 -14.39 -12.89
CGA HEC FA . -12.00 -13.15 -13.54
O1A HEC FA . -11.41 -12.05 -13.54
O2A HEC FA . -13.15 -13.25 -14.05
NB HEC FA . -7.78 -19.29 -9.02
C1B HEC FA . -7.00 -19.07 -10.11
C2B HEC FA . -5.89 -19.89 -10.13
C3B HEC FA . -6.05 -20.73 -9.02
C4B HEC FA . -7.18 -20.29 -8.35
CMB HEC FA . -4.87 -19.92 -11.27
CAB HEC FA . -5.08 -21.78 -8.54
CBB HEC FA . -3.68 -21.19 -8.54
NC HEC FA . -9.80 -19.53 -6.94
C1C HEC FA . -8.95 -20.52 -6.55
C2C HEC FA . -9.48 -21.26 -5.49
C3C HEC FA . -10.72 -20.74 -5.25
C4C HEC FA . -10.86 -19.65 -6.15
CMC HEC FA . -8.85 -22.56 -4.92
CAC HEC FA . -11.81 -21.21 -4.25
CBC HEC FA . -11.38 -21.41 -2.77
ND HEC FA . -11.13 -17.25 -7.92
C1D HEC FA . -12.05 -17.61 -6.96
C2D HEC FA . -13.15 -16.71 -6.89
C3D HEC FA . -12.82 -15.73 -7.89
C4D HEC FA . -11.59 -16.11 -8.46
CMD HEC FA . -14.35 -16.80 -5.94
CAD HEC FA . -13.64 -14.48 -8.29
CBD HEC FA . -14.48 -14.88 -9.53
CGD HEC FA . -15.03 -13.63 -10.15
O1D HEC FA . -16.28 -13.53 -10.46
O2D HEC FA . -14.21 -12.69 -10.32
FE ISW GA . -7.15 0.60 -18.69
NA ISW GA . -7.95 1.88 -20.15
NB ISW GA . -5.96 -0.25 -20.23
NC ISW GA . -6.33 -0.69 -17.22
ND ISW GA . -8.29 1.49 -17.16
C1A ISW GA . -8.54 3.06 -19.94
O1A ISW GA . -11.09 4.96 -23.85
C1B ISW GA . -6.26 -0.30 -21.52
C1C ISW GA . -5.29 -1.52 -17.43
C1D ISW GA . -8.64 0.95 -16.00
O1D ISW GA . -10.90 6.56 -13.77
C2A ISW GA . -9.05 3.70 -21.21
O2A ISW GA . -13.02 4.47 -22.98
C2B ISW GA . -5.26 -1.11 -22.24
C2C ISW GA . -5.21 -2.52 -16.28
C2D ISW GA . -9.62 1.75 -15.25
O2D ISW GA . -11.55 6.74 -15.82
C3A ISW GA . -8.67 2.68 -22.28
C3B ISW GA . -4.31 -1.43 -21.16
C3C ISW GA . -6.32 -2.16 -15.34
C3D ISW GA . -9.83 2.91 -16.14
C4A ISW GA . -8.00 1.62 -21.49
C4B ISW GA . -4.62 -0.78 -19.86
C4C ISW GA . -6.93 -1.04 -16.03
C4D ISW GA . -8.91 2.67 -17.32
CAA ISW GA . -9.71 5.08 -21.33
CAB ISW GA . -2.98 -2.16 -21.19
CAC ISW GA . -6.68 -2.78 -14.02
CAD ISW GA . -10.68 4.12 -15.94
CBA ISW GA . -11.24 4.93 -21.43
CBB ISW GA . -2.37 -2.24 -22.55
CBC ISW GA . -5.38 -2.82 -13.20
CBD ISW GA . -9.80 5.23 -15.36
CGA ISW GA . -11.82 4.78 -22.84
CGD ISW GA . -10.82 6.26 -14.96
CHA ISW GA . -8.67 3.56 -18.54
CHB ISW GA . -7.48 0.33 -22.05
CHC ISW GA . -4.31 -1.54 -18.58
CHD ISW GA . -8.16 -0.35 -15.52
CMA ISW GA . -8.86 2.68 -23.78
CMB ISW GA . -5.30 -1.44 -23.70
CMC ISW GA . -4.18 -3.60 -16.09
CMD ISW GA . -10.20 1.36 -13.91
C1 PEG HA . -9.40 -20.68 26.53
O1 PEG HA . -10.71 -20.33 27.06
C2 PEG HA . -9.69 -21.02 25.10
O2 PEG HA . -8.62 -21.68 24.49
C3 PEG HA . -8.96 -22.95 23.95
C4 PEG HA . -9.43 -22.97 22.51
O4 PEG HA . -10.40 -24.02 22.32
C1 PEG IA . 4.12 -38.74 2.54
O1 PEG IA . 3.74 -37.86 1.47
C2 PEG IA . 4.50 -40.05 1.90
O2 PEG IA . 3.84 -41.14 2.57
C3 PEG IA . 4.32 -42.45 2.21
C4 PEG IA . 3.71 -42.90 0.88
O4 PEG IA . 4.24 -44.16 0.50
C1 PEG JA . 25.92 -13.01 22.83
O1 PEG JA . 27.05 -13.86 22.83
C2 PEG JA . 26.23 -12.13 21.65
O2 PEG JA . 26.03 -10.79 22.06
C3 PEG JA . 26.85 -9.84 21.36
C4 PEG JA . 26.13 -8.50 21.46
O4 PEG JA . 27.03 -7.52 21.98
C1 PEG KA . 23.25 -9.47 -13.64
O1 PEG KA . 22.40 -8.35 -13.96
C2 PEG KA . 22.43 -10.60 -12.97
O2 PEG KA . 21.13 -10.22 -12.46
C3 PEG KA . 20.87 -10.55 -11.08
C4 PEG KA . 21.48 -11.91 -10.79
O4 PEG KA . 21.86 -11.94 -9.42
O1 P6G LA . -11.49 -34.79 13.03
C2 P6G LA . -10.63 -35.88 12.67
C3 P6G LA . -10.41 -36.82 13.85
O4 P6G LA . -9.45 -36.31 14.77
C5 P6G LA . -9.12 -37.24 15.82
C6 P6G LA . -7.64 -37.59 15.74
O7 P6G LA . -7.56 -39.02 15.71
C8 P6G LA . -6.27 -39.60 15.83
C9 P6G LA . -6.26 -40.30 17.17
O10 P6G LA . -5.32 -39.61 18.00
C11 P6G LA . -4.47 -40.41 18.82
C12 P6G LA . -3.06 -40.42 18.25
O13 P6G LA . -2.31 -41.38 19.01
C14 P6G LA . -0.90 -41.39 18.79
C15 P6G LA . -0.57 -42.50 17.80
O16 P6G LA . -0.41 -41.86 16.53
C17 P6G LA . 0.96 -41.76 16.13
C18 P6G LA . 1.14 -40.88 14.91
O19 P6G LA . 2.16 -39.98 15.34
O1 PG4 MA . 3.42 -45.19 6.13
C1 PG4 MA . 2.68 -44.40 5.21
C2 PG4 MA . 1.56 -45.27 4.62
O2 PG4 MA . 1.59 -45.12 3.20
C3 PG4 MA . 0.94 -46.09 2.37
C4 PG4 MA . 1.59 -46.31 1.02
O3 PG4 MA . 2.71 -47.15 1.26
C5 PG4 MA . 3.38 -47.68 0.10
C6 PG4 MA . 4.49 -48.61 0.62
O4 PG4 MA . 5.85 -48.13 0.58
C7 PG4 MA . 6.79 -48.93 1.31
C8 PG4 MA . 6.96 -50.32 0.70
O5 PG4 MA . 7.51 -51.16 1.72
C1 EDO NA . -4.45 -24.90 -21.88
O1 EDO NA . -3.81 -24.03 -22.82
C2 EDO NA . -5.90 -24.47 -21.61
O2 EDO NA . -6.83 -25.58 -21.73
C1 EDO OA . -6.89 -33.53 -11.98
O1 EDO OA . -6.11 -32.34 -11.99
C2 EDO OA . -8.20 -33.32 -12.74
O2 EDO OA . -8.99 -32.37 -12.00
N NO3 PA . 15.06 -47.72 13.48
O1 NO3 PA . 14.17 -47.43 12.47
O2 NO3 PA . 14.68 -48.01 14.83
O3 NO3 PA . 16.40 -47.68 13.13
N NO3 QA . 12.74 -43.23 27.87
O1 NO3 QA . 12.12 -42.97 29.12
O2 NO3 QA . 13.92 -42.57 27.42
O3 NO3 QA . 12.16 -44.19 27.03
C1 EDO RA . 24.08 -26.65 4.09
O1 EDO RA . 24.40 -25.28 3.97
C2 EDO RA . 22.60 -26.77 3.87
O2 EDO RA . 22.40 -27.94 3.08
C1 EDO SA . 36.93 -5.39 -18.77
O1 EDO SA . 37.90 -4.40 -19.17
C2 EDO SA . 36.89 -5.46 -17.22
O2 EDO SA . 36.18 -6.58 -16.67
C1 EDO TA . 19.42 -13.25 -4.26
O1 EDO TA . 18.94 -13.28 -2.91
C2 EDO TA . 18.27 -13.51 -5.23
O2 EDO TA . 18.67 -14.40 -6.31
FE ISW UA . 3.99 18.27 7.16
NA ISW UA . 5.39 19.35 8.32
NB ISW UA . 3.95 19.87 5.78
NC ISW UA . 2.63 17.14 5.95
ND ISW UA . 4.11 16.68 8.51
C1A ISW UA . 6.28 18.85 9.21
O1A ISW UA . 7.26 21.86 13.77
C1B ISW UA . 4.32 21.12 6.01
C1C ISW UA . 2.27 17.42 4.70
C1D ISW UA . 3.24 15.68 8.59
O1D ISW UA . 6.92 12.10 12.62
C2A ISW UA . 7.15 19.89 9.84
O2A ISW UA . 8.47 22.24 12.00
C2B ISW UA . 4.16 21.95 4.78
C2C ISW UA . 1.05 16.64 4.32
C2D ISW UA . 3.50 14.81 9.75
O2D ISW UA . 7.71 14.06 13.16
C3A ISW UA . 6.69 21.15 9.18
C3B ISW UA . 3.69 20.93 3.83
C3C ISW UA . 0.78 15.78 5.49
C3D ISW UA . 4.74 15.38 10.34
C4A ISW UA . 5.62 20.69 8.24
C4B ISW UA . 3.89 19.53 4.31
C4C ISW UA . 1.87 16.14 6.38
C4D ISW UA . 5.06 16.53 9.46
CAA ISW UA . 8.21 19.65 10.92
CAB ISW UA . 3.37 21.09 2.39
CAC ISW UA . -0.26 14.70 5.76
CAD ISW UA . 5.48 14.84 11.48
CBA ISW UA . 7.63 19.98 12.31
CBB ISW UA . 4.07 22.26 1.69
CBC ISW UA . -0.32 13.86 4.46
CBD ISW UA . 6.62 13.93 11.04
CGA ISW UA . 7.80 21.44 12.73
CGD ISW UA . 7.11 13.32 12.34
CHA ISW UA . 6.27 17.43 9.56
CHB ISW UA . 4.79 21.56 7.33
CHC ISW UA . 2.89 18.47 3.77
CHD ISW UA . 2.05 15.57 7.71
CMA ISW UA . 7.17 22.58 9.38
CMB ISW UA . 4.35 23.46 4.67
CMC ISW UA . 0.30 16.72 3.03
CMD ISW UA . 2.71 13.61 10.23
FE HEC VA . -20.10 -29.68 -15.96
CHA HEC VA . -17.06 -28.15 -16.74
CHB HEC VA . -21.66 -26.61 -16.16
CHC HEC VA . -23.22 -31.26 -15.64
CHD HEC VA . -18.46 -32.62 -15.09
NA HEC VA . -19.46 -27.74 -16.41
C1A HEC VA . -18.20 -27.30 -16.63
C2A HEC VA . -18.14 -25.90 -16.76
C3A HEC VA . -19.47 -25.49 -16.58
C4A HEC VA . -20.21 -26.65 -16.35
CMA HEC VA . -20.10 -24.09 -16.55
CAA HEC VA . -16.88 -25.06 -17.05
CBA HEC VA . -16.68 -25.06 -18.58
CGA HEC VA . -15.41 -24.37 -19.05
O1A HEC VA . -15.40 -24.08 -20.24
O2A HEC VA . -14.40 -24.08 -18.35
NB HEC VA . -22.08 -29.08 -15.95
C1B HEC VA . -22.49 -27.78 -16.10
C2B HEC VA . -23.87 -27.69 -16.15
C3B HEC VA . -24.33 -28.99 -15.99
C4B HEC VA . -23.19 -29.83 -15.85
CMB HEC VA . -24.65 -26.41 -16.28
CAB HEC VA . -25.77 -29.42 -16.00
CBB HEC VA . -26.40 -29.16 -17.38
NC HEC VA . -20.73 -31.60 -15.49
C1C HEC VA . -22.00 -32.03 -15.37
C2C HEC VA . -22.01 -33.38 -15.00
C3C HEC VA . -20.68 -33.76 -14.83
C4C HEC VA . -19.94 -32.64 -15.15
CMC HEC VA . -23.29 -34.18 -14.81
CAC HEC VA . -20.05 -35.09 -14.47
CBC HEC VA . -20.97 -36.31 -14.69
ND HEC VA . -18.09 -30.26 -15.92
C1D HEC VA . -17.65 -31.50 -15.56
C2D HEC VA . -16.29 -31.59 -15.79
C3D HEC VA . -15.85 -30.33 -16.23
C4D HEC VA . -17.03 -29.53 -16.29
CMD HEC VA . -15.42 -32.81 -15.57
CAD HEC VA . -14.41 -29.93 -16.58
CBD HEC VA . -13.95 -29.90 -18.04
CGD HEC VA . -12.66 -29.12 -18.11
O1D HEC VA . -11.91 -29.13 -19.12
O2D HEC VA . -12.33 -28.41 -17.14
FE HEC WA . -21.13 -20.73 -13.11
CHA HEC WA . -18.29 -19.68 -14.82
CHB HEC WA . -19.77 -23.90 -12.76
CHC HEC WA . -23.99 -21.77 -11.34
CHD HEC WA . -22.62 -17.61 -13.50
NA HEC WA . -19.35 -21.60 -13.62
C1A HEC WA . -18.33 -21.06 -14.35
C2A HEC WA . -17.31 -22.02 -14.57
C3A HEC WA . -17.72 -23.15 -13.94
C4A HEC WA . -18.96 -22.87 -13.41
CMA HEC WA . -16.95 -24.46 -13.90
CAA HEC WA . -15.95 -21.94 -15.31
CBA HEC WA . -15.06 -20.83 -14.75
CGA HEC WA . -14.55 -21.16 -13.35
O1A HEC WA . -14.28 -20.19 -12.61
O2A HEC WA . -14.40 -22.33 -12.94
NB HEC WA . -21.75 -22.49 -12.26
C1B HEC WA . -21.11 -23.66 -12.25
C2B HEC WA . -21.86 -24.58 -11.48
C3B HEC WA . -23.02 -23.95 -11.04
C4B HEC WA . -22.92 -22.69 -11.53
CMB HEC WA . -21.38 -26.03 -11.24
CAB HEC WA . -24.19 -24.49 -10.20
CBB HEC WA . -23.71 -25.26 -8.92
NC HEC WA . -22.91 -19.85 -12.61
C1C HEC WA . -23.98 -20.45 -11.93
C2C HEC WA . -25.13 -19.63 -11.86
C3C HEC WA . -24.75 -18.46 -12.47
C4C HEC WA . -23.40 -18.63 -12.89
CMC HEC WA . -26.45 -19.98 -11.20
CAC HEC WA . -25.65 -17.24 -12.69
CBC HEC WA . -26.44 -16.64 -11.58
ND HEC WA . -20.56 -18.96 -13.99
C1D HEC WA . -21.27 -17.79 -13.96
C2D HEC WA . -20.49 -16.71 -14.42
C3D HEC WA . -19.26 -17.31 -14.82
C4D HEC WA . -19.35 -18.70 -14.54
CMD HEC WA . -20.82 -15.21 -14.47
CAD HEC WA . -18.03 -16.63 -15.39
CBD HEC WA . -18.21 -16.47 -16.87
CGD HEC WA . -16.93 -16.02 -17.50
O1D HEC WA . -16.95 -15.71 -18.71
O2D HEC WA . -15.90 -15.95 -16.80
FE HEC XA . -29.50 -12.91 -10.02
CHA HEC XA . -30.42 -12.11 -6.66
CHB HEC XA . -26.74 -11.07 -9.68
CHC HEC XA . -28.43 -14.17 -13.19
CHD HEC XA . -32.60 -14.09 -10.69
NA HEC XA . -28.74 -11.82 -8.44
C1A HEC XA . -29.19 -11.58 -7.21
C2A HEC XA . -28.28 -10.79 -6.47
C3A HEC XA . -27.27 -10.48 -7.34
C4A HEC XA . -27.57 -11.15 -8.51
CMA HEC XA . -26.05 -9.69 -7.06
CAA HEC XA . -28.40 -10.38 -5.02
CBA HEC XA . -28.12 -11.55 -4.11
CGA HEC XA . -28.00 -11.00 -2.73
O1A HEC XA . -28.91 -11.25 -1.91
O2A HEC XA . -27.02 -10.24 -2.46
NB HEC XA . -27.93 -12.71 -11.18
C1B HEC XA . -26.90 -11.94 -10.86
C2B HEC XA . -25.97 -11.93 -11.90
C3B HEC XA . -26.42 -12.78 -12.87
C4B HEC XA . -27.63 -13.26 -12.38
CMB HEC XA . -24.67 -11.14 -11.99
CAB HEC XA . -25.70 -13.19 -14.13
CBB HEC XA . -24.48 -14.06 -13.72
NC HEC XA . -30.31 -13.99 -11.65
C1C HEC XA . -29.76 -14.39 -12.82
C2C HEC XA . -30.68 -15.04 -13.67
C3C HEC XA . -31.90 -15.06 -12.93
C4C HEC XA . -31.62 -14.31 -11.74
CMC HEC XA . -30.30 -15.61 -15.02
CAC HEC XA . -33.27 -15.63 -13.34
CBC HEC XA . -33.19 -17.07 -13.92
ND HEC XA . -31.13 -13.11 -8.83
C1D HEC XA . -32.31 -13.52 -9.37
C2D HEC XA . -33.31 -13.30 -8.45
C3D HEC XA . -32.74 -12.72 -7.30
C4D HEC XA . -31.38 -12.62 -7.60
CMD HEC XA . -34.77 -13.63 -8.65
CAD HEC XA . -33.49 -12.32 -6.02
CBD HEC XA . -34.03 -10.88 -6.00
CGD HEC XA . -32.88 -9.91 -5.75
O1D HEC XA . -32.48 -9.18 -6.67
O2D HEC XA . -32.29 -9.95 -4.64
FE HEC YA . -24.70 -5.25 -9.93
CHA HEC YA . -26.70 -4.86 -7.12
CHB HEC YA . -27.11 -7.37 -11.26
CHC HEC YA . -22.82 -5.41 -12.88
CHD HEC YA . -22.22 -3.33 -8.49
NA HEC YA . -26.49 -6.02 -9.25
C1A HEC YA . -27.16 -5.74 -8.15
C2A HEC YA . -28.41 -6.39 -8.08
C3A HEC YA . -28.52 -7.07 -9.26
C4A HEC YA . -27.32 -6.84 -9.94
CMA HEC YA . -29.60 -8.01 -9.76
CAA HEC YA . -29.39 -6.30 -6.95
CBA HEC YA . -29.44 -7.50 -6.02
CGA HEC YA . -30.09 -7.13 -4.69
O1A HEC YA . -30.70 -8.02 -4.02
O2A HEC YA . -29.94 -5.95 -4.23
NB HEC YA . -24.92 -6.22 -11.68
C1B HEC YA . -26.01 -6.90 -12.07
C2B HEC YA . -25.92 -7.16 -13.45
C3B HEC YA . -24.72 -6.62 -13.93
C4B HEC YA . -24.13 -6.04 -12.82
CMB HEC YA . -26.93 -7.93 -14.25
CAB HEC YA . -24.16 -6.68 -15.36
CBB HEC YA . -25.09 -5.91 -16.33
NC HEC YA . -22.89 -4.51 -10.59
C1C HEC YA . -22.26 -4.76 -11.74
C2C HEC YA . -20.99 -4.13 -11.75
C3C HEC YA . -20.82 -3.62 -10.49
C4C HEC YA . -22.02 -3.84 -9.83
CMC HEC YA . -19.99 -4.22 -12.89
CAC HEC YA . -19.60 -2.86 -9.95
CBC HEC YA . -19.30 -1.67 -10.87
ND HEC YA . -24.46 -4.23 -8.13
C1D HEC YA . -23.48 -3.42 -7.77
C2D HEC YA . -23.77 -2.78 -6.57
C3D HEC YA . -25.03 -3.27 -6.18
C4D HEC YA . -25.41 -4.16 -7.18
CMD HEC YA . -22.93 -1.80 -5.79
CAD HEC YA . -25.96 -2.92 -4.99
CBD HEC YA . -26.83 -1.79 -5.57
CGD HEC YA . -27.73 -1.06 -4.59
O1D HEC YA . -28.27 0.00 -5.05
O2D HEC YA . -27.95 -1.49 -3.42
FE HEC ZA . -15.09 0.93 -12.90
CHA HEC ZA . -14.93 3.22 -15.50
CHB HEC ZA . -16.63 3.25 -10.91
CHC HEC ZA . -15.70 -1.55 -10.51
CHD HEC ZA . -13.02 -1.19 -14.57
NA HEC ZA . -15.67 2.86 -13.17
C1A HEC ZA . -15.51 3.66 -14.27
C2A HEC ZA . -16.05 4.94 -14.06
C3A HEC ZA . -16.51 4.92 -12.78
C4A HEC ZA . -16.26 3.64 -12.27
CMA HEC ZA . -17.20 6.02 -11.96
CAA HEC ZA . -16.07 6.08 -15.06
CBA HEC ZA . -14.62 6.58 -15.24
CGA HEC ZA . -14.44 7.96 -15.85
O1A HEC ZA . -15.45 8.64 -16.34
O2A HEC ZA . -13.25 8.37 -15.86
NB HEC ZA . -16.01 0.87 -11.13
C1B HEC ZA . -16.46 1.91 -10.44
C2B HEC ZA . -16.87 1.56 -9.13
C3B HEC ZA . -16.60 0.23 -9.01
C4B HEC ZA . -16.05 -0.17 -10.26
CMB HEC ZA . -17.48 2.52 -8.10
CAB HEC ZA . -16.86 -0.68 -7.80
CBB HEC ZA . -18.35 -0.54 -7.43
NC HEC ZA . -14.52 -1.04 -12.61
C1C HEC ZA . -14.89 -1.91 -11.64
C2C HEC ZA . -14.37 -3.20 -11.85
C3C HEC ZA . -13.56 -3.08 -12.99
C4C HEC ZA . -13.67 -1.74 -13.41
CMC HEC ZA . -14.61 -4.44 -10.97
CAC HEC ZA . -12.70 -4.13 -13.72
CBC HEC ZA . -13.24 -5.52 -14.02
ND HEC ZA . -14.17 0.98 -14.73
C1D HEC ZA . -13.33 0.06 -15.19
C2D HEC ZA . -12.75 0.45 -16.41
C3D HEC ZA . -13.30 1.71 -16.67
C4D HEC ZA . -14.18 1.99 -15.61
CMD HEC ZA . -11.71 -0.29 -17.27
CAD HEC ZA . -12.99 2.56 -17.90
CBD HEC ZA . -13.75 1.95 -19.08
CGD HEC ZA . -13.40 2.73 -20.31
O1D HEC ZA . -12.21 2.67 -20.71
O2D HEC ZA . -14.30 3.41 -20.91
FE HEC AB . -14.56 8.50 -6.84
CHA HEC AB . -13.81 10.55 -9.53
CHB HEC AB . -13.70 5.74 -8.71
CHC HEC AB . -14.70 6.66 -3.97
CHD HEC AB . -16.28 11.07 -5.25
NA HEC AB . -13.78 8.23 -8.73
C1A HEC AB . -13.75 9.13 -9.71
C2A HEC AB . -13.61 8.50 -10.94
C3A HEC AB . -13.53 7.16 -10.71
C4A HEC AB . -13.68 7.04 -9.35
CMA HEC AB . -13.38 6.01 -11.73
CAA HEC AB . -13.54 9.18 -12.30
CBA HEC AB . -14.99 9.43 -12.77
CGA HEC AB . -15.48 10.84 -12.41
O1A HEC AB . -14.75 11.86 -12.70
O2A HEC AB . -16.62 10.90 -11.83
NB HEC AB . -14.23 6.57 -6.39
C1B HEC AB . -13.88 5.61 -7.28
C2B HEC AB . -13.57 4.45 -6.57
C3B HEC AB . -13.83 4.68 -5.26
C4B HEC AB . -14.26 6.01 -5.17
CMB HEC AB . -13.14 3.16 -7.23
CAB HEC AB . -13.62 3.66 -4.18
CBB HEC AB . -12.17 3.14 -4.06
NC HEC AB . -15.38 8.78 -5.00
C1C HEC AB . -15.40 7.89 -3.97
C2C HEC AB . -16.17 8.37 -2.85
C3C HEC AB . -16.63 9.62 -3.25
C4C HEC AB . -16.09 9.83 -4.54
CMC HEC AB . -16.41 7.61 -1.55
CAC HEC AB . -17.55 10.63 -2.51
CBC HEC AB . -17.22 11.06 -1.09
ND HEC AB . -14.97 10.47 -7.31
C1D HEC AB . -15.59 11.35 -6.52
C2D HEC AB . -15.46 12.63 -7.07
C3D HEC AB . -14.73 12.51 -8.28
C4D HEC AB . -14.48 11.14 -8.40
CMD HEC AB . -15.95 13.90 -6.40
CAD HEC AB . -14.35 13.61 -9.27
CBD HEC AB . -15.69 13.92 -10.01
CGD HEC AB . -15.39 14.81 -11.23
O1D HEC AB . -15.34 16.06 -11.05
O2D HEC AB . -15.14 14.32 -12.37
FE HEC BB . -16.86 13.86 3.55
CHA HEC BB . -14.39 14.19 5.84
CHB HEC BB . -15.35 16.29 1.55
CHC HEC BB . -19.03 13.13 1.17
CHD HEC BB . -18.84 11.94 5.91
NA HEC BB . -15.16 15.00 3.60
C1A HEC BB . -14.31 15.04 4.66
C2A HEC BB . -13.28 15.98 4.51
C3A HEC BB . -13.55 16.57 3.32
C4A HEC BB . -14.72 15.94 2.78
CMA HEC BB . -12.69 17.68 2.75
CAA HEC BB . -12.07 16.31 5.40
CBA HEC BB . -12.56 17.12 6.62
CGA HEC BB . -11.44 17.60 7.58
O1A HEC BB . -10.22 17.60 7.25
O2A HEC BB . -11.81 18.05 8.71
NB HEC BB . -17.11 14.59 1.69
C1B HEC BB . -16.44 15.51 1.05
C2B HEC BB . -16.90 15.61 -0.25
C3B HEC BB . -17.99 14.78 -0.37
C4B HEC BB . -18.07 14.15 0.87
CMB HEC BB . -16.39 16.64 -1.28
CAB HEC BB . -18.77 14.60 -1.66
CBB HEC BB . -17.79 14.35 -2.81
NC HEC BB . -18.56 12.69 3.55
C1C HEC BB . -19.33 12.62 2.47
C2C HEC BB . -20.50 11.88 2.71
C3C HEC BB . -20.48 11.54 4.05
C4C HEC BB . -19.29 12.09 4.54
CMC HEC BB . -21.48 11.67 1.61
CAC HEC BB . -21.49 10.79 4.92
CBC HEC BB . -21.94 9.42 4.47
ND HEC BB . -16.63 13.16 5.46
C1D HEC BB . -17.52 12.47 6.22
C2D HEC BB . -16.94 12.26 7.48
C3D HEC BB . -15.69 12.90 7.46
C4D HEC BB . -15.59 13.47 6.22
CMD HEC BB . -17.59 11.54 8.63
CAD HEC BB . -14.69 13.00 8.60
CBD HEC BB . -14.96 14.31 9.40
CGD HEC BB . -13.74 14.66 10.17
O1D HEC BB . -13.92 14.95 11.40
O2D HEC BB . -12.63 14.63 9.54
C1 PEG CB . -43.06 -6.03 -7.47
O1 PEG CB . -43.64 -4.95 -6.73
C2 PEG CB . -43.95 -6.35 -8.65
O2 PEG CB . -43.30 -5.86 -9.83
C3 PEG CB . -43.92 -6.23 -11.06
C4 PEG CB . -43.32 -5.40 -12.19
O4 PEG CB . -43.51 -4.00 -11.93
C1 PEG DB . -5.32 7.58 -21.56
O1 PEG DB . -5.81 8.79 -22.15
C2 PEG DB . -6.31 6.40 -21.72
O2 PEG DB . -5.71 5.06 -21.75
C3 PEG DB . -6.22 4.24 -22.81
C4 PEG DB . -5.28 4.14 -24.00
O4 PEG DB . -5.56 5.15 -24.98
C1 PEG EB . -43.00 -21.08 -20.02
O1 PEG EB . -44.38 -20.80 -20.24
C2 PEG EB . -42.82 -22.35 -19.19
O2 PEG EB . -42.03 -23.32 -19.91
C3 PEG EB . -42.77 -24.39 -20.53
C4 PEG EB . -42.34 -25.78 -20.05
O4 PEG EB . -43.32 -26.18 -19.08
C1 PEG FB . -36.33 -26.20 -4.69
O1 PEG FB . -37.56 -25.85 -4.05
C2 PEG FB . -36.32 -25.57 -6.09
O2 PEG FB . -35.73 -26.46 -7.04
C3 PEG FB . -36.77 -26.83 -7.96
C4 PEG FB . -36.23 -27.20 -9.33
O4 PEG FB . -37.36 -27.44 -10.18
C1 PEG GB . -28.80 21.72 -0.91
O1 PEG GB . -28.45 20.79 0.12
C2 PEG GB . -28.88 20.96 -2.24
O2 PEG GB . -27.63 20.93 -2.95
C3 PEG GB . -27.88 20.68 -4.37
C4 PEG GB . -27.03 21.48 -5.37
O4 PEG GB . -27.71 22.66 -5.81
C1 PGE HB . -29.78 -19.92 4.81
O1 PGE HB . -30.64 -19.23 5.73
C2 PGE HB . -30.16 -19.46 3.42
O2 PGE HB . -29.14 -18.62 2.82
C3 PGE HB . -29.55 -17.87 1.69
C4 PGE HB . -29.35 -16.46 2.19
O4 PGE HB . -31.62 -13.21 3.04
C6 PGE HB . -30.60 -13.41 2.06
C5 PGE HB . -30.88 -14.81 1.58
O3 PGE HB . -29.67 -15.47 1.22
C1 EDO IB . -30.18 -24.91 -2.08
O1 EDO IB . -29.63 -25.06 -0.77
C2 EDO IB . -30.67 -26.25 -2.66
O2 EDO IB . -29.54 -26.98 -3.17
C1 EDO JB . -16.70 27.89 -2.75
O1 EDO JB . -16.30 28.64 -3.89
C2 EDO JB . -18.17 28.07 -2.57
O2 EDO JB . -18.35 28.48 -1.23
C1 EDO KB . -51.70 -1.30 -24.95
O1 EDO KB . -50.63 -0.99 -24.06
C2 EDO KB . -52.07 -0.11 -25.83
O2 EDO KB . -52.64 -0.61 -27.07
C1 EDO LB . 9.93 13.30 -36.49
O1 EDO LB . 11.02 12.67 -35.81
C2 EDO LB . 9.87 14.83 -36.31
O2 EDO LB . 11.18 15.47 -36.47
N NO3 MB . -24.94 -5.75 11.10
O1 NO3 MB . -24.67 -4.41 11.39
O2 NO3 MB . -23.87 -6.61 10.94
O3 NO3 MB . -26.27 -6.24 10.99
C1 EDO NB . -8.75 -20.42 -28.05
O1 EDO NB . -7.32 -20.33 -28.31
C2 EDO NB . -9.54 -19.58 -29.07
O2 EDO NB . -10.93 -19.97 -29.30
C1 EDO OB . -18.10 1.67 -31.57
O1 EDO OB . -16.69 1.40 -31.71
C2 EDO OB . -18.47 1.75 -30.09
O2 EDO OB . -19.59 2.66 -29.97
C1 PEG PB . -37.64 -2.77 6.09
O1 PEG PB . -37.30 -2.36 7.47
C2 PEG PB . -38.84 -2.11 5.37
O2 PEG PB . -38.59 -1.44 4.11
C3 PEG PB . -39.03 -0.06 4.17
C4 PEG PB . -38.72 0.78 2.91
O4 PEG PB . -37.86 1.94 3.20
N NO3 QB . -8.75 40.82 -5.11
O1 NO3 QB . -9.92 41.53 -5.46
O2 NO3 QB . -7.66 41.51 -4.55
O3 NO3 QB . -8.66 39.41 -5.27
C1 PEG RB . -2.50 41.32 -5.76
O1 PEG RB . -1.29 42.12 -5.67
C2 PEG RB . -2.50 40.43 -4.52
O2 PEG RB . -3.85 40.22 -4.11
C3 PEG RB . -3.89 39.60 -2.83
C4 PEG RB . -4.92 40.31 -1.94
O4 PEG RB . -4.22 40.85 -0.82
#